data_5YHN
#
_entry.id   5YHN
#
_entity_poly.entity_id   1
_entity_poly.type   'polypeptide(L)'
_entity_poly.pdbx_seq_one_letter_code
;AEKDFCKEYEKQVRNGRLFCTRESDPVRGPDGRMHGNKCALCAEIFKRRFSEENSKTDQNLGKAEEKTK
;
_entity_poly.pdbx_strand_id   A
#
# COMPACT_ATOMS: atom_id res chain seq x y z
N ALA A 1 5.24 -0.56 -15.36
CA ALA A 1 4.15 0.11 -14.61
C ALA A 1 3.72 -0.72 -13.40
N GLU A 2 4.35 -0.47 -12.26
CA GLU A 2 4.03 -1.20 -11.04
C GLU A 2 2.63 -0.83 -10.55
N LYS A 3 2.23 0.40 -10.78
CA LYS A 3 0.91 0.87 -10.36
C LYS A 3 -0.18 -0.02 -10.94
N ASP A 4 0.02 -0.45 -12.19
CA ASP A 4 -0.93 -1.32 -12.86
C ASP A 4 -0.79 -2.75 -12.33
N PHE A 5 0.42 -3.10 -11.92
CA PHE A 5 0.69 -4.42 -11.38
C PHE A 5 0.05 -4.51 -10.01
N CYS A 6 0.12 -3.39 -9.30
CA CYS A 6 -0.46 -3.30 -8.00
C CYS A 6 -1.94 -2.96 -8.12
N LYS A 7 -2.33 -2.49 -9.32
CA LYS A 7 -3.73 -2.20 -9.60
C LYS A 7 -4.49 -3.51 -9.64
N GLU A 8 -3.91 -4.49 -10.34
CA GLU A 8 -4.51 -5.81 -10.45
C GLU A 8 -4.32 -6.57 -9.15
N TYR A 9 -3.31 -6.16 -8.39
CA TYR A 9 -3.05 -6.76 -7.10
C TYR A 9 -4.14 -6.32 -6.13
N GLU A 10 -4.74 -5.16 -6.42
CA GLU A 10 -5.82 -4.64 -5.60
C GLU A 10 -7.02 -5.55 -5.70
N LYS A 11 -7.22 -6.09 -6.91
CA LYS A 11 -8.33 -6.98 -7.16
C LYS A 11 -8.10 -8.34 -6.50
N GLN A 12 -6.83 -8.67 -6.26
CA GLN A 12 -6.48 -9.94 -5.64
C GLN A 12 -6.38 -9.81 -4.11
N VAL A 13 -6.53 -8.59 -3.61
CA VAL A 13 -6.44 -8.32 -2.17
C VAL A 13 -7.20 -9.37 -1.36
N ARG A 14 -6.47 -10.13 -0.54
CA ARG A 14 -7.08 -11.15 0.29
C ARG A 14 -7.05 -10.75 1.77
N ASN A 15 -8.22 -10.77 2.40
CA ASN A 15 -8.32 -10.42 3.82
C ASN A 15 -7.95 -8.96 4.06
N GLY A 16 -8.34 -8.09 3.13
CA GLY A 16 -8.05 -6.66 3.27
C GLY A 16 -6.61 -6.32 2.89
N ARG A 17 -5.83 -7.34 2.54
CA ARG A 17 -4.44 -7.14 2.16
C ARG A 17 -4.22 -7.70 0.75
N LEU A 18 -3.14 -7.31 0.10
CA LEU A 18 -2.87 -7.79 -1.24
C LEU A 18 -1.78 -8.85 -1.20
N PHE A 19 -2.12 -10.04 -1.69
CA PHE A 19 -1.18 -11.14 -1.68
C PHE A 19 -0.48 -11.35 -3.02
N CYS A 20 0.84 -11.21 -2.97
CA CYS A 20 1.71 -11.37 -4.15
C CYS A 20 1.24 -12.51 -5.05
N THR A 21 1.55 -12.40 -6.34
CA THR A 21 1.18 -13.40 -7.32
C THR A 21 2.42 -14.19 -7.73
N ARG A 22 2.20 -15.36 -8.30
CA ARG A 22 3.30 -16.21 -8.74
C ARG A 22 4.36 -15.38 -9.47
N GLU A 23 3.91 -14.31 -10.10
CA GLU A 23 4.81 -13.41 -10.82
C GLU A 23 5.41 -12.38 -9.85
N SER A 24 6.66 -12.58 -9.50
CA SER A 24 7.34 -11.68 -8.57
C SER A 24 8.69 -11.24 -9.14
N ASP A 25 8.70 -10.11 -9.84
CA ASP A 25 9.91 -9.59 -10.45
C ASP A 25 10.57 -8.53 -9.56
N PRO A 26 11.83 -8.75 -9.16
CA PRO A 26 12.56 -7.82 -8.28
C PRO A 26 12.75 -6.44 -8.89
N VAL A 27 12.66 -5.46 -8.03
CA VAL A 27 12.80 -4.06 -8.36
C VAL A 27 13.09 -3.34 -7.07
N ARG A 28 13.69 -2.16 -7.12
CA ARG A 28 13.98 -1.49 -5.87
C ARG A 28 12.83 -0.58 -5.50
N GLY A 29 12.46 -0.64 -4.23
CA GLY A 29 11.36 0.13 -3.71
C GLY A 29 11.50 0.31 -2.22
N PRO A 30 10.79 1.25 -1.60
CA PRO A 30 10.90 1.47 -0.17
C PRO A 30 11.00 0.17 0.62
N ASP A 31 10.06 -0.74 0.41
CA ASP A 31 10.08 -2.02 1.10
C ASP A 31 10.92 -3.03 0.31
N GLY A 32 11.32 -2.64 -0.90
CA GLY A 32 12.12 -3.49 -1.76
C GLY A 32 11.40 -3.84 -3.03
N ARG A 33 10.28 -3.18 -3.27
CA ARG A 33 9.48 -3.45 -4.46
C ARG A 33 9.07 -4.90 -4.47
N MET A 34 9.85 -5.70 -5.14
CA MET A 34 9.57 -7.13 -5.20
C MET A 34 10.53 -7.92 -4.32
N HIS A 35 11.46 -7.21 -3.64
CA HIS A 35 12.43 -7.86 -2.75
C HIS A 35 11.93 -9.23 -2.30
N GLY A 36 10.89 -9.22 -1.47
CA GLY A 36 10.29 -10.46 -1.01
C GLY A 36 9.16 -10.89 -1.93
N ASN A 37 8.64 -9.93 -2.70
CA ASN A 37 7.55 -10.16 -3.65
C ASN A 37 6.97 -8.83 -4.10
N LYS A 38 6.36 -8.80 -5.27
CA LYS A 38 5.77 -7.57 -5.80
C LYS A 38 4.71 -7.03 -4.84
N CYS A 39 4.09 -7.93 -4.10
CA CYS A 39 3.07 -7.55 -3.13
C CYS A 39 3.62 -6.53 -2.15
N ALA A 40 4.89 -6.68 -1.80
CA ALA A 40 5.54 -5.78 -0.87
C ALA A 40 5.56 -4.38 -1.43
N LEU A 41 5.72 -4.28 -2.75
CA LEU A 41 5.75 -2.99 -3.39
C LEU A 41 4.37 -2.37 -3.36
N CYS A 42 3.37 -3.17 -3.71
CA CYS A 42 2.00 -2.69 -3.71
C CYS A 42 1.58 -2.37 -2.28
N ALA A 43 1.89 -3.28 -1.36
CA ALA A 43 1.58 -3.07 0.05
C ALA A 43 2.31 -1.84 0.56
N GLU A 44 3.51 -1.59 0.01
CA GLU A 44 4.30 -0.43 0.38
C GLU A 44 3.51 0.82 0.05
N ILE A 45 2.82 0.77 -1.07
CA ILE A 45 2.00 1.88 -1.50
C ILE A 45 0.81 2.07 -0.58
N PHE A 46 0.22 0.95 -0.17
CA PHE A 46 -0.92 0.97 0.73
C PHE A 46 -0.48 1.45 2.11
N LYS A 47 0.65 0.97 2.58
CA LYS A 47 1.15 1.37 3.89
C LYS A 47 1.35 2.88 3.92
N ARG A 48 2.05 3.40 2.92
CA ARG A 48 2.30 4.84 2.82
C ARG A 48 1.03 5.62 2.47
N ARG A 49 0.32 5.15 1.45
CA ARG A 49 -0.90 5.81 0.98
C ARG A 49 -2.03 5.74 2.00
N PHE A 50 -2.27 4.54 2.51
CA PHE A 50 -3.33 4.33 3.48
C PHE A 50 -3.01 4.99 4.80
N SER A 51 -1.76 4.93 5.23
CA SER A 51 -1.38 5.56 6.49
C SER A 51 -1.45 7.07 6.36
N GLU A 52 -0.94 7.59 5.25
CA GLU A 52 -0.96 9.02 4.99
C GLU A 52 -2.38 9.50 4.71
N GLU A 53 -3.08 8.77 3.84
CA GLU A 53 -4.45 9.12 3.46
C GLU A 53 -5.42 8.87 4.62
N ASN A 54 -5.28 7.72 5.27
CA ASN A 54 -6.15 7.39 6.40
C ASN A 54 -5.83 8.28 7.60
N SER A 55 -4.59 8.77 7.64
CA SER A 55 -4.15 9.62 8.74
C SER A 55 -3.08 10.60 8.28
N LYS A 56 -3.23 11.86 8.66
CA LYS A 56 -2.28 12.91 8.29
C LYS A 56 -2.52 13.45 6.88
N THR A 57 -3.68 13.13 6.31
CA THR A 57 -4.03 13.60 4.98
C THR A 57 -5.53 13.49 4.72
N ASP A 58 -6.30 13.50 5.79
CA ASP A 58 -7.76 13.41 5.70
C ASP A 58 -8.41 13.77 7.04
N GLN A 59 -7.71 14.60 7.82
CA GLN A 59 -8.23 15.01 9.12
C GLN A 59 -8.43 13.82 10.05
N ASN A 60 -7.53 12.84 9.93
CA ASN A 60 -7.59 11.63 10.75
C ASN A 60 -8.66 10.67 10.24
N LEU A 61 -9.89 11.16 10.14
CA LEU A 61 -11.01 10.35 9.67
C LEU A 61 -11.19 9.12 10.54
N GLY A 62 -12.19 9.16 11.42
CA GLY A 62 -12.45 8.04 12.31
C GLY A 62 -12.08 8.33 13.75
N LYS A 63 -10.99 9.08 13.93
CA LYS A 63 -10.53 9.44 15.27
C LYS A 63 -10.85 10.88 15.58
N ALA A 64 -10.69 11.76 14.61
CA ALA A 64 -10.99 13.17 14.81
C ALA A 64 -12.47 13.40 15.13
N GLU A 65 -13.14 12.31 15.49
CA GLU A 65 -14.53 12.34 15.87
C GLU A 65 -14.65 12.01 17.34
N GLU A 66 -13.73 11.16 17.83
CA GLU A 66 -13.72 10.79 19.24
C GLU A 66 -12.36 10.25 19.67
N LYS A 67 -11.32 10.77 19.04
CA LYS A 67 -9.95 10.40 19.35
C LYS A 67 -9.09 11.62 19.13
N THR A 68 -9.26 12.24 17.97
CA THR A 68 -8.55 13.45 17.64
C THR A 68 -9.47 14.66 17.78
N LYS A 69 -10.71 14.43 18.26
CA LYS A 69 -11.67 15.52 18.43
C LYS A 69 -11.32 16.37 19.64
N ALA A 1 3.72 0.39 -15.62
CA ALA A 1 3.79 1.05 -14.28
C ALA A 1 3.40 0.07 -13.18
N GLU A 2 4.11 0.15 -12.05
CA GLU A 2 3.84 -0.71 -10.91
C GLU A 2 2.43 -0.49 -10.37
N LYS A 3 1.96 0.75 -10.47
CA LYS A 3 0.62 1.09 -9.99
C LYS A 3 -0.43 0.21 -10.65
N ASP A 4 -0.22 -0.09 -11.93
CA ASP A 4 -1.13 -0.94 -12.67
C ASP A 4 -0.94 -2.39 -12.29
N PHE A 5 0.30 -2.75 -11.95
CA PHE A 5 0.61 -4.11 -11.53
C PHE A 5 0.02 -4.35 -10.16
N CYS A 6 0.08 -3.30 -9.35
CA CYS A 6 -0.46 -3.37 -8.03
C CYS A 6 -1.96 -3.07 -8.07
N LYS A 7 -2.42 -2.50 -9.19
CA LYS A 7 -3.84 -2.25 -9.38
C LYS A 7 -4.54 -3.58 -9.55
N GLU A 8 -3.95 -4.43 -10.38
CA GLU A 8 -4.49 -5.76 -10.62
C GLU A 8 -4.23 -6.66 -9.44
N TYR A 9 -3.22 -6.29 -8.66
CA TYR A 9 -2.90 -7.04 -7.45
C TYR A 9 -3.98 -6.79 -6.43
N GLU A 10 -4.64 -5.64 -6.54
CA GLU A 10 -5.72 -5.27 -5.64
C GLU A 10 -6.88 -6.23 -5.83
N LYS A 11 -7.11 -6.59 -7.09
CA LYS A 11 -8.18 -7.50 -7.44
C LYS A 11 -7.95 -8.88 -6.84
N GLN A 12 -6.68 -9.20 -6.59
CA GLN A 12 -6.31 -10.50 -6.01
C GLN A 12 -6.28 -10.43 -4.49
N VAL A 13 -6.48 -9.23 -3.94
CA VAL A 13 -6.46 -9.02 -2.50
C VAL A 13 -7.09 -10.18 -1.73
N ARG A 14 -6.27 -10.88 -0.94
CA ARG A 14 -6.75 -12.00 -0.15
C ARG A 14 -6.77 -11.65 1.34
N ASN A 15 -7.92 -11.84 1.98
CA ASN A 15 -8.07 -11.55 3.40
C ASN A 15 -7.85 -10.06 3.70
N GLY A 16 -8.33 -9.20 2.80
CA GLY A 16 -8.18 -7.77 3.00
C GLY A 16 -6.79 -7.26 2.63
N ARG A 17 -5.91 -8.19 2.25
CA ARG A 17 -4.55 -7.85 1.86
C ARG A 17 -4.29 -8.35 0.45
N LEU A 18 -3.26 -7.84 -0.20
CA LEU A 18 -2.96 -8.28 -1.56
C LEU A 18 -1.77 -9.22 -1.56
N PHE A 19 -1.98 -10.42 -2.06
CA PHE A 19 -0.93 -11.42 -2.08
C PHE A 19 -0.21 -11.51 -3.42
N CYS A 20 1.11 -11.44 -3.36
CA CYS A 20 1.98 -11.52 -4.53
C CYS A 20 1.62 -12.70 -5.43
N THR A 21 1.91 -12.55 -6.72
CA THR A 21 1.64 -13.60 -7.70
C THR A 21 2.95 -14.26 -8.10
N ARG A 22 2.85 -15.46 -8.67
CA ARG A 22 4.03 -16.21 -9.10
C ARG A 22 5.05 -15.27 -9.76
N GLU A 23 4.54 -14.25 -10.43
CA GLU A 23 5.38 -13.27 -11.10
C GLU A 23 5.85 -12.21 -10.10
N SER A 24 7.00 -12.45 -9.48
CA SER A 24 7.55 -11.52 -8.50
C SER A 24 9.01 -11.24 -8.79
N ASP A 25 9.27 -10.18 -9.56
CA ASP A 25 10.64 -9.82 -9.92
C ASP A 25 11.19 -8.72 -9.01
N PRO A 26 12.27 -9.01 -8.26
CA PRO A 26 12.88 -8.06 -7.33
C PRO A 26 13.40 -6.79 -7.99
N VAL A 27 13.25 -5.70 -7.24
CA VAL A 27 13.64 -4.37 -7.65
C VAL A 27 13.67 -3.52 -6.40
N ARG A 28 14.40 -2.41 -6.39
CA ARG A 28 14.47 -1.63 -5.17
C ARG A 28 13.34 -0.61 -5.11
N GLY A 29 12.76 -0.50 -3.92
CA GLY A 29 11.64 0.36 -3.68
C GLY A 29 11.52 0.64 -2.20
N PRO A 30 10.77 1.67 -1.79
CA PRO A 30 10.62 2.00 -0.38
C PRO A 30 10.66 0.80 0.55
N ASP A 31 9.74 -0.15 0.37
CA ASP A 31 9.73 -1.35 1.21
C ASP A 31 10.60 -2.43 0.59
N GLY A 32 11.07 -2.17 -0.63
CA GLY A 32 11.91 -3.11 -1.33
C GLY A 32 11.34 -3.49 -2.67
N ARG A 33 10.28 -2.80 -3.09
CA ARG A 33 9.64 -3.08 -4.36
C ARG A 33 9.23 -4.53 -4.43
N MET A 34 10.05 -5.32 -5.05
CA MET A 34 9.79 -6.74 -5.17
C MET A 34 10.77 -7.54 -4.32
N HIS A 35 11.41 -6.86 -3.37
CA HIS A 35 12.36 -7.49 -2.45
C HIS A 35 11.88 -8.89 -2.09
N GLY A 36 10.76 -8.94 -1.38
CA GLY A 36 10.18 -10.21 -1.01
C GLY A 36 9.18 -10.67 -2.07
N ASN A 37 8.72 -9.71 -2.88
CA ASN A 37 7.76 -9.95 -3.95
C ASN A 37 7.03 -8.65 -4.30
N LYS A 38 6.33 -8.63 -5.43
CA LYS A 38 5.60 -7.42 -5.85
C LYS A 38 4.59 -6.99 -4.78
N CYS A 39 4.12 -7.97 -4.01
CA CYS A 39 3.15 -7.69 -2.95
C CYS A 39 3.68 -6.65 -1.98
N ALA A 40 4.98 -6.70 -1.71
CA ALA A 40 5.60 -5.76 -0.79
C ALA A 40 5.58 -4.35 -1.36
N LEU A 41 5.72 -4.25 -2.68
CA LEU A 41 5.70 -2.95 -3.31
C LEU A 41 4.30 -2.38 -3.27
N CYS A 42 3.32 -3.21 -3.60
CA CYS A 42 1.94 -2.77 -3.58
C CYS A 42 1.52 -2.52 -2.14
N ALA A 43 1.86 -3.46 -1.26
CA ALA A 43 1.56 -3.31 0.16
C ALA A 43 2.26 -2.07 0.71
N GLU A 44 3.45 -1.79 0.17
CA GLU A 44 4.23 -0.64 0.56
C GLU A 44 3.47 0.62 0.22
N ILE A 45 2.79 0.59 -0.92
CA ILE A 45 2.01 1.72 -1.36
C ILE A 45 0.81 1.94 -0.44
N PHE A 46 0.17 0.85 -0.07
CA PHE A 46 -0.98 0.92 0.82
C PHE A 46 -0.56 1.43 2.18
N LYS A 47 0.57 0.94 2.67
CA LYS A 47 1.06 1.37 3.97
C LYS A 47 1.31 2.89 3.98
N ARG A 48 2.05 3.35 2.98
CA ARG A 48 2.35 4.77 2.86
C ARG A 48 1.12 5.59 2.45
N ARG A 49 0.42 5.12 1.42
CA ARG A 49 -0.75 5.81 0.90
C ARG A 49 -1.91 5.80 1.88
N PHE A 50 -2.23 4.62 2.40
CA PHE A 50 -3.32 4.46 3.34
C PHE A 50 -3.04 5.14 4.66
N SER A 51 -1.81 5.00 5.15
CA SER A 51 -1.44 5.62 6.41
C SER A 51 -1.40 7.14 6.26
N GLU A 52 -0.81 7.60 5.16
CA GLU A 52 -0.72 9.02 4.88
C GLU A 52 -2.10 9.59 4.55
N GLU A 53 -2.81 8.92 3.65
CA GLU A 53 -4.14 9.37 3.24
C GLU A 53 -5.14 9.19 4.36
N ASN A 54 -5.11 8.03 5.02
CA ASN A 54 -6.03 7.77 6.12
C ASN A 54 -5.63 8.59 7.35
N SER A 55 -4.35 8.94 7.43
CA SER A 55 -3.86 9.71 8.57
C SER A 55 -2.78 10.70 8.14
N LYS A 56 -2.92 11.96 8.57
CA LYS A 56 -1.97 13.02 8.25
C LYS A 56 -2.17 13.57 6.84
N THR A 57 -3.30 13.26 6.21
CA THR A 57 -3.59 13.74 4.87
C THR A 57 -5.07 13.57 4.52
N ASP A 58 -5.92 13.63 5.54
CA ASP A 58 -7.36 13.49 5.34
C ASP A 58 -8.10 13.66 6.66
N GLN A 59 -7.54 13.09 7.72
CA GLN A 59 -8.15 13.18 9.04
C GLN A 59 -7.27 12.51 10.09
N ASN A 60 -6.38 13.30 10.69
CA ASN A 60 -5.48 12.78 11.72
C ASN A 60 -6.27 12.20 12.89
N LEU A 61 -7.43 12.78 13.16
CA LEU A 61 -8.27 12.31 14.27
C LEU A 61 -7.68 12.72 15.61
N GLY A 62 -8.40 13.58 16.34
CA GLY A 62 -7.93 14.04 17.62
C GLY A 62 -7.11 15.31 17.53
N LYS A 63 -6.67 15.64 16.32
CA LYS A 63 -5.87 16.84 16.08
C LYS A 63 -5.54 16.98 14.60
N ALA A 64 -6.56 16.88 13.76
CA ALA A 64 -6.36 17.02 12.33
C ALA A 64 -5.96 18.44 11.99
N GLU A 65 -4.70 18.77 12.28
CA GLU A 65 -4.21 20.11 12.08
C GLU A 65 -4.94 20.97 13.09
N GLU A 66 -5.32 20.32 14.20
CA GLU A 66 -6.07 20.97 15.25
C GLU A 66 -7.55 20.91 14.93
N LYS A 67 -7.97 19.81 14.27
CA LYS A 67 -9.37 19.65 13.91
C LYS A 67 -10.15 19.19 15.12
N THR A 68 -9.95 17.93 15.48
CA THR A 68 -10.61 17.37 16.64
C THR A 68 -9.85 17.74 17.91
N LYS A 69 -8.69 18.41 17.74
CA LYS A 69 -7.88 18.83 18.88
C LYS A 69 -8.71 19.64 19.86
N ALA A 1 3.47 -1.19 -16.61
CA ALA A 1 3.89 -0.43 -15.40
C ALA A 1 3.52 -1.17 -14.12
N GLU A 2 4.36 -1.04 -13.11
CA GLU A 2 4.13 -1.70 -11.83
C GLU A 2 2.85 -1.20 -11.18
N LYS A 3 2.54 0.08 -11.40
CA LYS A 3 1.34 0.68 -10.83
C LYS A 3 0.10 -0.12 -11.23
N ASP A 4 0.09 -0.60 -12.47
CA ASP A 4 -1.03 -1.38 -12.98
C ASP A 4 -0.97 -2.79 -12.41
N PHE A 5 0.24 -3.29 -12.17
CA PHE A 5 0.43 -4.62 -11.61
C PHE A 5 0.00 -4.60 -10.17
N CYS A 6 0.30 -3.48 -9.53
CA CYS A 6 -0.06 -3.30 -8.15
C CYS A 6 -1.50 -2.79 -8.07
N LYS A 7 -2.01 -2.30 -9.20
CA LYS A 7 -3.39 -1.85 -9.27
C LYS A 7 -4.30 -3.06 -9.13
N GLU A 8 -3.96 -4.11 -9.89
CA GLU A 8 -4.70 -5.36 -9.86
C GLU A 8 -4.42 -6.12 -8.58
N TYR A 9 -3.25 -5.87 -8.01
CA TYR A 9 -2.88 -6.51 -6.76
C TYR A 9 -3.71 -5.90 -5.64
N GLU A 10 -4.18 -4.68 -5.86
CA GLU A 10 -5.01 -3.98 -4.88
C GLU A 10 -6.33 -4.70 -4.74
N LYS A 11 -6.84 -5.17 -5.88
CA LYS A 11 -8.10 -5.88 -5.92
C LYS A 11 -8.00 -7.24 -5.22
N GLN A 12 -6.77 -7.73 -5.07
CA GLN A 12 -6.54 -9.02 -4.43
C GLN A 12 -6.32 -8.88 -2.92
N VAL A 13 -6.22 -7.64 -2.44
CA VAL A 13 -6.01 -7.39 -1.01
C VAL A 13 -6.97 -8.24 -0.17
N ARG A 14 -6.40 -9.17 0.61
CA ARG A 14 -7.21 -10.05 1.44
C ARG A 14 -7.09 -9.66 2.92
N ASN A 15 -8.24 -9.51 3.58
CA ASN A 15 -8.28 -9.16 5.00
C ASN A 15 -7.48 -7.89 5.27
N GLY A 16 -7.74 -6.86 4.48
CA GLY A 16 -7.04 -5.59 4.64
C GLY A 16 -5.55 -5.72 4.41
N ARG A 17 -5.13 -6.86 3.86
CA ARG A 17 -3.73 -7.10 3.56
C ARG A 17 -3.54 -7.40 2.10
N LEU A 18 -2.30 -7.26 1.64
CA LEU A 18 -1.99 -7.51 0.25
C LEU A 18 -1.24 -8.84 0.14
N PHE A 19 -1.66 -9.65 -0.83
CA PHE A 19 -1.09 -10.99 -1.01
C PHE A 19 0.17 -11.04 -1.89
N CYS A 20 1.21 -11.69 -1.38
CA CYS A 20 2.46 -11.85 -2.13
C CYS A 20 2.55 -13.26 -2.70
N THR A 21 3.25 -13.40 -3.82
CA THR A 21 3.39 -14.70 -4.47
C THR A 21 4.78 -15.25 -4.26
N ARG A 22 4.91 -16.56 -4.44
CA ARG A 22 6.19 -17.23 -4.29
C ARG A 22 7.30 -16.47 -5.01
N GLU A 23 6.92 -15.78 -6.10
CA GLU A 23 7.87 -15.01 -6.87
C GLU A 23 8.27 -13.75 -6.12
N SER A 24 8.90 -13.94 -4.97
CA SER A 24 9.35 -12.82 -4.13
C SER A 24 10.73 -12.40 -4.57
N ASP A 25 10.79 -11.83 -5.77
CA ASP A 25 12.05 -11.40 -6.35
C ASP A 25 12.43 -9.99 -5.91
N PRO A 26 13.57 -9.84 -5.20
CA PRO A 26 14.03 -8.55 -4.71
C PRO A 26 14.36 -7.54 -5.80
N VAL A 27 14.02 -6.30 -5.50
CA VAL A 27 14.22 -5.15 -6.36
C VAL A 27 14.09 -3.94 -5.45
N ARG A 28 14.61 -2.79 -5.82
CA ARG A 28 14.50 -1.66 -4.91
C ARG A 28 13.21 -0.91 -5.15
N GLY A 29 12.55 -0.58 -4.05
CA GLY A 29 11.29 0.12 -4.07
C GLY A 29 11.12 0.88 -2.79
N PRO A 30 10.20 1.83 -2.72
CA PRO A 30 10.00 2.63 -1.51
C PRO A 30 10.34 1.88 -0.22
N ASP A 31 9.63 0.80 0.08
CA ASP A 31 9.92 0.03 1.28
C ASP A 31 11.11 -0.91 1.07
N GLY A 32 11.55 -1.04 -0.19
CA GLY A 32 12.68 -1.88 -0.50
C GLY A 32 12.63 -3.23 0.17
N ARG A 33 11.48 -3.89 0.04
CA ARG A 33 11.28 -5.19 0.63
C ARG A 33 10.80 -6.19 -0.41
N MET A 34 11.51 -6.26 -1.54
CA MET A 34 11.15 -7.15 -2.64
C MET A 34 10.28 -6.41 -3.63
N HIS A 35 10.76 -5.24 -4.05
CA HIS A 35 10.02 -4.43 -5.01
C HIS A 35 9.77 -5.22 -6.30
N GLY A 36 10.47 -6.34 -6.47
CA GLY A 36 10.27 -7.17 -7.64
C GLY A 36 9.01 -8.00 -7.46
N ASN A 37 8.54 -8.07 -6.22
CA ASN A 37 7.33 -8.75 -5.89
C ASN A 37 6.29 -7.68 -5.72
N LYS A 38 5.25 -7.74 -6.53
CA LYS A 38 4.23 -6.71 -6.52
C LYS A 38 3.58 -6.56 -5.15
N CYS A 39 3.55 -7.62 -4.36
CA CYS A 39 2.95 -7.55 -3.04
C CYS A 39 3.74 -6.68 -2.07
N ALA A 40 5.04 -6.88 -2.00
CA ALA A 40 5.88 -6.13 -1.10
C ALA A 40 5.96 -4.68 -1.50
N LEU A 41 6.16 -4.46 -2.79
CA LEU A 41 6.27 -3.12 -3.29
C LEU A 41 4.91 -2.44 -3.26
N CYS A 42 3.87 -3.15 -3.69
CA CYS A 42 2.54 -2.59 -3.66
C CYS A 42 2.07 -2.45 -2.22
N ALA A 43 2.48 -3.41 -1.38
CA ALA A 43 2.13 -3.38 0.03
C ALA A 43 2.67 -2.11 0.67
N GLU A 44 3.83 -1.67 0.19
CA GLU A 44 4.45 -0.45 0.70
C GLU A 44 3.57 0.74 0.34
N ILE A 45 2.94 0.66 -0.82
CA ILE A 45 2.07 1.71 -1.28
C ILE A 45 0.83 1.82 -0.42
N PHE A 46 0.27 0.68 -0.05
CA PHE A 46 -0.91 0.64 0.80
C PHE A 46 -0.59 1.20 2.17
N LYS A 47 0.55 0.79 2.73
CA LYS A 47 0.95 1.27 4.04
C LYS A 47 1.10 2.79 4.03
N ARG A 48 1.84 3.30 3.06
CA ARG A 48 2.06 4.74 2.93
C ARG A 48 0.79 5.47 2.48
N ARG A 49 0.16 4.96 1.43
CA ARG A 49 -1.05 5.56 0.87
C ARG A 49 -2.23 5.48 1.81
N PHE A 50 -2.47 4.29 2.33
CA PHE A 50 -3.58 4.06 3.23
C PHE A 50 -3.38 4.78 4.56
N SER A 51 -2.17 4.72 5.10
CA SER A 51 -1.89 5.37 6.37
C SER A 51 -1.94 6.88 6.20
N GLU A 52 -1.33 7.37 5.12
CA GLU A 52 -1.32 8.80 4.84
C GLU A 52 -2.71 9.28 4.43
N GLU A 53 -3.35 8.55 3.52
CA GLU A 53 -4.68 8.90 3.04
C GLU A 53 -5.73 8.69 4.12
N ASN A 54 -5.65 7.54 4.81
CA ASN A 54 -6.61 7.25 5.87
C ASN A 54 -6.36 8.13 7.09
N SER A 55 -5.12 8.61 7.23
CA SER A 55 -4.76 9.45 8.36
C SER A 55 -3.63 10.41 7.99
N LYS A 56 -3.72 11.65 8.48
CA LYS A 56 -2.71 12.68 8.23
C LYS A 56 -2.86 13.30 6.84
N THR A 57 -3.87 12.86 6.08
CA THR A 57 -4.11 13.40 4.74
C THR A 57 -5.58 13.22 4.34
N ASP A 58 -6.45 13.19 5.34
CA ASP A 58 -7.88 13.02 5.11
C ASP A 58 -8.64 12.97 6.42
N GLN A 59 -8.03 12.33 7.42
CA GLN A 59 -8.64 12.20 8.74
C GLN A 59 -7.60 12.37 9.84
N ASN A 60 -6.89 13.50 9.81
CA ASN A 60 -5.88 13.80 10.80
C ASN A 60 -6.46 13.81 12.21
N LEU A 61 -7.66 14.38 12.33
CA LEU A 61 -8.35 14.46 13.62
C LEU A 61 -7.71 15.54 14.49
N GLY A 62 -8.53 16.49 14.95
CA GLY A 62 -8.04 17.56 15.78
C GLY A 62 -7.70 18.81 14.98
N LYS A 63 -7.36 18.61 13.71
CA LYS A 63 -7.02 19.73 12.82
C LYS A 63 -6.60 19.22 11.45
N ALA A 64 -7.48 18.46 10.81
CA ALA A 64 -7.19 17.92 9.50
C ALA A 64 -7.09 19.05 8.49
N GLU A 65 -6.02 19.84 8.58
CA GLU A 65 -5.87 20.99 7.73
C GLU A 65 -7.01 21.91 8.08
N GLU A 66 -7.49 21.76 9.33
CA GLU A 66 -8.60 22.52 9.83
C GLU A 66 -9.89 21.91 9.33
N LYS A 67 -9.90 20.57 9.21
CA LYS A 67 -11.09 19.87 8.73
C LYS A 67 -11.83 19.22 9.90
N THR A 68 -11.07 18.58 10.76
CA THR A 68 -11.63 17.94 11.93
C THR A 68 -11.61 18.90 13.12
N LYS A 69 -10.75 19.91 13.03
CA LYS A 69 -10.63 20.91 14.10
C LYS A 69 -10.46 20.26 15.46
N ALA A 1 4.14 -0.68 -15.83
CA ALA A 1 4.18 -0.04 -14.49
C ALA A 1 3.69 -1.01 -13.42
N GLU A 2 4.36 -1.00 -12.27
CA GLU A 2 4.00 -1.88 -11.16
C GLU A 2 2.66 -1.47 -10.56
N LYS A 3 2.38 -0.17 -10.58
CA LYS A 3 1.13 0.35 -10.03
C LYS A 3 -0.06 -0.34 -10.69
N ASP A 4 0.03 -0.55 -11.99
CA ASP A 4 -1.03 -1.21 -12.75
C ASP A 4 -1.01 -2.72 -12.48
N PHE A 5 0.18 -3.25 -12.21
CA PHE A 5 0.33 -4.66 -11.91
C PHE A 5 -0.25 -4.92 -10.55
N CYS A 6 -0.06 -3.95 -9.67
CA CYS A 6 -0.58 -4.04 -8.33
C CYS A 6 -2.04 -3.58 -8.33
N LYS A 7 -2.43 -2.90 -9.41
CA LYS A 7 -3.81 -2.48 -9.57
C LYS A 7 -4.68 -3.70 -9.76
N GLU A 8 -4.20 -4.60 -10.63
CA GLU A 8 -4.91 -5.84 -10.90
C GLU A 8 -4.73 -6.80 -9.72
N TYR A 9 -3.64 -6.62 -9.02
CA TYR A 9 -3.36 -7.41 -7.83
C TYR A 9 -4.30 -6.97 -6.71
N GLU A 10 -4.77 -5.72 -6.82
CA GLU A 10 -5.68 -5.15 -5.86
C GLU A 10 -7.00 -5.90 -5.89
N LYS A 11 -7.38 -6.33 -7.07
CA LYS A 11 -8.62 -7.06 -7.25
C LYS A 11 -8.61 -8.37 -6.47
N GLN A 12 -7.42 -8.90 -6.24
CA GLN A 12 -7.26 -10.14 -5.49
C GLN A 12 -6.95 -9.84 -4.02
N VAL A 13 -6.78 -8.55 -3.72
CA VAL A 13 -6.48 -8.07 -2.37
C VAL A 13 -7.04 -8.98 -1.28
N ARG A 14 -6.14 -9.55 -0.48
CA ARG A 14 -6.55 -10.43 0.60
C ARG A 14 -6.36 -9.73 1.95
N ASN A 15 -7.43 -9.70 2.74
CA ASN A 15 -7.39 -9.06 4.06
C ASN A 15 -7.12 -7.56 3.94
N GLY A 16 -7.64 -6.95 2.87
CA GLY A 16 -7.45 -5.52 2.66
C GLY A 16 -6.10 -5.20 2.04
N ARG A 17 -5.28 -6.23 1.85
CA ARG A 17 -3.96 -6.07 1.25
C ARG A 17 -3.86 -6.94 0.01
N LEU A 18 -2.88 -6.68 -0.85
CA LEU A 18 -2.73 -7.48 -2.05
C LEU A 18 -1.58 -8.45 -1.88
N PHE A 19 -1.89 -9.73 -2.03
CA PHE A 19 -0.92 -10.78 -1.82
C PHE A 19 -0.26 -11.23 -3.12
N CYS A 20 1.07 -11.25 -3.11
CA CYS A 20 1.86 -11.66 -4.27
C CYS A 20 1.64 -13.12 -4.62
N THR A 21 1.84 -13.43 -5.89
CA THR A 21 1.67 -14.78 -6.41
C THR A 21 3.01 -15.49 -6.41
N ARG A 22 2.97 -16.83 -6.50
CA ARG A 22 4.19 -17.64 -6.51
C ARG A 22 5.34 -16.88 -7.15
N GLU A 23 5.02 -16.13 -8.20
CA GLU A 23 5.99 -15.31 -8.89
C GLU A 23 6.37 -14.13 -8.01
N SER A 24 7.30 -14.36 -7.09
CA SER A 24 7.76 -13.32 -6.17
C SER A 24 9.21 -12.98 -6.44
N ASP A 25 9.43 -12.04 -7.35
CA ASP A 25 10.78 -11.65 -7.73
C ASP A 25 11.24 -10.39 -6.98
N PRO A 26 12.30 -10.50 -6.16
CA PRO A 26 12.83 -9.36 -5.41
C PRO A 26 13.45 -8.27 -6.27
N VAL A 27 13.24 -7.05 -5.81
CA VAL A 27 13.74 -5.84 -6.44
C VAL A 27 13.78 -4.79 -5.35
N ARG A 28 14.57 -3.73 -5.50
CA ARG A 28 14.63 -2.76 -4.43
C ARG A 28 13.54 -1.72 -4.62
N GLY A 29 12.87 -1.41 -3.52
CA GLY A 29 11.76 -0.49 -3.52
C GLY A 29 11.46 -0.05 -2.12
N PRO A 30 10.69 1.02 -1.92
CA PRO A 30 10.37 1.51 -0.60
C PRO A 30 10.30 0.43 0.48
N ASP A 31 9.52 -0.63 0.23
CA ASP A 31 9.40 -1.71 1.23
C ASP A 31 10.64 -2.63 1.19
N GLY A 32 11.48 -2.45 0.17
CA GLY A 32 12.70 -3.21 0.03
C GLY A 32 12.55 -4.67 0.43
N ARG A 33 11.38 -5.21 0.15
CA ARG A 33 11.10 -6.60 0.48
C ARG A 33 10.46 -7.30 -0.72
N MET A 34 11.16 -7.25 -1.84
CA MET A 34 10.70 -7.84 -3.10
C MET A 34 9.87 -6.83 -3.87
N HIS A 35 10.46 -5.66 -4.08
CA HIS A 35 9.78 -4.59 -4.82
C HIS A 35 9.45 -5.08 -6.24
N GLY A 36 10.04 -6.19 -6.64
CA GLY A 36 9.76 -6.75 -7.94
C GLY A 36 8.44 -7.48 -7.90
N ASN A 37 7.99 -7.77 -6.68
CA ASN A 37 6.72 -8.40 -6.46
C ASN A 37 5.72 -7.29 -6.22
N LYS A 38 4.64 -7.32 -6.94
CA LYS A 38 3.64 -6.28 -6.84
C LYS A 38 3.11 -6.15 -5.40
N CYS A 39 3.14 -7.24 -4.66
CA CYS A 39 2.63 -7.24 -3.29
C CYS A 39 3.45 -6.38 -2.31
N ALA A 40 4.77 -6.57 -2.30
CA ALA A 40 5.63 -5.85 -1.37
C ALA A 40 5.76 -4.38 -1.68
N LEU A 41 5.99 -4.07 -2.93
CA LEU A 41 6.17 -2.70 -3.33
C LEU A 41 4.85 -1.96 -3.26
N CYS A 42 3.79 -2.62 -3.72
CA CYS A 42 2.48 -2.00 -3.68
C CYS A 42 2.03 -1.89 -2.23
N ALA A 43 2.40 -2.88 -1.42
CA ALA A 43 2.06 -2.87 0.00
C ALA A 43 2.66 -1.66 0.69
N GLU A 44 3.85 -1.26 0.23
CA GLU A 44 4.52 -0.10 0.80
C GLU A 44 3.74 1.15 0.47
N ILE A 45 3.16 1.18 -0.73
CA ILE A 45 2.38 2.31 -1.18
C ILE A 45 1.13 2.46 -0.33
N PHE A 46 0.45 1.35 -0.08
CA PHE A 46 -0.77 1.36 0.71
C PHE A 46 -0.46 1.71 2.16
N LYS A 47 0.60 1.13 2.71
CA LYS A 47 0.97 1.42 4.09
C LYS A 47 1.20 2.91 4.27
N ARG A 48 2.02 3.48 3.38
CA ARG A 48 2.33 4.91 3.44
C ARG A 48 1.14 5.77 3.01
N ARG A 49 0.53 5.42 1.88
CA ARG A 49 -0.60 6.16 1.34
C ARG A 49 -1.84 6.05 2.21
N PHE A 50 -2.18 4.83 2.58
CA PHE A 50 -3.36 4.58 3.40
C PHE A 50 -3.18 5.12 4.81
N SER A 51 -1.99 4.97 5.38
CA SER A 51 -1.75 5.47 6.72
C SER A 51 -1.75 6.99 6.72
N GLU A 52 -1.09 7.57 5.73
CA GLU A 52 -1.04 9.03 5.60
C GLU A 52 -2.39 9.59 5.19
N GLU A 53 -2.99 8.97 4.18
CA GLU A 53 -4.29 9.41 3.67
C GLU A 53 -5.41 9.11 4.66
N ASN A 54 -5.40 7.91 5.22
CA ASN A 54 -6.42 7.52 6.19
C ASN A 54 -6.23 8.26 7.51
N SER A 55 -5.00 8.68 7.77
CA SER A 55 -4.69 9.38 9.00
C SER A 55 -3.50 10.31 8.83
N LYS A 56 -3.55 11.47 9.50
CA LYS A 56 -2.48 12.46 9.43
C LYS A 56 -2.51 13.27 8.12
N THR A 57 -3.49 12.99 7.26
CA THR A 57 -3.62 13.70 6.00
C THR A 57 -5.04 13.63 5.46
N ASP A 58 -6.00 13.46 6.37
CA ASP A 58 -7.40 13.37 6.00
C ASP A 58 -8.26 13.07 7.23
N GLN A 59 -7.73 12.24 8.12
CA GLN A 59 -8.43 11.86 9.33
C GLN A 59 -7.50 11.89 10.54
N ASN A 60 -6.83 13.03 10.73
CA ASN A 60 -5.90 13.20 11.83
C ASN A 60 -6.66 13.36 13.15
N LEU A 61 -7.22 14.54 13.37
CA LEU A 61 -7.97 14.83 14.60
C LEU A 61 -8.51 16.25 14.58
N GLY A 62 -9.56 16.48 15.37
CA GLY A 62 -10.16 17.81 15.44
C GLY A 62 -10.80 18.23 14.13
N LYS A 63 -9.97 18.65 13.18
CA LYS A 63 -10.46 19.09 11.88
C LYS A 63 -11.24 17.98 11.21
N ALA A 64 -10.70 16.77 11.18
CA ALA A 64 -11.40 15.65 10.57
C ALA A 64 -12.71 15.35 11.30
N GLU A 65 -13.13 16.30 12.13
CA GLU A 65 -14.37 16.20 12.87
C GLU A 65 -15.33 17.24 12.34
N GLU A 66 -14.78 18.38 11.89
CA GLU A 66 -15.60 19.45 11.33
C GLU A 66 -14.78 20.37 10.44
N LYS A 67 -13.81 19.79 9.77
CA LYS A 67 -12.94 20.50 8.85
C LYS A 67 -12.56 19.55 7.73
N THR A 68 -12.09 18.37 8.14
CA THR A 68 -11.73 17.33 7.20
C THR A 68 -12.82 16.27 7.15
N LYS A 69 -13.93 16.49 7.88
CA LYS A 69 -15.03 15.53 7.91
C LYS A 69 -14.57 14.20 8.47
N ALA A 1 4.01 -2.87 -16.77
CA ALA A 1 3.70 -1.77 -15.82
C ALA A 1 3.31 -2.33 -14.44
N GLU A 2 4.18 -2.12 -13.47
CA GLU A 2 3.94 -2.61 -12.11
C GLU A 2 2.78 -1.84 -11.47
N LYS A 3 2.65 -0.57 -11.82
CA LYS A 3 1.58 0.26 -11.27
C LYS A 3 0.22 -0.37 -11.54
N ASP A 4 0.04 -0.88 -12.73
CA ASP A 4 -1.21 -1.53 -13.12
C ASP A 4 -1.30 -2.92 -12.49
N PHE A 5 -0.14 -3.54 -12.26
CA PHE A 5 -0.08 -4.85 -11.65
C PHE A 5 -0.46 -4.72 -10.19
N CYS A 6 -0.01 -3.61 -9.61
CA CYS A 6 -0.30 -3.33 -8.23
C CYS A 6 -1.65 -2.65 -8.14
N LYS A 7 -2.14 -2.15 -9.28
CA LYS A 7 -3.46 -1.54 -9.35
C LYS A 7 -4.51 -2.62 -9.14
N GLU A 8 -4.33 -3.73 -9.85
CA GLU A 8 -5.24 -4.86 -9.72
C GLU A 8 -5.00 -5.60 -8.43
N TYR A 9 -3.78 -5.50 -7.94
CA TYR A 9 -3.40 -6.13 -6.69
C TYR A 9 -4.06 -5.39 -5.54
N GLU A 10 -4.38 -4.11 -5.78
CA GLU A 10 -5.02 -3.29 -4.77
C GLU A 10 -6.42 -3.84 -4.50
N LYS A 11 -7.05 -4.32 -5.55
CA LYS A 11 -8.38 -4.87 -5.47
C LYS A 11 -8.39 -6.22 -4.75
N GLN A 12 -7.23 -6.87 -4.69
CA GLN A 12 -7.12 -8.18 -4.05
C GLN A 12 -6.76 -8.06 -2.56
N VAL A 13 -6.52 -6.84 -2.09
CA VAL A 13 -6.17 -6.62 -0.68
C VAL A 13 -7.07 -7.43 0.24
N ARG A 14 -6.47 -8.38 0.96
CA ARG A 14 -7.25 -9.23 1.87
C ARG A 14 -6.98 -8.85 3.33
N ASN A 15 -8.07 -8.62 4.07
CA ASN A 15 -7.97 -8.26 5.48
C ASN A 15 -7.09 -7.03 5.68
N GLY A 16 -7.37 -5.98 4.92
CA GLY A 16 -6.58 -4.75 5.03
C GLY A 16 -5.13 -4.97 4.68
N ARG A 17 -4.82 -6.13 4.09
CA ARG A 17 -3.46 -6.46 3.70
C ARG A 17 -3.39 -6.76 2.21
N LEU A 18 -2.19 -6.68 1.67
CA LEU A 18 -1.97 -6.94 0.26
C LEU A 18 -1.32 -8.32 0.10
N PHE A 19 -1.85 -9.10 -0.84
CA PHE A 19 -1.40 -10.46 -1.06
C PHE A 19 -0.19 -10.59 -2.01
N CYS A 20 0.82 -11.33 -1.55
CA CYS A 20 2.03 -11.57 -2.35
C CYS A 20 1.99 -12.99 -2.91
N THR A 21 2.62 -13.19 -4.06
CA THR A 21 2.65 -14.49 -4.70
C THR A 21 4.02 -15.15 -4.54
N ARG A 22 4.05 -16.46 -4.72
CA ARG A 22 5.28 -17.22 -4.61
C ARG A 22 6.43 -16.49 -5.29
N GLU A 23 6.10 -15.75 -6.34
CA GLU A 23 7.09 -14.99 -7.09
C GLU A 23 7.55 -13.80 -6.26
N SER A 24 8.23 -14.09 -5.16
CA SER A 24 8.75 -13.05 -4.28
C SER A 24 10.15 -12.69 -4.70
N ASP A 25 10.24 -12.05 -5.85
CA ASP A 25 11.52 -11.66 -6.42
C ASP A 25 11.99 -10.31 -5.89
N PRO A 26 13.15 -10.28 -5.19
CA PRO A 26 13.69 -9.05 -4.62
C PRO A 26 14.14 -8.03 -5.67
N VAL A 27 13.89 -6.78 -5.33
CA VAL A 27 14.23 -5.64 -6.14
C VAL A 27 14.14 -4.44 -5.22
N ARG A 28 14.78 -3.33 -5.53
CA ARG A 28 14.72 -2.21 -4.60
C ARG A 28 13.50 -1.37 -4.89
N GLY A 29 12.81 -1.02 -3.80
CA GLY A 29 11.59 -0.26 -3.87
C GLY A 29 11.25 0.26 -2.51
N PRO A 30 10.34 1.23 -2.38
CA PRO A 30 9.96 1.78 -1.09
C PRO A 30 10.07 0.80 0.07
N ASP A 31 9.44 -0.37 -0.05
CA ASP A 31 9.50 -1.37 1.03
C ASP A 31 10.84 -2.11 1.03
N GLY A 32 11.63 -1.90 -0.02
CA GLY A 32 12.94 -2.53 -0.14
C GLY A 32 12.99 -3.91 0.43
N ARG A 33 11.91 -4.65 0.26
CA ARG A 33 11.82 -6.01 0.77
C ARG A 33 11.06 -6.91 -0.19
N MET A 34 11.40 -6.82 -1.48
CA MET A 34 10.76 -7.61 -2.54
C MET A 34 10.00 -6.71 -3.49
N HIS A 35 10.58 -5.56 -3.80
CA HIS A 35 9.94 -4.62 -4.71
C HIS A 35 9.78 -5.27 -6.09
N GLY A 36 10.42 -6.42 -6.30
CA GLY A 36 10.28 -7.11 -7.56
C GLY A 36 8.97 -7.84 -7.62
N ASN A 37 8.34 -7.98 -6.45
CA ASN A 37 7.04 -8.59 -6.34
C ASN A 37 6.06 -7.47 -6.11
N LYS A 38 4.98 -7.48 -6.83
CA LYS A 38 4.00 -6.42 -6.74
C LYS A 38 3.43 -6.27 -5.33
N CYS A 39 3.37 -7.34 -4.56
CA CYS A 39 2.82 -7.27 -3.21
C CYS A 39 3.67 -6.46 -2.23
N ALA A 40 4.97 -6.73 -2.19
CA ALA A 40 5.84 -6.05 -1.26
C ALA A 40 6.00 -4.60 -1.62
N LEU A 41 6.21 -4.35 -2.89
CA LEU A 41 6.39 -3.00 -3.36
C LEU A 41 5.07 -2.24 -3.30
N CYS A 42 4.00 -2.88 -3.75
CA CYS A 42 2.70 -2.26 -3.70
C CYS A 42 2.24 -2.14 -2.25
N ALA A 43 2.62 -3.14 -1.44
CA ALA A 43 2.26 -3.15 -0.03
C ALA A 43 2.82 -1.92 0.67
N GLU A 44 4.00 -1.47 0.24
CA GLU A 44 4.60 -0.28 0.82
C GLU A 44 3.72 0.91 0.51
N ILE A 45 3.18 0.93 -0.71
CA ILE A 45 2.32 2.00 -1.14
C ILE A 45 1.08 2.07 -0.25
N PHE A 46 0.51 0.91 0.05
CA PHE A 46 -0.67 0.82 0.89
C PHE A 46 -0.38 1.36 2.28
N LYS A 47 0.74 0.92 2.87
CA LYS A 47 1.08 1.38 4.21
C LYS A 47 1.18 2.90 4.27
N ARG A 48 1.95 3.48 3.34
CA ARG A 48 2.12 4.93 3.28
C ARG A 48 0.85 5.64 2.80
N ARG A 49 0.30 5.14 1.70
CA ARG A 49 -0.90 5.73 1.09
C ARG A 49 -2.14 5.57 1.96
N PHE A 50 -2.37 4.35 2.43
CA PHE A 50 -3.52 4.06 3.27
C PHE A 50 -3.40 4.73 4.62
N SER A 51 -2.22 4.70 5.21
CA SER A 51 -2.01 5.33 6.51
C SER A 51 -2.11 6.84 6.38
N GLU A 52 -1.48 7.36 5.33
CA GLU A 52 -1.50 8.78 5.06
C GLU A 52 -2.90 9.24 4.63
N GLU A 53 -3.48 8.50 3.70
CA GLU A 53 -4.83 8.81 3.20
C GLU A 53 -5.88 8.54 4.27
N ASN A 54 -5.79 7.39 4.93
CA ASN A 54 -6.76 7.06 5.97
C ASN A 54 -6.52 7.88 7.23
N SER A 55 -5.28 8.32 7.41
CA SER A 55 -4.93 9.12 8.58
C SER A 55 -3.98 10.25 8.22
N LYS A 56 -4.31 11.46 8.66
CA LYS A 56 -3.49 12.65 8.40
C LYS A 56 -3.73 13.23 7.01
N THR A 57 -4.70 12.68 6.27
CA THR A 57 -5.02 13.17 4.94
C THR A 57 -6.44 12.83 4.54
N ASP A 58 -7.30 12.68 5.53
CA ASP A 58 -8.71 12.37 5.29
C ASP A 58 -9.47 12.24 6.61
N GLN A 59 -8.82 11.65 7.60
CA GLN A 59 -9.42 11.46 8.91
C GLN A 59 -8.37 11.42 10.01
N ASN A 60 -8.02 12.59 10.52
CA ASN A 60 -7.02 12.69 11.58
C ASN A 60 -7.63 12.38 12.95
N LEU A 61 -8.93 12.62 13.07
CA LEU A 61 -9.64 12.36 14.33
C LEU A 61 -9.10 13.25 15.45
N GLY A 62 -9.93 14.18 15.90
CA GLY A 62 -9.53 15.08 16.96
C GLY A 62 -9.45 16.53 16.50
N LYS A 63 -8.98 16.73 15.28
CA LYS A 63 -8.86 18.07 14.71
C LYS A 63 -9.71 18.23 13.48
N ALA A 64 -9.80 17.17 12.67
CA ALA A 64 -10.62 17.23 11.47
C ALA A 64 -12.10 17.43 11.81
N GLU A 65 -12.34 17.85 13.03
CA GLU A 65 -13.67 18.14 13.51
C GLU A 65 -13.79 19.64 13.72
N GLU A 66 -12.67 20.28 14.11
CA GLU A 66 -12.65 21.71 14.31
C GLU A 66 -11.23 22.25 14.35
N LYS A 67 -10.37 21.64 13.55
CA LYS A 67 -8.98 22.06 13.42
C LYS A 67 -8.54 21.78 12.00
N THR A 68 -8.83 20.57 11.55
CA THR A 68 -8.51 20.17 10.19
C THR A 68 -9.80 20.06 9.36
N LYS A 69 -10.94 20.47 9.95
CA LYS A 69 -12.21 20.41 9.26
C LYS A 69 -12.56 18.97 8.87
N ALA A 1 4.85 -1.30 -16.04
CA ALA A 1 4.09 -0.44 -15.10
C ALA A 1 3.65 -1.23 -13.86
N GLU A 2 4.40 -1.08 -12.78
CA GLU A 2 4.11 -1.78 -11.54
C GLU A 2 2.82 -1.25 -10.91
N LYS A 3 2.56 0.04 -11.10
CA LYS A 3 1.36 0.66 -10.55
C LYS A 3 0.11 -0.07 -11.04
N ASP A 4 0.09 -0.40 -12.32
CA ASP A 4 -1.04 -1.11 -12.91
C ASP A 4 -0.99 -2.59 -12.52
N PHE A 5 0.21 -3.09 -12.29
CA PHE A 5 0.39 -4.47 -11.89
C PHE A 5 -0.12 -4.65 -10.47
N CYS A 6 0.12 -3.63 -9.67
CA CYS A 6 -0.31 -3.63 -8.31
C CYS A 6 -1.76 -3.15 -8.25
N LYS A 7 -2.22 -2.52 -9.34
CA LYS A 7 -3.60 -2.09 -9.45
C LYS A 7 -4.49 -3.32 -9.53
N GLU A 8 -4.09 -4.25 -10.39
CA GLU A 8 -4.84 -5.49 -10.56
C GLU A 8 -4.61 -6.41 -9.37
N TYR A 9 -3.46 -6.23 -8.73
CA TYR A 9 -3.13 -7.00 -7.56
C TYR A 9 -4.00 -6.52 -6.40
N GLU A 10 -4.47 -5.27 -6.50
CA GLU A 10 -5.33 -4.70 -5.47
C GLU A 10 -6.64 -5.46 -5.44
N LYS A 11 -7.08 -5.88 -6.62
CA LYS A 11 -8.32 -6.63 -6.74
C LYS A 11 -8.21 -7.98 -6.02
N GLN A 12 -6.98 -8.46 -5.86
CA GLN A 12 -6.74 -9.73 -5.18
C GLN A 12 -6.50 -9.51 -3.68
N VAL A 13 -6.46 -8.24 -3.28
CA VAL A 13 -6.24 -7.87 -1.89
C VAL A 13 -6.93 -8.82 -0.91
N ARG A 14 -6.14 -9.47 -0.06
CA ARG A 14 -6.69 -10.40 0.90
C ARG A 14 -6.56 -9.84 2.32
N ASN A 15 -7.68 -9.78 3.03
CA ASN A 15 -7.69 -9.26 4.40
C ASN A 15 -7.33 -7.78 4.43
N GLY A 16 -7.72 -7.05 3.39
CA GLY A 16 -7.43 -5.63 3.33
C GLY A 16 -6.06 -5.34 2.73
N ARG A 17 -5.26 -6.37 2.56
CA ARG A 17 -3.92 -6.25 2.00
C ARG A 17 -3.81 -7.13 0.78
N LEU A 18 -2.82 -6.90 -0.07
CA LEU A 18 -2.68 -7.72 -1.27
C LEU A 18 -1.55 -8.72 -1.06
N PHE A 19 -1.89 -9.99 -1.21
CA PHE A 19 -0.93 -11.05 -1.00
C PHE A 19 -0.29 -11.55 -2.28
N CYS A 20 1.04 -11.60 -2.28
CA CYS A 20 1.82 -12.06 -3.42
C CYS A 20 1.58 -13.54 -3.72
N THR A 21 1.78 -13.90 -4.97
CA THR A 21 1.61 -15.27 -5.43
C THR A 21 2.95 -15.97 -5.41
N ARG A 22 2.92 -17.31 -5.44
CA ARG A 22 4.14 -18.11 -5.41
C ARG A 22 5.30 -17.38 -6.08
N GLU A 23 4.98 -16.68 -7.16
CA GLU A 23 5.96 -15.89 -7.88
C GLU A 23 6.39 -14.70 -7.04
N SER A 24 7.21 -14.96 -6.04
CA SER A 24 7.69 -13.92 -5.14
C SER A 24 9.14 -13.59 -5.44
N ASP A 25 9.34 -12.78 -6.46
CA ASP A 25 10.67 -12.40 -6.90
C ASP A 25 11.10 -11.04 -6.34
N PRO A 26 12.18 -11.02 -5.53
CA PRO A 26 12.69 -9.78 -4.93
C PRO A 26 13.29 -8.81 -5.93
N VAL A 27 13.07 -7.54 -5.65
CA VAL A 27 13.55 -6.42 -6.43
C VAL A 27 13.60 -5.24 -5.48
N ARG A 28 14.39 -4.22 -5.77
CA ARG A 28 14.45 -3.12 -4.83
C ARG A 28 13.36 -2.11 -5.12
N GLY A 29 12.72 -1.67 -4.05
CA GLY A 29 11.61 -0.76 -4.14
C GLY A 29 11.33 -0.14 -2.80
N PRO A 30 10.57 0.94 -2.73
CA PRO A 30 10.28 1.61 -1.47
C PRO A 30 10.25 0.67 -0.25
N ASP A 31 9.48 -0.43 -0.33
CA ASP A 31 9.40 -1.36 0.80
C ASP A 31 10.65 -2.26 0.86
N GLY A 32 11.48 -2.19 -0.19
CA GLY A 32 12.72 -2.96 -0.25
C GLY A 32 12.59 -4.35 0.33
N ARG A 33 11.42 -4.94 0.17
CA ARG A 33 11.17 -6.28 0.67
C ARG A 33 10.51 -7.12 -0.41
N MET A 34 11.20 -7.24 -1.55
CA MET A 34 10.71 -8.00 -2.69
C MET A 34 9.84 -7.11 -3.56
N HIS A 35 10.38 -5.97 -3.96
CA HIS A 35 9.65 -5.04 -4.80
C HIS A 35 9.29 -5.71 -6.13
N GLY A 36 9.93 -6.85 -6.41
CA GLY A 36 9.62 -7.58 -7.62
C GLY A 36 8.34 -8.36 -7.42
N ASN A 37 7.90 -8.40 -6.16
CA ASN A 37 6.68 -9.03 -5.78
C ASN A 37 5.66 -7.92 -5.65
N LYS A 38 4.57 -8.03 -6.37
CA LYS A 38 3.57 -6.99 -6.36
C LYS A 38 3.04 -6.74 -4.94
N CYS A 39 3.08 -7.76 -4.09
CA CYS A 39 2.58 -7.63 -2.73
C CYS A 39 3.41 -6.67 -1.85
N ALA A 40 4.73 -6.83 -1.86
CA ALA A 40 5.60 -6.01 -1.04
C ALA A 40 5.68 -4.57 -1.50
N LEU A 41 5.85 -4.38 -2.79
CA LEU A 41 5.97 -3.06 -3.33
C LEU A 41 4.62 -2.36 -3.30
N CYS A 42 3.57 -3.09 -3.65
CA CYS A 42 2.24 -2.52 -3.61
C CYS A 42 1.84 -2.26 -2.17
N ALA A 43 2.27 -3.15 -1.27
CA ALA A 43 2.00 -2.98 0.15
C ALA A 43 2.61 -1.69 0.65
N GLU A 44 3.77 -1.32 0.08
CA GLU A 44 4.44 -0.09 0.46
C GLU A 44 3.54 1.09 0.11
N ILE A 45 2.82 0.94 -1.00
CA ILE A 45 1.90 1.97 -1.44
C ILE A 45 0.74 2.11 -0.47
N PHE A 46 0.20 0.97 -0.04
CA PHE A 46 -0.91 0.95 0.88
C PHE A 46 -0.47 1.49 2.23
N LYS A 47 0.68 1.04 2.72
CA LYS A 47 1.19 1.50 4.00
C LYS A 47 1.32 3.03 4.00
N ARG A 48 1.97 3.55 2.98
CA ARG A 48 2.17 5.00 2.85
C ARG A 48 0.87 5.73 2.51
N ARG A 49 0.16 5.21 1.51
CA ARG A 49 -1.10 5.82 1.05
C ARG A 49 -2.20 5.71 2.09
N PHE A 50 -2.39 4.52 2.60
CA PHE A 50 -3.42 4.27 3.59
C PHE A 50 -3.12 4.96 4.91
N SER A 51 -1.87 4.93 5.34
CA SER A 51 -1.49 5.59 6.58
C SER A 51 -1.59 7.09 6.43
N GLU A 52 -1.08 7.59 5.31
CA GLU A 52 -1.13 9.03 5.03
C GLU A 52 -2.56 9.49 4.76
N GLU A 53 -3.26 8.75 3.90
CA GLU A 53 -4.64 9.08 3.55
C GLU A 53 -5.58 8.83 4.72
N ASN A 54 -5.42 7.68 5.37
CA ASN A 54 -6.27 7.35 6.51
C ASN A 54 -5.91 8.19 7.72
N SER A 55 -4.67 8.66 7.76
CA SER A 55 -4.20 9.47 8.88
C SER A 55 -3.22 10.54 8.40
N LYS A 56 -3.40 11.77 8.88
CA LYS A 56 -2.52 12.88 8.52
C LYS A 56 -2.87 13.46 7.15
N THR A 57 -3.97 13.01 6.56
CA THR A 57 -4.40 13.51 5.25
C THR A 57 -5.87 13.22 5.00
N ASP A 58 -6.65 13.12 6.08
CA ASP A 58 -8.08 12.86 5.99
C ASP A 58 -8.69 12.75 7.38
N GLN A 59 -7.96 12.13 8.30
CA GLN A 59 -8.42 11.95 9.67
C GLN A 59 -7.28 11.49 10.56
N ASN A 60 -6.45 12.44 10.99
CA ASN A 60 -5.31 12.12 11.85
C ASN A 60 -5.76 11.41 13.13
N LEU A 61 -6.42 12.16 14.02
CA LEU A 61 -6.88 11.60 15.28
C LEU A 61 -7.96 12.49 15.89
N GLY A 62 -8.15 12.39 17.20
CA GLY A 62 -9.16 13.21 17.86
C GLY A 62 -8.65 14.61 18.18
N LYS A 63 -8.00 15.24 17.21
CA LYS A 63 -7.45 16.58 17.37
C LYS A 63 -6.53 16.93 16.22
N ALA A 64 -6.97 16.65 15.00
CA ALA A 64 -6.16 16.94 13.83
C ALA A 64 -6.01 18.44 13.66
N GLU A 65 -5.16 19.02 14.50
CA GLU A 65 -4.97 20.46 14.49
C GLU A 65 -6.26 21.05 14.99
N GLU A 66 -6.96 20.25 15.82
CA GLU A 66 -8.23 20.62 16.37
C GLU A 66 -9.32 20.25 15.38
N LYS A 67 -9.11 19.15 14.64
CA LYS A 67 -10.10 18.70 13.67
C LYS A 67 -11.21 17.95 14.38
N THR A 68 -10.87 16.78 14.88
CA THR A 68 -11.82 15.97 15.62
C THR A 68 -11.76 16.31 17.10
N LYS A 69 -10.88 17.24 17.46
CA LYS A 69 -10.73 17.65 18.86
C LYS A 69 -12.08 17.92 19.49
N ALA A 1 3.91 0.00 -15.52
CA ALA A 1 3.79 0.65 -14.19
C ALA A 1 3.34 -0.34 -13.13
N GLU A 2 3.93 -0.25 -11.94
CA GLU A 2 3.59 -1.14 -10.84
C GLU A 2 2.17 -0.88 -10.34
N LYS A 3 1.75 0.37 -10.41
CA LYS A 3 0.41 0.75 -9.96
C LYS A 3 -0.65 -0.09 -10.67
N ASP A 4 -0.47 -0.27 -11.97
CA ASP A 4 -1.40 -1.05 -12.77
C ASP A 4 -1.21 -2.54 -12.51
N PHE A 5 0.02 -2.93 -12.18
CA PHE A 5 0.34 -4.32 -11.89
C PHE A 5 -0.26 -4.70 -10.57
N CYS A 6 -0.22 -3.75 -9.65
CA CYS A 6 -0.77 -3.95 -8.35
C CYS A 6 -2.27 -3.66 -8.41
N LYS A 7 -2.69 -2.99 -9.49
CA LYS A 7 -4.10 -2.71 -9.72
C LYS A 7 -4.81 -4.04 -9.97
N GLU A 8 -4.20 -4.87 -10.82
CA GLU A 8 -4.76 -6.17 -11.12
C GLU A 8 -4.55 -7.09 -9.94
N TYR A 9 -3.51 -6.81 -9.18
CA TYR A 9 -3.21 -7.56 -7.98
C TYR A 9 -4.25 -7.18 -6.91
N GLU A 10 -4.82 -6.00 -7.07
CA GLU A 10 -5.83 -5.49 -6.16
C GLU A 10 -7.07 -6.35 -6.23
N LYS A 11 -7.36 -6.85 -7.41
CA LYS A 11 -8.52 -7.69 -7.62
C LYS A 11 -8.39 -8.98 -6.80
N GLN A 12 -7.16 -9.32 -6.44
CA GLN A 12 -6.90 -10.52 -5.64
C GLN A 12 -6.71 -10.13 -4.17
N VAL A 13 -6.73 -8.82 -3.90
CA VAL A 13 -6.56 -8.27 -2.56
C VAL A 13 -7.17 -9.16 -1.48
N ARG A 14 -6.31 -9.64 -0.58
CA ARG A 14 -6.77 -10.49 0.51
C ARG A 14 -6.63 -9.77 1.85
N ASN A 15 -7.72 -9.71 2.61
CA ASN A 15 -7.72 -9.04 3.92
C ASN A 15 -7.41 -7.55 3.79
N GLY A 16 -7.96 -6.92 2.76
CA GLY A 16 -7.74 -5.49 2.55
C GLY A 16 -6.35 -5.19 2.01
N ARG A 17 -5.55 -6.22 1.79
CA ARG A 17 -4.21 -6.08 1.27
C ARG A 17 -4.07 -6.89 -0.01
N LEU A 18 -3.05 -6.61 -0.81
CA LEU A 18 -2.86 -7.35 -2.05
C LEU A 18 -1.75 -8.36 -1.88
N PHE A 19 -2.09 -9.62 -2.13
CA PHE A 19 -1.15 -10.70 -1.97
C PHE A 19 -0.50 -11.11 -3.29
N CYS A 20 0.82 -11.16 -3.27
CA CYS A 20 1.61 -11.52 -4.45
C CYS A 20 1.33 -12.95 -4.90
N THR A 21 1.52 -13.18 -6.19
CA THR A 21 1.31 -14.48 -6.79
C THR A 21 2.63 -15.23 -6.85
N ARG A 22 2.56 -16.54 -7.03
CA ARG A 22 3.75 -17.39 -7.11
C ARG A 22 4.92 -16.61 -7.72
N GLU A 23 4.61 -15.80 -8.71
CA GLU A 23 5.59 -14.97 -9.37
C GLU A 23 6.03 -13.87 -8.42
N SER A 24 6.95 -14.20 -7.52
CA SER A 24 7.46 -13.26 -6.53
C SER A 24 8.90 -12.89 -6.85
N ASP A 25 9.07 -11.94 -7.76
CA ASP A 25 10.39 -11.51 -8.18
C ASP A 25 10.86 -10.26 -7.44
N PRO A 26 11.97 -10.35 -6.68
CA PRO A 26 12.51 -9.22 -5.91
C PRO A 26 13.07 -8.10 -6.77
N VAL A 27 12.86 -6.90 -6.28
CA VAL A 27 13.31 -5.66 -6.88
C VAL A 27 13.47 -4.68 -5.75
N ARG A 28 14.26 -3.61 -5.91
CA ARG A 28 14.42 -2.70 -4.81
C ARG A 28 13.32 -1.66 -4.85
N GLY A 29 12.74 -1.40 -3.68
CA GLY A 29 11.65 -0.48 -3.55
C GLY A 29 11.45 -0.09 -2.12
N PRO A 30 10.70 0.97 -1.82
CA PRO A 30 10.48 1.42 -0.46
C PRO A 30 10.48 0.29 0.58
N ASP A 31 9.69 -0.76 0.36
CA ASP A 31 9.66 -1.88 1.31
C ASP A 31 10.89 -2.78 1.15
N GLY A 32 11.66 -2.55 0.08
CA GLY A 32 12.88 -3.29 -0.16
C GLY A 32 12.76 -4.76 0.19
N ARG A 33 11.58 -5.30 -0.01
CA ARG A 33 11.33 -6.70 0.27
C ARG A 33 10.62 -7.36 -0.89
N MET A 34 11.24 -7.29 -2.06
CA MET A 34 10.68 -7.85 -3.28
C MET A 34 9.80 -6.83 -3.98
N HIS A 35 10.37 -5.65 -4.23
CA HIS A 35 9.64 -4.58 -4.90
C HIS A 35 9.20 -5.04 -6.28
N GLY A 36 9.74 -6.16 -6.76
CA GLY A 36 9.35 -6.68 -8.04
C GLY A 36 8.03 -7.41 -7.88
N ASN A 37 7.73 -7.73 -6.62
CA ASN A 37 6.48 -8.35 -6.27
C ASN A 37 5.54 -7.22 -5.92
N LYS A 38 4.48 -7.10 -6.67
CA LYS A 38 3.54 -6.01 -6.48
C LYS A 38 2.98 -6.00 -5.06
N CYS A 39 2.97 -7.16 -4.42
CA CYS A 39 2.43 -7.23 -3.06
C CYS A 39 3.28 -6.45 -2.05
N ALA A 40 4.59 -6.68 -2.07
CA ALA A 40 5.50 -6.02 -1.15
C ALA A 40 5.67 -4.55 -1.45
N LEU A 41 5.89 -4.23 -2.71
CA LEU A 41 6.10 -2.86 -3.10
C LEU A 41 4.82 -2.07 -2.97
N CYS A 42 3.72 -2.61 -3.50
CA CYS A 42 2.46 -1.91 -3.38
C CYS A 42 2.07 -1.83 -1.91
N ALA A 43 2.40 -2.87 -1.14
CA ALA A 43 2.09 -2.89 0.28
C ALA A 43 2.78 -1.72 0.98
N GLU A 44 3.98 -1.37 0.52
CA GLU A 44 4.72 -0.27 1.12
C GLU A 44 4.05 1.05 0.79
N ILE A 45 3.67 1.21 -0.46
CA ILE A 45 3.02 2.43 -0.89
C ILE A 45 1.66 2.59 -0.22
N PHE A 46 0.94 1.48 -0.11
CA PHE A 46 -0.37 1.48 0.53
C PHE A 46 -0.24 1.75 2.01
N LYS A 47 0.75 1.15 2.65
CA LYS A 47 0.96 1.37 4.07
C LYS A 47 1.20 2.85 4.34
N ARG A 48 2.12 3.44 3.59
CA ARG A 48 2.43 4.86 3.74
C ARG A 48 1.30 5.75 3.21
N ARG A 49 0.81 5.42 2.01
CA ARG A 49 -0.24 6.20 1.36
C ARG A 49 -1.57 6.10 2.10
N PHE A 50 -1.96 4.88 2.41
CA PHE A 50 -3.22 4.64 3.10
C PHE A 50 -3.17 5.15 4.53
N SER A 51 -2.04 4.94 5.21
CA SER A 51 -1.92 5.41 6.58
C SER A 51 -1.84 6.93 6.61
N GLU A 52 -1.07 7.50 5.70
CA GLU A 52 -0.93 8.94 5.61
C GLU A 52 -2.22 9.58 5.10
N GLU A 53 -2.76 9.02 4.02
CA GLU A 53 -3.99 9.54 3.42
C GLU A 53 -5.20 9.25 4.31
N ASN A 54 -5.29 8.03 4.83
CA ASN A 54 -6.40 7.67 5.70
C ASN A 54 -6.28 8.36 7.05
N SER A 55 -5.06 8.72 7.43
CA SER A 55 -4.80 9.38 8.70
C SER A 55 -3.64 10.36 8.59
N LYS A 56 -3.84 11.56 9.13
CA LYS A 56 -2.81 12.61 9.12
C LYS A 56 -2.73 13.31 7.77
N THR A 57 -3.71 13.09 6.91
CA THR A 57 -3.74 13.72 5.59
C THR A 57 -5.12 13.63 4.96
N ASP A 58 -6.14 13.58 5.80
CA ASP A 58 -7.53 13.50 5.34
C ASP A 58 -8.49 13.47 6.51
N GLN A 59 -8.11 12.76 7.56
CA GLN A 59 -8.94 12.65 8.76
C GLN A 59 -8.13 12.10 9.93
N ASN A 60 -7.62 13.01 10.76
CA ASN A 60 -6.83 12.62 11.92
C ASN A 60 -7.63 11.72 12.86
N LEU A 61 -8.86 12.12 13.12
CA LEU A 61 -9.74 11.34 14.00
C LEU A 61 -9.14 11.23 15.40
N GLY A 62 -9.78 11.87 16.37
CA GLY A 62 -9.31 11.83 17.74
C GLY A 62 -8.77 13.17 18.20
N LYS A 63 -8.09 13.88 17.31
CA LYS A 63 -7.52 15.19 17.63
C LYS A 63 -8.31 16.30 16.96
N ALA A 64 -8.75 16.07 15.73
CA ALA A 64 -9.51 17.08 15.01
C ALA A 64 -10.81 17.40 15.74
N GLU A 65 -10.94 16.85 16.93
CA GLU A 65 -12.09 17.09 17.79
C GLU A 65 -11.71 18.12 18.84
N GLU A 66 -10.44 18.06 19.27
CA GLU A 66 -9.94 19.01 20.25
C GLU A 66 -8.41 19.00 20.30
N LYS A 67 -7.83 19.04 19.12
CA LYS A 67 -6.38 19.05 18.96
C LYS A 67 -6.07 19.57 17.57
N THR A 68 -6.77 19.02 16.60
CA THR A 68 -6.64 19.43 15.21
C THR A 68 -7.83 20.29 14.80
N LYS A 69 -8.76 20.53 15.75
CA LYS A 69 -9.93 21.34 15.46
C LYS A 69 -9.67 22.81 15.76
N ALA A 1 3.39 -0.57 -15.94
CA ALA A 1 4.02 -0.20 -14.65
C ALA A 1 3.55 -1.12 -13.54
N GLU A 2 4.29 -1.15 -12.43
CA GLU A 2 3.96 -1.98 -11.29
C GLU A 2 2.68 -1.50 -10.61
N LYS A 3 2.46 -0.19 -10.63
CA LYS A 3 1.29 0.40 -10.02
C LYS A 3 0.02 -0.22 -10.59
N ASP A 4 0.00 -0.41 -11.90
CA ASP A 4 -1.14 -1.01 -12.59
C ASP A 4 -1.16 -2.52 -12.35
N PHE A 5 0.01 -3.10 -12.15
CA PHE A 5 0.13 -4.52 -11.89
C PHE A 5 -0.40 -4.79 -10.50
N CYS A 6 -0.11 -3.84 -9.61
CA CYS A 6 -0.56 -3.93 -8.25
C CYS A 6 -1.98 -3.38 -8.17
N LYS A 7 -2.39 -2.66 -9.21
CA LYS A 7 -3.75 -2.15 -9.29
C LYS A 7 -4.70 -3.31 -9.46
N GLU A 8 -4.35 -4.22 -10.37
CA GLU A 8 -5.15 -5.41 -10.60
C GLU A 8 -4.96 -6.40 -9.46
N TYR A 9 -3.81 -6.31 -8.83
CA TYR A 9 -3.49 -7.14 -7.69
C TYR A 9 -4.29 -6.68 -6.49
N GLU A 10 -4.70 -5.41 -6.52
CA GLU A 10 -5.49 -4.84 -5.45
C GLU A 10 -6.84 -5.54 -5.40
N LYS A 11 -7.34 -5.89 -6.56
CA LYS A 11 -8.63 -6.58 -6.65
C LYS A 11 -8.56 -7.93 -5.95
N GLN A 12 -7.35 -8.48 -5.84
CA GLN A 12 -7.14 -9.75 -5.16
C GLN A 12 -6.79 -9.54 -3.69
N VAL A 13 -6.65 -8.27 -3.31
CA VAL A 13 -6.32 -7.87 -1.94
C VAL A 13 -6.88 -8.82 -0.90
N ARG A 14 -6.00 -9.46 -0.15
CA ARG A 14 -6.42 -10.39 0.89
C ARG A 14 -6.15 -9.78 2.27
N ASN A 15 -7.19 -9.74 3.10
CA ASN A 15 -7.07 -9.19 4.45
C ASN A 15 -6.75 -7.68 4.40
N GLY A 16 -7.28 -7.00 3.39
CA GLY A 16 -7.04 -5.57 3.26
C GLY A 16 -5.73 -5.25 2.55
N ARG A 17 -4.94 -6.28 2.29
CA ARG A 17 -3.65 -6.12 1.62
C ARG A 17 -3.63 -6.98 0.36
N LEU A 18 -2.71 -6.71 -0.55
CA LEU A 18 -2.65 -7.50 -1.77
C LEU A 18 -1.50 -8.49 -1.67
N PHE A 19 -1.83 -9.76 -1.83
CA PHE A 19 -0.84 -10.82 -1.71
C PHE A 19 -0.24 -11.23 -3.05
N CYS A 20 1.08 -11.23 -3.10
CA CYS A 20 1.84 -11.59 -4.29
C CYS A 20 1.54 -13.01 -4.75
N THR A 21 1.71 -13.24 -6.05
CA THR A 21 1.48 -14.54 -6.65
C THR A 21 2.79 -15.29 -6.74
N ARG A 22 2.71 -16.61 -6.91
CA ARG A 22 3.90 -17.46 -7.01
C ARG A 22 5.07 -16.70 -7.59
N GLU A 23 4.77 -15.88 -8.58
CA GLU A 23 5.78 -15.04 -9.22
C GLU A 23 6.25 -13.96 -8.24
N SER A 24 7.10 -14.37 -7.30
CA SER A 24 7.61 -13.46 -6.28
C SER A 24 9.08 -13.13 -6.56
N ASP A 25 9.29 -12.22 -7.49
CA ASP A 25 10.64 -11.82 -7.88
C ASP A 25 11.10 -10.55 -7.16
N PRO A 26 12.17 -10.63 -6.34
CA PRO A 26 12.70 -9.48 -5.60
C PRO A 26 13.33 -8.41 -6.48
N VAL A 27 13.15 -7.18 -6.03
CA VAL A 27 13.66 -5.99 -6.67
C VAL A 27 13.75 -4.92 -5.59
N ARG A 28 14.55 -3.89 -5.76
CA ARG A 28 14.65 -2.91 -4.70
C ARG A 28 13.57 -1.86 -4.88
N GLY A 29 12.93 -1.53 -3.76
CA GLY A 29 11.83 -0.59 -3.77
C GLY A 29 11.54 -0.15 -2.37
N PRO A 30 10.79 0.93 -2.17
CA PRO A 30 10.47 1.44 -0.85
C PRO A 30 10.45 0.37 0.26
N ASP A 31 9.68 -0.70 0.08
CA ASP A 31 9.64 -1.76 1.10
C ASP A 31 10.89 -2.65 1.03
N GLY A 32 11.68 -2.47 -0.02
CA GLY A 32 12.91 -3.23 -0.19
C GLY A 32 12.79 -4.66 0.24
N ARG A 33 11.62 -5.22 0.02
CA ARG A 33 11.35 -6.61 0.37
C ARG A 33 10.65 -7.32 -0.77
N MET A 34 11.31 -7.32 -1.92
CA MET A 34 10.78 -7.95 -3.13
C MET A 34 9.94 -6.94 -3.91
N HIS A 35 10.52 -5.77 -4.17
CA HIS A 35 9.83 -4.73 -4.91
C HIS A 35 9.45 -5.24 -6.30
N GLY A 36 10.05 -6.36 -6.71
CA GLY A 36 9.71 -6.93 -7.99
C GLY A 36 8.41 -7.68 -7.87
N ASN A 37 8.01 -7.92 -6.62
CA ASN A 37 6.75 -8.55 -6.31
C ASN A 37 5.76 -7.43 -6.08
N LYS A 38 4.66 -7.48 -6.79
CA LYS A 38 3.66 -6.43 -6.67
C LYS A 38 3.17 -6.27 -5.23
N CYS A 39 3.22 -7.35 -4.47
CA CYS A 39 2.74 -7.31 -3.08
C CYS A 39 3.58 -6.45 -2.13
N ALA A 40 4.90 -6.62 -2.17
CA ALA A 40 5.79 -5.89 -1.27
C ALA A 40 5.88 -4.42 -1.60
N LEU A 41 6.07 -4.13 -2.87
CA LEU A 41 6.20 -2.76 -3.29
C LEU A 41 4.87 -2.04 -3.19
N CYS A 42 3.81 -2.73 -3.61
CA CYS A 42 2.48 -2.15 -3.53
C CYS A 42 2.07 -2.00 -2.07
N ALA A 43 2.51 -2.95 -1.24
CA ALA A 43 2.22 -2.92 0.18
C ALA A 43 2.86 -1.70 0.83
N GLU A 44 4.03 -1.30 0.33
CA GLU A 44 4.72 -0.15 0.86
C GLU A 44 3.99 1.12 0.52
N ILE A 45 3.55 1.22 -0.73
CA ILE A 45 2.84 2.39 -1.19
C ILE A 45 1.48 2.49 -0.50
N PHE A 46 0.82 1.35 -0.34
CA PHE A 46 -0.48 1.30 0.33
C PHE A 46 -0.32 1.59 1.81
N LYS A 47 0.73 1.05 2.42
CA LYS A 47 0.97 1.29 3.83
C LYS A 47 1.13 2.79 4.08
N ARG A 48 1.99 3.42 3.30
CA ARG A 48 2.23 4.85 3.41
C ARG A 48 1.03 5.66 2.91
N ARG A 49 0.52 5.31 1.74
CA ARG A 49 -0.61 6.02 1.14
C ARG A 49 -1.89 5.85 1.93
N PHE A 50 -2.21 4.61 2.26
CA PHE A 50 -3.42 4.30 3.00
C PHE A 50 -3.34 4.83 4.43
N SER A 51 -2.18 4.68 5.06
CA SER A 51 -2.03 5.17 6.42
C SER A 51 -2.05 6.69 6.44
N GLU A 52 -1.34 7.29 5.50
CA GLU A 52 -1.29 8.75 5.39
C GLU A 52 -2.63 9.31 4.93
N GLU A 53 -3.18 8.70 3.88
CA GLU A 53 -4.46 9.13 3.32
C GLU A 53 -5.60 8.80 4.28
N ASN A 54 -5.59 7.59 4.82
CA ASN A 54 -6.65 7.17 5.74
C ASN A 54 -6.51 7.90 7.08
N SER A 55 -5.29 8.33 7.38
CA SER A 55 -5.02 9.02 8.64
C SER A 55 -3.84 9.98 8.50
N LYS A 56 -3.93 11.12 9.17
CA LYS A 56 -2.87 12.13 9.14
C LYS A 56 -2.87 12.93 7.83
N THR A 57 -3.85 12.67 6.96
CA THR A 57 -3.94 13.38 5.69
C THR A 57 -5.35 13.29 5.11
N ASP A 58 -6.33 13.15 5.99
CA ASP A 58 -7.73 13.07 5.57
C ASP A 58 -8.64 12.87 6.78
N GLN A 59 -8.18 12.07 7.74
CA GLN A 59 -8.94 11.80 8.95
C GLN A 59 -8.02 11.42 10.10
N ASN A 60 -7.58 12.42 10.86
CA ASN A 60 -6.69 12.18 12.00
C ASN A 60 -7.32 11.23 13.00
N LEU A 61 -8.54 11.55 13.43
CA LEU A 61 -9.26 10.72 14.39
C LEU A 61 -8.65 10.87 15.79
N GLY A 62 -8.94 11.99 16.43
CA GLY A 62 -8.41 12.23 17.76
C GLY A 62 -7.89 13.65 17.92
N LYS A 63 -7.66 14.32 16.79
CA LYS A 63 -7.15 15.69 16.80
C LYS A 63 -6.86 16.16 15.39
N ALA A 64 -7.80 15.91 14.48
CA ALA A 64 -7.62 16.32 13.10
C ALA A 64 -7.63 17.83 13.00
N GLU A 65 -6.52 18.44 13.39
CA GLU A 65 -6.42 19.88 13.41
C GLU A 65 -7.34 20.35 14.51
N GLU A 66 -7.53 19.45 15.49
CA GLU A 66 -8.41 19.70 16.60
C GLU A 66 -9.81 19.28 16.22
N LYS A 67 -9.91 18.23 15.40
CA LYS A 67 -11.21 17.72 14.96
C LYS A 67 -11.85 16.95 16.08
N THR A 68 -11.31 15.76 16.34
CA THR A 68 -11.81 14.92 17.41
C THR A 68 -11.10 15.25 18.71
N LYS A 69 -10.14 16.19 18.64
CA LYS A 69 -9.39 16.60 19.83
C LYS A 69 -10.32 16.94 20.99
N ALA A 1 4.52 -0.53 -15.70
CA ALA A 1 4.01 0.17 -14.49
C ALA A 1 3.57 -0.83 -13.44
N GLU A 2 4.27 -0.84 -12.30
CA GLU A 2 3.94 -1.74 -11.21
C GLU A 2 2.61 -1.38 -10.57
N LYS A 3 2.30 -0.09 -10.56
CA LYS A 3 1.04 0.39 -9.98
C LYS A 3 -0.15 -0.32 -10.62
N ASP A 4 -0.06 -0.51 -11.94
CA ASP A 4 -1.12 -1.18 -12.68
C ASP A 4 -1.06 -2.68 -12.44
N PHE A 5 0.14 -3.19 -12.19
CA PHE A 5 0.33 -4.61 -11.90
C PHE A 5 -0.24 -4.89 -10.53
N CYS A 6 -0.04 -3.93 -9.65
CA CYS A 6 -0.54 -4.03 -8.30
C CYS A 6 -2.00 -3.59 -8.27
N LYS A 7 -2.42 -2.90 -9.34
CA LYS A 7 -3.81 -2.49 -9.48
C LYS A 7 -4.66 -3.72 -9.67
N GLU A 8 -4.20 -4.60 -10.55
CA GLU A 8 -4.90 -5.85 -10.82
C GLU A 8 -4.69 -6.81 -9.66
N TYR A 9 -3.58 -6.63 -8.97
CA TYR A 9 -3.28 -7.44 -7.81
C TYR A 9 -4.20 -7.03 -6.68
N GLU A 10 -4.70 -5.79 -6.74
CA GLU A 10 -5.61 -5.27 -5.74
C GLU A 10 -6.90 -6.05 -5.78
N LYS A 11 -7.29 -6.45 -6.98
CA LYS A 11 -8.51 -7.21 -7.16
C LYS A 11 -8.41 -8.55 -6.44
N GLN A 12 -7.18 -9.01 -6.23
CA GLN A 12 -6.94 -10.27 -5.53
C GLN A 12 -6.63 -10.02 -4.05
N VAL A 13 -6.56 -8.73 -3.69
CA VAL A 13 -6.27 -8.30 -2.32
C VAL A 13 -6.80 -9.28 -1.27
N ARG A 14 -5.89 -9.87 -0.51
CA ARG A 14 -6.28 -10.80 0.53
C ARG A 14 -6.07 -10.17 1.91
N ASN A 15 -7.12 -10.18 2.73
CA ASN A 15 -7.06 -9.62 4.08
C ASN A 15 -6.81 -8.11 4.03
N GLY A 16 -7.37 -7.44 3.02
CA GLY A 16 -7.19 -6.00 2.89
C GLY A 16 -5.87 -5.62 2.24
N ARG A 17 -5.04 -6.62 1.96
CA ARG A 17 -3.74 -6.40 1.34
C ARG A 17 -3.66 -7.20 0.05
N LEU A 18 -2.71 -6.86 -0.82
CA LEU A 18 -2.58 -7.59 -2.06
C LEU A 18 -1.41 -8.55 -1.97
N PHE A 19 -1.69 -9.83 -2.19
CA PHE A 19 -0.67 -10.86 -2.08
C PHE A 19 -0.06 -11.24 -3.42
N CYS A 20 1.26 -11.21 -3.46
CA CYS A 20 2.03 -11.54 -4.66
C CYS A 20 1.83 -13.00 -5.08
N THR A 21 2.00 -13.25 -6.37
CA THR A 21 1.84 -14.57 -6.94
C THR A 21 3.20 -15.24 -7.03
N ARG A 22 3.20 -16.56 -7.17
CA ARG A 22 4.43 -17.35 -7.28
C ARG A 22 5.57 -16.48 -7.79
N GLU A 23 5.26 -15.75 -8.84
CA GLU A 23 6.21 -14.83 -9.45
C GLU A 23 6.56 -13.72 -8.47
N SER A 24 7.47 -14.02 -7.55
CA SER A 24 7.88 -13.05 -6.55
C SER A 24 9.35 -12.68 -6.73
N ASP A 25 9.59 -11.72 -7.62
CA ASP A 25 10.95 -11.28 -7.91
C ASP A 25 11.32 -10.02 -7.14
N PRO A 26 12.35 -10.09 -6.26
CA PRO A 26 12.79 -8.95 -5.46
C PRO A 26 13.45 -7.83 -6.26
N VAL A 27 13.17 -6.61 -5.80
CA VAL A 27 13.69 -5.39 -6.37
C VAL A 27 13.72 -4.39 -5.23
N ARG A 28 14.52 -3.34 -5.31
CA ARG A 28 14.56 -2.41 -4.19
C ARG A 28 13.47 -1.36 -4.36
N GLY A 29 12.79 -1.10 -3.26
CA GLY A 29 11.68 -0.18 -3.25
C GLY A 29 11.34 0.20 -1.84
N PRO A 30 10.56 1.26 -1.62
CA PRO A 30 10.20 1.70 -0.28
C PRO A 30 10.12 0.58 0.75
N ASP A 31 9.38 -0.48 0.46
CA ASP A 31 9.26 -1.60 1.41
C ASP A 31 10.52 -2.47 1.39
N GLY A 32 11.39 -2.23 0.42
CA GLY A 32 12.64 -2.96 0.30
C GLY A 32 12.51 -4.43 0.65
N ARG A 33 11.37 -4.99 0.32
CA ARG A 33 11.10 -6.40 0.60
C ARG A 33 10.48 -7.07 -0.62
N MET A 34 11.20 -6.99 -1.75
CA MET A 34 10.74 -7.58 -3.00
C MET A 34 9.93 -6.56 -3.80
N HIS A 35 10.49 -5.37 -3.96
CA HIS A 35 9.81 -4.32 -4.73
C HIS A 35 9.55 -4.78 -6.15
N GLY A 36 10.23 -5.86 -6.56
CA GLY A 36 10.01 -6.40 -7.88
C GLY A 36 8.74 -7.21 -7.90
N ASN A 37 8.21 -7.45 -6.70
CA ASN A 37 6.97 -8.14 -6.53
C ASN A 37 5.94 -7.07 -6.25
N LYS A 38 4.89 -7.07 -7.00
CA LYS A 38 3.87 -6.05 -6.87
C LYS A 38 3.29 -6.02 -5.46
N CYS A 39 3.31 -7.14 -4.76
CA CYS A 39 2.75 -7.21 -3.41
C CYS A 39 3.52 -6.38 -2.37
N ALA A 40 4.83 -6.55 -2.32
CA ALA A 40 5.65 -5.85 -1.33
C ALA A 40 5.76 -4.36 -1.59
N LEU A 41 6.03 -4.02 -2.84
CA LEU A 41 6.19 -2.64 -3.21
C LEU A 41 4.86 -1.93 -3.17
N CYS A 42 3.82 -2.59 -3.66
CA CYS A 42 2.50 -2.00 -3.63
C CYS A 42 2.04 -1.92 -2.19
N ALA A 43 2.43 -2.90 -1.39
CA ALA A 43 2.07 -2.92 0.02
C ALA A 43 2.63 -1.69 0.73
N GLU A 44 3.80 -1.25 0.30
CA GLU A 44 4.42 -0.07 0.89
C GLU A 44 3.64 1.16 0.48
N ILE A 45 3.13 1.15 -0.74
CA ILE A 45 2.38 2.27 -1.26
C ILE A 45 1.08 2.49 -0.50
N PHE A 46 0.32 1.42 -0.30
CA PHE A 46 -0.93 1.53 0.43
C PHE A 46 -0.67 1.76 1.91
N LYS A 47 0.35 1.10 2.45
CA LYS A 47 0.68 1.27 3.86
C LYS A 47 0.99 2.74 4.14
N ARG A 48 1.87 3.32 3.33
CA ARG A 48 2.24 4.72 3.47
C ARG A 48 1.12 5.66 3.05
N ARG A 49 0.54 5.40 1.88
CA ARG A 49 -0.53 6.24 1.33
C ARG A 49 -1.80 6.16 2.15
N PHE A 50 -2.23 4.94 2.43
CA PHE A 50 -3.45 4.71 3.18
C PHE A 50 -3.30 5.15 4.62
N SER A 51 -2.17 4.85 5.24
CA SER A 51 -1.95 5.25 6.62
C SER A 51 -1.82 6.76 6.72
N GLU A 52 -1.05 7.34 5.80
CA GLU A 52 -0.86 8.78 5.78
C GLU A 52 -2.13 9.50 5.36
N GLU A 53 -2.75 9.02 4.28
CA GLU A 53 -3.98 9.61 3.78
C GLU A 53 -5.14 9.34 4.72
N ASN A 54 -5.26 8.10 5.18
CA ASN A 54 -6.34 7.75 6.10
C ASN A 54 -6.07 8.34 7.49
N SER A 55 -4.80 8.58 7.79
CA SER A 55 -4.43 9.15 9.09
C SER A 55 -3.23 10.09 8.96
N LYS A 56 -3.34 11.26 9.58
CA LYS A 56 -2.27 12.27 9.56
C LYS A 56 -2.28 13.09 8.25
N THR A 57 -3.31 12.89 7.44
CA THR A 57 -3.41 13.62 6.18
C THR A 57 -4.84 13.63 5.66
N ASP A 58 -5.79 13.53 6.59
CA ASP A 58 -7.21 13.54 6.25
C ASP A 58 -8.06 13.41 7.51
N GLN A 59 -7.58 12.59 8.45
CA GLN A 59 -8.29 12.39 9.70
C GLN A 59 -7.31 12.09 10.85
N ASN A 60 -6.73 13.15 11.40
CA ASN A 60 -5.78 13.01 12.49
C ASN A 60 -6.49 12.62 13.79
N LEU A 61 -7.49 13.41 14.17
CA LEU A 61 -8.25 13.14 15.38
C LEU A 61 -7.35 13.19 16.62
N GLY A 62 -7.60 14.17 17.49
CA GLY A 62 -6.81 14.31 18.69
C GLY A 62 -5.98 15.58 18.69
N LYS A 63 -5.53 16.00 17.50
CA LYS A 63 -4.72 17.20 17.38
C LYS A 63 -5.42 18.22 16.50
N ALA A 64 -6.09 17.78 15.45
CA ALA A 64 -6.81 18.68 14.57
C ALA A 64 -7.90 19.45 15.31
N GLU A 65 -7.90 19.28 16.63
CA GLU A 65 -8.84 19.97 17.49
C GLU A 65 -8.12 21.14 18.14
N GLU A 66 -6.83 20.95 18.41
CA GLU A 66 -6.02 22.02 19.00
C GLU A 66 -4.53 21.71 18.89
N LYS A 67 -4.14 21.29 17.70
CA LYS A 67 -2.75 20.97 17.39
C LYS A 67 -2.59 21.02 15.89
N THR A 68 -3.51 20.37 15.19
CA THR A 68 -3.50 20.37 13.74
C THR A 68 -4.60 21.32 13.22
N LYS A 69 -5.31 21.99 14.15
CA LYS A 69 -6.36 22.92 13.75
C LYS A 69 -6.98 23.58 14.99
N ALA A 1 4.45 -0.75 -15.59
CA ALA A 1 4.20 -0.03 -14.32
C ALA A 1 3.70 -0.99 -13.24
N GLU A 2 4.35 -0.97 -12.08
CA GLU A 2 3.98 -1.84 -10.97
C GLU A 2 2.63 -1.44 -10.40
N LYS A 3 2.33 -0.14 -10.43
CA LYS A 3 1.07 0.37 -9.92
C LYS A 3 -0.11 -0.32 -10.59
N ASP A 4 0.01 -0.53 -11.89
CA ASP A 4 -1.04 -1.19 -12.65
C ASP A 4 -0.99 -2.70 -12.41
N PHE A 5 0.21 -3.21 -12.12
CA PHE A 5 0.38 -4.61 -11.83
C PHE A 5 -0.23 -4.91 -10.48
N CYS A 6 -0.09 -3.95 -9.59
CA CYS A 6 -0.63 -4.06 -8.26
C CYS A 6 -2.09 -3.62 -8.30
N LYS A 7 -2.47 -2.93 -9.38
CA LYS A 7 -3.85 -2.51 -9.56
C LYS A 7 -4.70 -3.75 -9.79
N GLU A 8 -4.20 -4.62 -10.67
CA GLU A 8 -4.89 -5.87 -10.96
C GLU A 8 -4.72 -6.84 -9.81
N TYR A 9 -3.64 -6.66 -9.07
CA TYR A 9 -3.38 -7.47 -7.91
C TYR A 9 -4.33 -7.06 -6.79
N GLU A 10 -4.82 -5.82 -6.88
CA GLU A 10 -5.77 -5.32 -5.90
C GLU A 10 -7.05 -6.10 -5.97
N LYS A 11 -7.41 -6.50 -7.19
CA LYS A 11 -8.61 -7.28 -7.40
C LYS A 11 -8.52 -8.62 -6.69
N GLN A 12 -7.28 -9.07 -6.44
CA GLN A 12 -7.04 -10.33 -5.74
C GLN A 12 -6.73 -10.07 -4.27
N VAL A 13 -6.65 -8.79 -3.91
CA VAL A 13 -6.36 -8.34 -2.54
C VAL A 13 -6.88 -9.32 -1.49
N ARG A 14 -5.96 -9.90 -0.73
CA ARG A 14 -6.33 -10.84 0.31
C ARG A 14 -6.18 -10.20 1.69
N ASN A 15 -7.24 -10.24 2.49
CA ASN A 15 -7.22 -9.66 3.83
C ASN A 15 -6.97 -8.15 3.78
N GLY A 16 -7.55 -7.49 2.77
CA GLY A 16 -7.39 -6.05 2.64
C GLY A 16 -6.02 -5.67 2.07
N ARG A 17 -5.20 -6.67 1.78
CA ARG A 17 -3.87 -6.46 1.23
C ARG A 17 -3.73 -7.21 -0.09
N LEU A 18 -2.74 -6.87 -0.88
CA LEU A 18 -2.55 -7.55 -2.16
C LEU A 18 -1.40 -8.52 -2.03
N PHE A 19 -1.70 -9.79 -2.32
CA PHE A 19 -0.70 -10.84 -2.19
C PHE A 19 -0.02 -11.18 -3.51
N CYS A 20 1.31 -11.19 -3.46
CA CYS A 20 2.15 -11.50 -4.62
C CYS A 20 1.94 -12.93 -5.10
N THR A 21 2.18 -13.13 -6.38
CA THR A 21 2.05 -14.44 -7.00
C THR A 21 3.41 -15.13 -7.02
N ARG A 22 3.40 -16.44 -7.20
CA ARG A 22 4.64 -17.24 -7.23
C ARG A 22 5.80 -16.42 -7.78
N GLU A 23 5.49 -15.60 -8.77
CA GLU A 23 6.46 -14.73 -9.39
C GLU A 23 6.83 -13.60 -8.43
N SER A 24 7.70 -13.91 -7.46
CA SER A 24 8.13 -12.94 -6.46
C SER A 24 9.58 -12.56 -6.72
N ASP A 25 9.77 -11.61 -7.63
CA ASP A 25 11.11 -11.17 -8.00
C ASP A 25 11.55 -9.91 -7.26
N PRO A 26 12.61 -9.97 -6.44
CA PRO A 26 13.11 -8.82 -5.68
C PRO A 26 13.63 -7.69 -6.56
N VAL A 27 13.39 -6.49 -6.07
CA VAL A 27 13.80 -5.25 -6.70
C VAL A 27 13.83 -4.21 -5.60
N ARG A 28 14.54 -3.12 -5.76
CA ARG A 28 14.59 -2.15 -4.68
C ARG A 28 13.44 -1.17 -4.81
N GLY A 29 12.81 -0.91 -3.67
CA GLY A 29 11.66 -0.04 -3.61
C GLY A 29 11.46 0.42 -2.19
N PRO A 30 10.66 1.46 -1.97
CA PRO A 30 10.43 1.99 -0.63
C PRO A 30 10.53 0.94 0.47
N ASP A 31 9.74 -0.14 0.39
CA ASP A 31 9.77 -1.17 1.41
C ASP A 31 10.99 -2.09 1.22
N GLY A 32 11.66 -1.95 0.08
CA GLY A 32 12.86 -2.72 -0.21
C GLY A 32 12.76 -4.17 0.19
N ARG A 33 11.59 -4.74 0.00
CA ARG A 33 11.36 -6.14 0.35
C ARG A 33 10.74 -6.87 -0.84
N MET A 34 11.44 -6.82 -1.97
CA MET A 34 10.97 -7.45 -3.20
C MET A 34 10.09 -6.49 -3.98
N HIS A 35 10.61 -5.28 -4.21
CA HIS A 35 9.87 -4.26 -4.94
C HIS A 35 9.51 -4.77 -6.34
N GLY A 36 10.18 -5.84 -6.78
CA GLY A 36 9.87 -6.41 -8.07
C GLY A 36 8.62 -7.24 -7.97
N ASN A 37 8.18 -7.44 -6.73
CA ASN A 37 6.96 -8.15 -6.44
C ASN A 37 5.93 -7.09 -6.18
N LYS A 38 4.88 -7.11 -6.95
CA LYS A 38 3.85 -6.09 -6.85
C LYS A 38 3.27 -6.02 -5.43
N CYS A 39 3.30 -7.14 -4.73
CA CYS A 39 2.74 -7.18 -3.36
C CYS A 39 3.53 -6.34 -2.35
N ALA A 40 4.85 -6.50 -2.32
CA ALA A 40 5.68 -5.79 -1.37
C ALA A 40 5.77 -4.31 -1.65
N LEU A 41 5.99 -3.97 -2.90
CA LEU A 41 6.12 -2.58 -3.28
C LEU A 41 4.77 -1.88 -3.21
N CYS A 42 3.73 -2.57 -3.67
CA CYS A 42 2.41 -1.99 -3.61
C CYS A 42 1.98 -1.90 -2.16
N ALA A 43 2.40 -2.89 -1.36
CA ALA A 43 2.08 -2.90 0.05
C ALA A 43 2.67 -1.68 0.74
N GLU A 44 3.83 -1.25 0.27
CA GLU A 44 4.49 -0.08 0.82
C GLU A 44 3.72 1.17 0.44
N ILE A 45 3.15 1.16 -0.76
CA ILE A 45 2.40 2.29 -1.26
C ILE A 45 1.13 2.50 -0.45
N PHE A 46 0.36 1.45 -0.23
CA PHE A 46 -0.87 1.55 0.54
C PHE A 46 -0.57 1.77 2.01
N LYS A 47 0.49 1.15 2.52
CA LYS A 47 0.84 1.32 3.92
C LYS A 47 1.11 2.80 4.19
N ARG A 48 1.97 3.39 3.35
CA ARG A 48 2.30 4.81 3.46
C ARG A 48 1.14 5.70 3.03
N ARG A 49 0.54 5.38 1.88
CA ARG A 49 -0.56 6.17 1.33
C ARG A 49 -1.81 6.09 2.18
N PHE A 50 -2.20 4.89 2.54
CA PHE A 50 -3.38 4.66 3.34
C PHE A 50 -3.20 5.18 4.75
N SER A 51 -2.03 4.92 5.34
CA SER A 51 -1.77 5.39 6.69
C SER A 51 -1.70 6.91 6.72
N GLU A 52 -1.00 7.47 5.73
CA GLU A 52 -0.88 8.92 5.62
C GLU A 52 -2.21 9.56 5.23
N GLU A 53 -2.85 8.98 4.22
CA GLU A 53 -4.12 9.50 3.74
C GLU A 53 -5.25 9.25 4.74
N ASN A 54 -5.29 8.04 5.30
CA ASN A 54 -6.34 7.73 6.27
C ASN A 54 -6.06 8.43 7.61
N SER A 55 -4.80 8.74 7.86
CA SER A 55 -4.42 9.41 9.09
C SER A 55 -3.26 10.39 8.86
N LYS A 56 -3.39 11.58 9.43
CA LYS A 56 -2.37 12.62 9.30
C LYS A 56 -2.47 13.36 7.97
N THR A 57 -3.48 13.03 7.17
CA THR A 57 -3.67 13.69 5.88
C THR A 57 -5.12 13.60 5.42
N ASP A 58 -6.03 13.49 6.39
CA ASP A 58 -7.46 13.41 6.11
C ASP A 58 -8.26 13.26 7.41
N GLN A 59 -7.70 12.50 8.35
CA GLN A 59 -8.35 12.28 9.63
C GLN A 59 -7.32 12.21 10.75
N ASN A 60 -6.64 13.33 10.98
CA ASN A 60 -5.61 13.40 12.03
C ASN A 60 -6.21 13.09 13.40
N LEU A 61 -7.52 13.29 13.54
CA LEU A 61 -8.22 13.03 14.80
C LEU A 61 -7.87 14.10 15.83
N GLY A 62 -8.90 14.74 16.38
CA GLY A 62 -8.68 15.78 17.37
C GLY A 62 -8.09 17.03 16.77
N LYS A 63 -8.04 17.10 15.44
CA LYS A 63 -7.50 18.25 14.73
C LYS A 63 -7.22 17.90 13.28
N ALA A 64 -8.18 17.23 12.64
CA ALA A 64 -8.01 16.84 11.25
C ALA A 64 -8.02 18.07 10.35
N GLU A 65 -6.93 18.83 10.40
CA GLU A 65 -6.85 20.06 9.65
C GLU A 65 -7.85 21.00 10.28
N GLU A 66 -8.13 20.72 11.56
CA GLU A 66 -9.09 21.47 12.33
C GLU A 66 -10.48 20.85 12.15
N LYS A 67 -10.52 19.52 12.00
CA LYS A 67 -11.80 18.84 11.85
C LYS A 67 -12.44 18.60 13.20
N THR A 68 -11.81 17.69 13.95
CA THR A 68 -12.29 17.38 15.29
C THR A 68 -11.81 18.44 16.27
N LYS A 69 -10.84 19.26 15.82
CA LYS A 69 -10.30 20.32 16.67
C LYS A 69 -9.68 19.76 17.95
N ALA A 1 5.39 0.88 -14.07
CA ALA A 1 3.98 1.09 -13.61
C ALA A 1 3.54 -0.03 -12.67
N GLU A 2 3.97 0.05 -11.42
CA GLU A 2 3.61 -0.96 -10.42
C GLU A 2 2.12 -0.89 -10.09
N LYS A 3 1.56 0.31 -10.14
CA LYS A 3 0.15 0.50 -9.85
C LYS A 3 -0.70 -0.39 -10.74
N ASP A 4 -0.25 -0.57 -11.97
CA ASP A 4 -0.95 -1.41 -12.93
C ASP A 4 -0.73 -2.88 -12.60
N PHE A 5 0.46 -3.19 -12.10
CA PHE A 5 0.80 -4.56 -11.72
C PHE A 5 0.02 -4.93 -10.48
N CYS A 6 -0.11 -3.94 -9.61
CA CYS A 6 -0.84 -4.14 -8.39
C CYS A 6 -2.32 -3.91 -8.67
N LYS A 7 -2.62 -3.31 -9.83
CA LYS A 7 -4.00 -3.12 -10.25
C LYS A 7 -4.60 -4.47 -10.54
N GLU A 8 -3.86 -5.29 -11.28
CA GLU A 8 -4.32 -6.63 -11.60
C GLU A 8 -4.21 -7.52 -10.38
N TYR A 9 -3.27 -7.17 -9.51
CA TYR A 9 -3.09 -7.89 -8.27
C TYR A 9 -4.24 -7.55 -7.32
N GLU A 10 -4.85 -6.38 -7.56
CA GLU A 10 -5.97 -5.91 -6.75
C GLU A 10 -7.14 -6.87 -6.90
N LYS A 11 -7.28 -7.42 -8.10
CA LYS A 11 -8.36 -8.35 -8.37
C LYS A 11 -8.23 -9.59 -7.51
N GLN A 12 -7.02 -9.83 -7.00
CA GLN A 12 -6.76 -10.97 -6.12
C GLN A 12 -6.72 -10.51 -4.66
N VAL A 13 -6.83 -9.20 -4.46
CA VAL A 13 -6.80 -8.58 -3.13
C VAL A 13 -7.44 -9.46 -2.06
N ARG A 14 -6.65 -9.84 -1.07
CA ARG A 14 -7.14 -10.66 0.02
C ARG A 14 -7.20 -9.85 1.32
N ASN A 15 -8.36 -9.85 1.96
CA ASN A 15 -8.55 -9.11 3.20
C ASN A 15 -8.34 -7.61 3.02
N GLY A 16 -8.79 -7.08 1.87
CA GLY A 16 -8.64 -5.66 1.60
C GLY A 16 -7.24 -5.29 1.15
N ARG A 17 -6.34 -6.27 1.13
CA ARG A 17 -4.96 -6.05 0.72
C ARG A 17 -4.64 -6.97 -0.45
N LEU A 18 -3.57 -6.70 -1.18
CA LEU A 18 -3.22 -7.54 -2.31
C LEU A 18 -2.06 -8.44 -1.92
N PHE A 19 -2.29 -9.75 -2.04
CA PHE A 19 -1.30 -10.73 -1.66
C PHE A 19 -0.51 -11.24 -2.86
N CYS A 20 0.81 -11.20 -2.75
CA CYS A 20 1.71 -11.66 -3.80
C CYS A 20 1.44 -13.10 -4.18
N THR A 21 1.74 -13.43 -5.43
CA THR A 21 1.58 -14.77 -5.94
C THR A 21 2.88 -15.52 -5.82
N ARG A 22 2.82 -16.84 -5.90
CA ARG A 22 4.01 -17.67 -5.80
C ARG A 22 5.22 -16.98 -6.42
N GLU A 23 4.97 -16.23 -7.48
CA GLU A 23 6.00 -15.49 -8.16
C GLU A 23 6.37 -14.24 -7.36
N SER A 24 7.35 -14.40 -6.46
CA SER A 24 7.80 -13.29 -5.62
C SER A 24 9.22 -12.92 -5.99
N ASP A 25 9.35 -12.04 -6.98
CA ASP A 25 10.64 -11.62 -7.47
C ASP A 25 11.11 -10.30 -6.86
N PRO A 26 12.23 -10.30 -6.11
CA PRO A 26 12.76 -9.09 -5.48
C PRO A 26 13.22 -8.03 -6.45
N VAL A 27 12.99 -6.79 -6.05
CA VAL A 27 13.34 -5.61 -6.80
C VAL A 27 13.42 -4.48 -5.80
N ARG A 28 14.11 -3.39 -6.10
CA ARG A 28 14.20 -2.34 -5.11
C ARG A 28 13.03 -1.39 -5.26
N GLY A 29 12.45 -1.04 -4.12
CA GLY A 29 11.29 -0.18 -4.08
C GLY A 29 11.12 0.38 -2.71
N PRO A 30 10.31 1.42 -2.51
CA PRO A 30 10.12 2.04 -1.21
C PRO A 30 10.31 1.07 -0.03
N ASP A 31 9.52 -0.01 0.02
CA ASP A 31 9.66 -0.96 1.12
C ASP A 31 10.87 -1.87 0.92
N GLY A 32 11.47 -1.80 -0.27
CA GLY A 32 12.66 -2.58 -0.59
C GLY A 32 12.61 -4.00 -0.06
N ARG A 33 11.44 -4.59 -0.11
CA ARG A 33 11.27 -5.96 0.34
C ARG A 33 10.63 -6.79 -0.75
N MET A 34 11.28 -6.81 -1.90
CA MET A 34 10.79 -7.53 -3.08
C MET A 34 9.84 -6.65 -3.86
N HIS A 35 10.32 -5.46 -4.21
CA HIS A 35 9.52 -4.51 -4.98
C HIS A 35 9.09 -5.12 -6.31
N GLY A 36 9.70 -6.25 -6.68
CA GLY A 36 9.31 -6.92 -7.90
C GLY A 36 8.04 -7.69 -7.68
N ASN A 37 7.66 -7.79 -6.41
CA ASN A 37 6.43 -8.42 -6.01
C ASN A 37 5.42 -7.32 -5.83
N LYS A 38 4.37 -7.36 -6.61
CA LYS A 38 3.36 -6.31 -6.56
C LYS A 38 2.78 -6.16 -5.15
N CYS A 39 2.80 -7.24 -4.39
CA CYS A 39 2.26 -7.21 -3.02
C CYS A 39 3.08 -6.33 -2.07
N ALA A 40 4.40 -6.52 -2.08
CA ALA A 40 5.29 -5.79 -1.19
C ALA A 40 5.41 -4.33 -1.56
N LEU A 41 5.61 -4.07 -2.84
CA LEU A 41 5.77 -2.72 -3.29
C LEU A 41 4.46 -1.95 -3.20
N CYS A 42 3.37 -2.59 -3.59
CA CYS A 42 2.08 -1.94 -3.49
C CYS A 42 1.71 -1.80 -2.02
N ALA A 43 2.12 -2.78 -1.21
CA ALA A 43 1.85 -2.74 0.21
C ALA A 43 2.50 -1.53 0.85
N GLU A 44 3.65 -1.13 0.32
CA GLU A 44 4.35 0.03 0.81
C GLU A 44 3.60 1.29 0.44
N ILE A 45 2.98 1.27 -0.74
CA ILE A 45 2.23 2.41 -1.22
C ILE A 45 1.00 2.67 -0.35
N PHE A 46 0.22 1.63 -0.08
CA PHE A 46 -0.97 1.77 0.74
C PHE A 46 -0.58 2.00 2.19
N LYS A 47 0.48 1.34 2.64
CA LYS A 47 0.92 1.51 4.02
C LYS A 47 1.26 2.97 4.27
N ARG A 48 2.08 3.54 3.38
CA ARG A 48 2.48 4.93 3.48
C ARG A 48 1.34 5.88 3.13
N ARG A 49 0.66 5.60 2.02
CA ARG A 49 -0.44 6.44 1.55
C ARG A 49 -1.64 6.39 2.47
N PHE A 50 -2.06 5.18 2.82
CA PHE A 50 -3.21 4.99 3.69
C PHE A 50 -2.92 5.47 5.10
N SER A 51 -1.73 5.19 5.61
CA SER A 51 -1.38 5.62 6.95
C SER A 51 -1.23 7.14 6.99
N GLU A 52 -0.56 7.69 5.99
CA GLU A 52 -0.37 9.14 5.90
C GLU A 52 -1.69 9.83 5.58
N GLU A 53 -2.40 9.32 4.58
CA GLU A 53 -3.68 9.89 4.17
C GLU A 53 -4.76 9.66 5.23
N ASN A 54 -4.83 8.44 5.74
CA ASN A 54 -5.83 8.11 6.76
C ASN A 54 -5.47 8.75 8.09
N SER A 55 -4.18 9.02 8.29
CA SER A 55 -3.71 9.62 9.52
C SER A 55 -2.54 10.56 9.27
N LYS A 56 -2.60 11.75 9.86
CA LYS A 56 -1.54 12.76 9.72
C LYS A 56 -1.69 13.55 8.41
N THR A 57 -2.75 13.29 7.66
CA THR A 57 -2.99 13.99 6.40
C THR A 57 -4.46 13.98 6.02
N ASP A 58 -5.32 13.88 7.03
CA ASP A 58 -6.77 13.86 6.81
C ASP A 58 -7.51 13.75 8.13
N GLN A 59 -6.96 12.95 9.04
CA GLN A 59 -7.57 12.76 10.36
C GLN A 59 -6.59 12.10 11.32
N ASN A 60 -5.75 12.91 11.96
CA ASN A 60 -4.77 12.41 12.91
C ASN A 60 -5.43 11.61 14.03
N LEU A 61 -6.65 12.00 14.38
CA LEU A 61 -7.39 11.33 15.44
C LEU A 61 -6.82 11.69 16.80
N GLY A 62 -7.61 12.42 17.59
CA GLY A 62 -7.17 12.82 18.91
C GLY A 62 -6.35 14.10 18.88
N LYS A 63 -6.03 14.58 17.67
CA LYS A 63 -5.25 15.79 17.50
C LYS A 63 -5.03 16.09 16.03
N ALA A 64 -6.11 16.05 15.26
CA ALA A 64 -6.02 16.32 13.84
C ALA A 64 -5.66 17.77 13.61
N GLU A 65 -4.38 18.08 13.82
CA GLU A 65 -3.92 19.44 13.71
C GLU A 65 -4.54 20.20 14.85
N GLU A 66 -4.83 19.44 15.92
CA GLU A 66 -5.47 19.97 17.09
C GLU A 66 -6.98 19.92 16.90
N LYS A 67 -7.45 18.88 16.20
CA LYS A 67 -8.87 18.72 15.94
C LYS A 67 -9.54 18.16 17.18
N THR A 68 -9.26 16.90 17.47
CA THR A 68 -9.80 16.25 18.64
C THR A 68 -8.89 16.50 19.85
N LYS A 69 -7.75 17.17 19.61
CA LYS A 69 -6.80 17.47 20.68
C LYS A 69 -7.50 18.20 21.82
N ALA A 1 4.99 -0.54 -15.58
CA ALA A 1 4.12 0.11 -14.56
C ALA A 1 3.66 -0.90 -13.50
N GLU A 2 4.37 -0.93 -12.38
CA GLU A 2 4.03 -1.83 -11.29
C GLU A 2 2.71 -1.45 -10.64
N LYS A 3 2.43 -0.14 -10.62
CA LYS A 3 1.19 0.35 -10.03
C LYS A 3 -0.02 -0.31 -10.67
N ASP A 4 0.05 -0.48 -11.98
CA ASP A 4 -1.03 -1.11 -12.74
C ASP A 4 -1.01 -2.63 -12.52
N PHE A 5 0.18 -3.18 -12.29
CA PHE A 5 0.32 -4.60 -12.03
C PHE A 5 -0.23 -4.89 -10.66
N CYS A 6 -0.01 -3.95 -9.76
CA CYS A 6 -0.50 -4.06 -8.42
C CYS A 6 -1.93 -3.56 -8.37
N LYS A 7 -2.34 -2.84 -9.42
CA LYS A 7 -3.70 -2.37 -9.55
C LYS A 7 -4.61 -3.57 -9.75
N GLU A 8 -4.20 -4.46 -10.66
CA GLU A 8 -4.96 -5.67 -10.91
C GLU A 8 -4.77 -6.65 -9.78
N TYR A 9 -3.64 -6.52 -9.11
CA TYR A 9 -3.32 -7.36 -7.97
C TYR A 9 -4.18 -6.93 -6.78
N GLU A 10 -4.63 -5.68 -6.82
CA GLU A 10 -5.48 -5.14 -5.77
C GLU A 10 -6.78 -5.91 -5.75
N LYS A 11 -7.24 -6.28 -6.92
CA LYS A 11 -8.48 -7.02 -7.05
C LYS A 11 -8.37 -8.38 -6.35
N GLN A 12 -7.14 -8.86 -6.19
CA GLN A 12 -6.88 -10.13 -5.52
C GLN A 12 -6.60 -9.89 -4.03
N VAL A 13 -6.54 -8.62 -3.64
CA VAL A 13 -6.27 -8.21 -2.27
C VAL A 13 -6.86 -9.18 -1.25
N ARG A 14 -5.98 -9.81 -0.47
CA ARG A 14 -6.41 -10.75 0.55
C ARG A 14 -6.24 -10.13 1.94
N ASN A 15 -7.32 -10.14 2.72
CA ASN A 15 -7.29 -9.58 4.07
C ASN A 15 -7.01 -8.07 4.04
N GLY A 16 -7.51 -7.40 3.01
CA GLY A 16 -7.31 -5.96 2.89
C GLY A 16 -5.96 -5.60 2.28
N ARG A 17 -5.13 -6.62 2.05
CA ARG A 17 -3.81 -6.43 1.45
C ARG A 17 -3.70 -7.26 0.18
N LEU A 18 -2.73 -6.95 -0.66
CA LEU A 18 -2.59 -7.71 -1.90
C LEU A 18 -1.43 -8.68 -1.76
N PHE A 19 -1.73 -9.96 -1.96
CA PHE A 19 -0.74 -11.01 -1.80
C PHE A 19 -0.08 -11.39 -3.12
N CYS A 20 1.25 -11.39 -3.11
CA CYS A 20 2.05 -11.74 -4.29
C CYS A 20 1.87 -13.20 -4.69
N THR A 21 2.07 -13.47 -5.96
CA THR A 21 1.95 -14.81 -6.52
C THR A 21 3.33 -15.45 -6.55
N ARG A 22 3.35 -16.77 -6.68
CA ARG A 22 4.61 -17.53 -6.72
C ARG A 22 5.73 -16.70 -7.32
N GLU A 23 5.37 -15.94 -8.34
CA GLU A 23 6.31 -15.06 -9.01
C GLU A 23 6.65 -13.88 -8.10
N SER A 24 7.52 -14.14 -7.13
CA SER A 24 7.92 -13.12 -6.16
C SER A 24 9.38 -12.75 -6.36
N ASP A 25 9.64 -11.86 -7.31
CA ASP A 25 10.99 -11.44 -7.62
C ASP A 25 11.37 -10.13 -6.92
N PRO A 26 12.39 -10.15 -6.04
CA PRO A 26 12.83 -8.97 -5.31
C PRO A 26 13.45 -7.89 -6.18
N VAL A 27 13.18 -6.66 -5.77
CA VAL A 27 13.67 -5.45 -6.41
C VAL A 27 13.73 -4.40 -5.32
N ARG A 28 14.50 -3.33 -5.48
CA ARG A 28 14.58 -2.37 -4.40
C ARG A 28 13.47 -1.33 -4.54
N GLY A 29 12.84 -1.05 -3.41
CA GLY A 29 11.74 -0.11 -3.35
C GLY A 29 11.57 0.38 -1.94
N PRO A 30 10.81 1.46 -1.71
CA PRO A 30 10.62 2.00 -0.38
C PRO A 30 10.48 0.92 0.71
N ASP A 31 9.69 -0.12 0.45
CA ASP A 31 9.54 -1.20 1.44
C ASP A 31 10.75 -2.14 1.40
N GLY A 32 11.59 -1.97 0.38
CA GLY A 32 12.81 -2.75 0.24
C GLY A 32 12.66 -4.21 0.64
N ARG A 33 11.47 -4.74 0.44
CA ARG A 33 11.21 -6.13 0.77
C ARG A 33 10.56 -6.85 -0.40
N MET A 34 11.25 -6.85 -1.54
CA MET A 34 10.78 -7.47 -2.75
C MET A 34 9.94 -6.49 -3.57
N HIS A 35 10.48 -5.29 -3.77
CA HIS A 35 9.78 -4.27 -4.54
C HIS A 35 9.51 -4.80 -5.95
N GLY A 36 10.17 -5.89 -6.33
CA GLY A 36 9.94 -6.47 -7.63
C GLY A 36 8.67 -7.28 -7.61
N ASN A 37 8.22 -7.61 -6.40
CA ASN A 37 6.99 -8.32 -6.22
C ASN A 37 5.92 -7.26 -6.02
N LYS A 38 4.86 -7.36 -6.79
CA LYS A 38 3.82 -6.36 -6.73
C LYS A 38 3.23 -6.25 -5.32
N CYS A 39 3.28 -7.34 -4.56
CA CYS A 39 2.72 -7.35 -3.21
C CYS A 39 3.49 -6.47 -2.21
N ALA A 40 4.81 -6.60 -2.16
CA ALA A 40 5.63 -5.87 -1.21
C ALA A 40 5.71 -4.40 -1.52
N LEU A 41 5.96 -4.06 -2.76
CA LEU A 41 6.08 -2.68 -3.13
C LEU A 41 4.72 -2.02 -3.12
N CYS A 42 3.71 -2.72 -3.63
CA CYS A 42 2.37 -2.17 -3.63
C CYS A 42 1.90 -2.01 -2.19
N ALA A 43 2.27 -2.98 -1.34
CA ALA A 43 1.92 -2.92 0.06
C ALA A 43 2.53 -1.67 0.70
N GLU A 44 3.71 -1.30 0.20
CA GLU A 44 4.42 -0.12 0.67
C GLU A 44 3.60 1.11 0.34
N ILE A 45 2.97 1.08 -0.82
CA ILE A 45 2.15 2.19 -1.26
C ILE A 45 0.93 2.34 -0.36
N PHE A 46 0.31 1.21 -0.04
CA PHE A 46 -0.87 1.21 0.83
C PHE A 46 -0.50 1.64 2.23
N LYS A 47 0.61 1.12 2.75
CA LYS A 47 1.05 1.48 4.09
C LYS A 47 1.25 2.99 4.19
N ARG A 48 2.00 3.55 3.24
CA ARG A 48 2.27 4.98 3.21
C ARG A 48 1.04 5.78 2.82
N ARG A 49 0.37 5.36 1.74
CA ARG A 49 -0.80 6.06 1.24
C ARG A 49 -1.99 5.96 2.19
N PHE A 50 -2.28 4.74 2.62
CA PHE A 50 -3.39 4.50 3.52
C PHE A 50 -3.15 5.11 4.89
N SER A 51 -1.94 4.97 5.41
CA SER A 51 -1.63 5.53 6.71
C SER A 51 -1.63 7.05 6.64
N GLU A 52 -1.01 7.59 5.60
CA GLU A 52 -0.96 9.04 5.41
C GLU A 52 -2.33 9.59 5.05
N GLU A 53 -2.99 8.95 4.09
CA GLU A 53 -4.32 9.38 3.65
C GLU A 53 -5.37 9.11 4.72
N ASN A 54 -5.33 7.93 5.32
CA ASN A 54 -6.30 7.58 6.35
C ASN A 54 -6.02 8.35 7.63
N SER A 55 -4.78 8.77 7.81
CA SER A 55 -4.38 9.52 9.00
C SER A 55 -3.30 10.54 8.68
N LYS A 56 -3.48 11.76 9.17
CA LYS A 56 -2.53 12.85 8.96
C LYS A 56 -2.67 13.48 7.57
N THR A 57 -3.76 13.14 6.87
CA THR A 57 -3.99 13.70 5.54
C THR A 57 -5.44 13.49 5.11
N ASP A 58 -6.34 13.45 6.07
CA ASP A 58 -7.77 13.28 5.81
C ASP A 58 -8.57 13.24 7.11
N GLN A 59 -8.02 12.56 8.10
CA GLN A 59 -8.67 12.43 9.41
C GLN A 59 -7.70 11.89 10.46
N ASN A 60 -6.99 12.79 11.12
CA ASN A 60 -6.03 12.40 12.14
C ASN A 60 -6.67 11.50 13.19
N LEU A 61 -7.97 11.70 13.43
CA LEU A 61 -8.71 10.92 14.41
C LEU A 61 -8.35 11.33 15.83
N GLY A 62 -9.34 11.75 16.59
CA GLY A 62 -9.10 12.18 17.96
C GLY A 62 -8.82 13.67 18.05
N LYS A 63 -8.49 14.29 16.92
CA LYS A 63 -8.21 15.72 16.88
C LYS A 63 -7.74 16.13 15.49
N ALA A 64 -8.54 15.81 14.49
CA ALA A 64 -8.21 16.17 13.11
C ALA A 64 -8.24 17.67 12.94
N GLU A 65 -7.22 18.33 13.48
CA GLU A 65 -7.17 19.78 13.44
C GLU A 65 -8.31 20.25 14.31
N GLU A 66 -8.69 19.37 15.25
CA GLU A 66 -9.79 19.61 16.15
C GLU A 66 -11.09 19.25 15.47
N LYS A 67 -11.05 18.21 14.62
CA LYS A 67 -12.25 17.78 13.91
C LYS A 67 -12.91 16.62 14.64
N THR A 68 -12.16 15.53 14.76
CA THR A 68 -12.67 14.35 15.45
C THR A 68 -12.50 14.51 16.96
N LYS A 69 -11.84 15.60 17.37
CA LYS A 69 -11.62 15.86 18.79
C LYS A 69 -12.92 15.74 19.59
N ALA A 1 4.33 -1.79 -15.85
CA ALA A 1 4.67 -1.17 -14.55
C ALA A 1 4.06 -1.96 -13.39
N GLU A 2 4.70 -1.88 -12.23
CA GLU A 2 4.21 -2.58 -11.04
C GLU A 2 2.89 -2.01 -10.56
N LYS A 3 2.72 -0.69 -10.74
CA LYS A 3 1.50 -0.03 -10.32
C LYS A 3 0.28 -0.69 -10.95
N ASP A 4 0.39 -1.03 -12.23
CA ASP A 4 -0.69 -1.69 -12.94
C ASP A 4 -0.78 -3.16 -12.53
N PHE A 5 0.36 -3.73 -12.14
CA PHE A 5 0.41 -5.11 -11.70
C PHE A 5 -0.27 -5.20 -10.36
N CYS A 6 -0.06 -4.16 -9.57
CA CYS A 6 -0.65 -4.09 -8.26
C CYS A 6 -2.06 -3.52 -8.37
N LYS A 7 -2.35 -2.91 -9.53
CA LYS A 7 -3.68 -2.39 -9.80
C LYS A 7 -4.64 -3.56 -9.93
N GLU A 8 -4.25 -4.55 -10.72
CA GLU A 8 -5.07 -5.73 -10.92
C GLU A 8 -4.99 -6.63 -9.70
N TYR A 9 -3.88 -6.53 -8.99
CA TYR A 9 -3.68 -7.29 -7.78
C TYR A 9 -4.55 -6.71 -6.68
N GLU A 10 -4.90 -5.44 -6.82
CA GLU A 10 -5.74 -4.76 -5.84
C GLU A 10 -7.12 -5.41 -5.82
N LYS A 11 -7.56 -5.84 -7.00
CA LYS A 11 -8.86 -6.47 -7.12
C LYS A 11 -8.91 -7.78 -6.34
N GLN A 12 -7.74 -8.39 -6.15
CA GLN A 12 -7.65 -9.65 -5.40
C GLN A 12 -7.16 -9.40 -3.97
N VAL A 13 -6.83 -8.15 -3.67
CA VAL A 13 -6.34 -7.74 -2.35
C VAL A 13 -6.87 -8.63 -1.24
N ARG A 14 -5.95 -9.22 -0.49
CA ARG A 14 -6.32 -10.09 0.61
C ARG A 14 -6.06 -9.40 1.95
N ASN A 15 -7.04 -9.48 2.85
CA ASN A 15 -6.95 -8.85 4.17
C ASN A 15 -6.53 -7.39 4.07
N GLY A 16 -7.12 -6.66 3.13
CA GLY A 16 -6.82 -5.24 2.96
C GLY A 16 -5.48 -5.00 2.27
N ARG A 17 -4.78 -6.07 1.93
CA ARG A 17 -3.49 -5.98 1.28
C ARG A 17 -3.52 -6.73 -0.05
N LEU A 18 -2.57 -6.45 -0.93
CA LEU A 18 -2.52 -7.14 -2.21
C LEU A 18 -1.42 -8.19 -2.18
N PHE A 19 -1.82 -9.43 -2.45
CA PHE A 19 -0.89 -10.54 -2.39
C PHE A 19 -0.27 -10.89 -3.74
N CYS A 20 1.06 -10.97 -3.73
CA CYS A 20 1.84 -11.30 -4.93
C CYS A 20 1.59 -12.73 -5.41
N THR A 21 1.78 -12.93 -6.70
CA THR A 21 1.60 -14.23 -7.33
C THR A 21 2.95 -14.93 -7.41
N ARG A 22 2.92 -16.24 -7.61
CA ARG A 22 4.14 -17.04 -7.70
C ARG A 22 5.30 -16.21 -8.26
N GLU A 23 4.97 -15.38 -9.24
CA GLU A 23 5.94 -14.50 -9.86
C GLU A 23 6.33 -13.40 -8.87
N SER A 24 7.25 -13.73 -7.97
CA SER A 24 7.70 -12.79 -6.95
C SER A 24 9.16 -12.42 -7.17
N ASP A 25 9.41 -11.48 -8.06
CA ASP A 25 10.77 -11.06 -8.38
C ASP A 25 11.17 -9.80 -7.61
N PRO A 26 12.21 -9.88 -6.75
CA PRO A 26 12.69 -8.74 -5.96
C PRO A 26 13.32 -7.63 -6.78
N VAL A 27 13.09 -6.42 -6.31
CA VAL A 27 13.61 -5.19 -6.90
C VAL A 27 13.70 -4.19 -5.76
N ARG A 28 14.51 -3.15 -5.88
CA ARG A 28 14.62 -2.23 -4.77
C ARG A 28 13.54 -1.17 -4.88
N GLY A 29 12.92 -0.89 -3.74
CA GLY A 29 11.83 0.05 -3.68
C GLY A 29 11.58 0.44 -2.25
N PRO A 30 10.83 1.51 -1.98
CA PRO A 30 10.56 1.96 -0.64
C PRO A 30 10.50 0.84 0.41
N ASP A 31 9.72 -0.21 0.15
CA ASP A 31 9.63 -1.32 1.11
C ASP A 31 10.87 -2.22 1.03
N GLY A 32 11.69 -2.00 0.00
CA GLY A 32 12.93 -2.76 -0.17
C GLY A 32 12.80 -4.21 0.18
N ARG A 33 11.64 -4.77 -0.10
CA ARG A 33 11.39 -6.17 0.19
C ARG A 33 10.68 -6.83 -0.99
N MET A 34 11.34 -6.77 -2.15
CA MET A 34 10.80 -7.33 -3.38
C MET A 34 9.97 -6.30 -4.12
N HIS A 35 10.54 -5.11 -4.33
CA HIS A 35 9.85 -4.06 -5.05
C HIS A 35 9.51 -4.52 -6.46
N GLY A 36 10.13 -5.61 -6.90
CA GLY A 36 9.83 -6.13 -8.22
C GLY A 36 8.54 -6.90 -8.16
N ASN A 37 8.14 -7.24 -6.92
CA ASN A 37 6.89 -7.90 -6.67
C ASN A 37 5.89 -6.81 -6.40
N LYS A 38 4.86 -6.75 -7.20
CA LYS A 38 3.86 -5.71 -7.06
C LYS A 38 3.25 -5.72 -5.66
N CYS A 39 3.25 -6.87 -5.01
CA CYS A 39 2.68 -6.98 -3.67
C CYS A 39 3.48 -6.21 -2.62
N ALA A 40 4.79 -6.40 -2.59
CA ALA A 40 5.65 -5.76 -1.62
C ALA A 40 5.79 -4.27 -1.83
N LEU A 41 6.04 -3.89 -3.08
CA LEU A 41 6.21 -2.50 -3.40
C LEU A 41 4.88 -1.77 -3.31
N CYS A 42 3.83 -2.41 -3.81
CA CYS A 42 2.52 -1.80 -3.75
C CYS A 42 2.07 -1.74 -2.29
N ALA A 43 2.45 -2.76 -1.52
CA ALA A 43 2.13 -2.81 -0.11
C ALA A 43 2.75 -1.61 0.61
N GLU A 44 3.92 -1.19 0.14
CA GLU A 44 4.60 -0.04 0.71
C GLU A 44 3.78 1.21 0.46
N ILE A 45 3.20 1.27 -0.74
CA ILE A 45 2.38 2.39 -1.12
C ILE A 45 1.17 2.51 -0.23
N PHE A 46 0.47 1.40 -0.03
CA PHE A 46 -0.71 1.37 0.82
C PHE A 46 -0.35 1.76 2.24
N LYS A 47 0.78 1.28 2.73
CA LYS A 47 1.21 1.61 4.08
C LYS A 47 1.33 3.12 4.23
N ARG A 48 2.05 3.74 3.30
CA ARG A 48 2.25 5.19 3.32
C ARG A 48 0.97 5.95 2.96
N ARG A 49 0.32 5.53 1.87
CA ARG A 49 -0.90 6.18 1.39
C ARG A 49 -2.07 5.99 2.33
N PHE A 50 -2.29 4.75 2.74
CA PHE A 50 -3.38 4.42 3.63
C PHE A 50 -3.17 5.00 5.02
N SER A 51 -1.94 4.93 5.51
CA SER A 51 -1.65 5.47 6.83
C SER A 51 -1.76 6.99 6.82
N GLU A 52 -1.20 7.61 5.79
CA GLU A 52 -1.25 9.05 5.64
C GLU A 52 -2.67 9.51 5.31
N GLU A 53 -3.29 8.85 4.33
CA GLU A 53 -4.64 9.20 3.91
C GLU A 53 -5.66 8.83 4.98
N ASN A 54 -5.54 7.63 5.55
CA ASN A 54 -6.47 7.20 6.58
C ASN A 54 -6.25 7.99 7.87
N SER A 55 -5.03 8.51 8.03
CA SER A 55 -4.68 9.28 9.21
C SER A 55 -3.61 10.32 8.90
N LYS A 56 -3.82 11.55 9.37
CA LYS A 56 -2.87 12.65 9.16
C LYS A 56 -3.02 13.27 7.77
N THR A 57 -4.13 13.01 7.10
CA THR A 57 -4.37 13.56 5.77
C THR A 57 -5.84 13.43 5.37
N ASP A 58 -6.70 13.39 6.37
CA ASP A 58 -8.15 13.28 6.16
C ASP A 58 -8.92 13.55 7.44
N GLN A 59 -8.32 14.33 8.34
CA GLN A 59 -8.94 14.65 9.61
C GLN A 59 -9.33 13.39 10.37
N ASN A 60 -8.41 12.42 10.39
CA ASN A 60 -8.64 11.16 11.10
C ASN A 60 -9.53 10.23 10.27
N LEU A 61 -10.71 10.72 9.90
CA LEU A 61 -11.65 9.94 9.11
C LEU A 61 -12.22 8.79 9.93
N GLY A 62 -13.53 8.57 9.82
CA GLY A 62 -14.17 7.50 10.56
C GLY A 62 -14.50 7.89 11.99
N LYS A 63 -14.33 9.17 12.32
CA LYS A 63 -14.61 9.66 13.66
C LYS A 63 -15.11 11.10 13.63
N ALA A 64 -14.50 11.93 12.79
CA ALA A 64 -14.92 13.32 12.68
C ALA A 64 -16.38 13.42 12.25
N GLU A 65 -17.01 12.27 12.14
CA GLU A 65 -18.42 12.19 11.79
C GLU A 65 -19.22 12.05 13.07
N GLU A 66 -18.64 11.36 14.05
CA GLU A 66 -19.28 11.18 15.34
C GLU A 66 -18.31 10.63 16.39
N LYS A 67 -17.17 11.30 16.48
CA LYS A 67 -16.12 10.94 17.41
C LYS A 67 -15.17 12.12 17.52
N THR A 68 -14.78 12.65 16.37
CA THR A 68 -13.92 13.81 16.31
C THR A 68 -14.71 15.02 15.79
N LYS A 69 -16.02 14.85 15.60
CA LYS A 69 -16.85 15.95 15.11
C LYS A 69 -17.03 17.01 16.18
N ALA A 1 4.77 -0.26 -15.55
CA ALA A 1 4.19 0.36 -14.34
C ALA A 1 3.72 -0.70 -13.36
N GLU A 2 4.38 -0.78 -12.20
CA GLU A 2 4.03 -1.75 -11.17
C GLU A 2 2.68 -1.42 -10.56
N LYS A 3 2.37 -0.13 -10.48
CA LYS A 3 1.11 0.31 -9.90
C LYS A 3 -0.06 -0.35 -10.62
N ASP A 4 0.09 -0.53 -11.93
CA ASP A 4 -0.95 -1.16 -12.74
C ASP A 4 -0.94 -2.68 -12.51
N PHE A 5 0.25 -3.22 -12.24
CA PHE A 5 0.38 -4.63 -11.97
C PHE A 5 -0.21 -4.93 -10.62
N CYS A 6 -0.01 -3.98 -9.72
CA CYS A 6 -0.55 -4.08 -8.39
C CYS A 6 -1.98 -3.59 -8.39
N LYS A 7 -2.37 -2.88 -9.45
CA LYS A 7 -3.73 -2.43 -9.61
C LYS A 7 -4.62 -3.63 -9.83
N GLU A 8 -4.18 -4.51 -10.72
CA GLU A 8 -4.94 -5.73 -11.00
C GLU A 8 -4.76 -6.71 -9.86
N TYR A 9 -3.64 -6.58 -9.17
CA TYR A 9 -3.34 -7.42 -8.03
C TYR A 9 -4.22 -7.00 -6.86
N GLU A 10 -4.68 -5.75 -6.91
CA GLU A 10 -5.54 -5.22 -5.85
C GLU A 10 -6.85 -6.00 -5.85
N LYS A 11 -7.29 -6.36 -7.04
CA LYS A 11 -8.53 -7.11 -7.19
C LYS A 11 -8.42 -8.47 -6.52
N GLN A 12 -7.19 -8.97 -6.39
CA GLN A 12 -6.94 -10.25 -5.75
C GLN A 12 -6.63 -10.06 -4.26
N VAL A 13 -6.55 -8.79 -3.83
CA VAL A 13 -6.26 -8.43 -2.46
C VAL A 13 -6.83 -9.43 -1.46
N ARG A 14 -5.96 -10.07 -0.69
CA ARG A 14 -6.39 -11.03 0.30
C ARG A 14 -6.21 -10.46 1.70
N ASN A 15 -7.28 -10.48 2.49
CA ASN A 15 -7.25 -9.95 3.86
C ASN A 15 -7.00 -8.44 3.86
N GLY A 16 -7.53 -7.75 2.85
CA GLY A 16 -7.36 -6.31 2.75
C GLY A 16 -6.02 -5.91 2.17
N ARG A 17 -5.17 -6.90 1.88
CA ARG A 17 -3.86 -6.66 1.31
C ARG A 17 -3.73 -7.40 0.00
N LEU A 18 -2.74 -7.05 -0.82
CA LEU A 18 -2.57 -7.73 -2.09
C LEU A 18 -1.40 -8.70 -1.98
N PHE A 19 -1.68 -9.97 -2.25
CA PHE A 19 -0.67 -10.99 -2.14
C PHE A 19 -0.01 -11.33 -3.47
N CYS A 20 1.32 -11.32 -3.46
CA CYS A 20 2.12 -11.62 -4.64
C CYS A 20 1.91 -13.04 -5.13
N THR A 21 2.14 -13.24 -6.42
CA THR A 21 1.99 -14.54 -7.05
C THR A 21 3.34 -15.23 -7.10
N ARG A 22 3.33 -16.55 -7.31
CA ARG A 22 4.55 -17.34 -7.36
C ARG A 22 5.72 -16.52 -7.89
N GLU A 23 5.42 -15.68 -8.87
CA GLU A 23 6.40 -14.81 -9.47
C GLU A 23 6.76 -13.71 -8.46
N SER A 24 7.65 -14.05 -7.53
CA SER A 24 8.08 -13.12 -6.49
C SER A 24 9.51 -12.67 -6.73
N ASP A 25 9.69 -11.71 -7.63
CA ASP A 25 11.01 -11.21 -7.98
C ASP A 25 11.33 -9.91 -7.21
N PRO A 26 12.39 -9.91 -6.37
CA PRO A 26 12.77 -8.73 -5.60
C PRO A 26 13.40 -7.63 -6.44
N VAL A 27 13.08 -6.41 -6.04
CA VAL A 27 13.57 -5.19 -6.65
C VAL A 27 13.63 -4.16 -5.55
N ARG A 28 14.40 -3.10 -5.70
CA ARG A 28 14.48 -2.14 -4.61
C ARG A 28 13.36 -1.13 -4.74
N GLY A 29 12.72 -0.86 -3.60
CA GLY A 29 11.60 0.04 -3.53
C GLY A 29 11.46 0.57 -2.13
N PRO A 30 10.69 1.63 -1.90
CA PRO A 30 10.52 2.21 -0.58
C PRO A 30 10.51 1.17 0.55
N ASP A 31 9.71 0.10 0.40
CA ASP A 31 9.67 -0.94 1.44
C ASP A 31 10.91 -1.83 1.36
N GLY A 32 11.67 -1.70 0.26
CA GLY A 32 12.89 -2.47 0.07
C GLY A 32 12.76 -3.92 0.46
N ARG A 33 11.70 -4.55 -0.01
CA ARG A 33 11.46 -5.95 0.29
C ARG A 33 10.75 -6.64 -0.86
N MET A 34 11.41 -6.70 -2.02
CA MET A 34 10.85 -7.33 -3.19
C MET A 34 9.97 -6.34 -3.97
N HIS A 35 10.52 -5.16 -4.24
CA HIS A 35 9.78 -4.15 -5.00
C HIS A 35 9.43 -4.69 -6.38
N GLY A 36 10.07 -5.79 -6.78
CA GLY A 36 9.77 -6.40 -8.05
C GLY A 36 8.50 -7.20 -7.94
N ASN A 37 8.13 -7.53 -6.71
CA ASN A 37 6.91 -8.23 -6.42
C ASN A 37 5.87 -7.16 -6.17
N LYS A 38 4.80 -7.21 -6.92
CA LYS A 38 3.76 -6.19 -6.79
C LYS A 38 3.21 -6.15 -5.38
N CYS A 39 3.28 -7.25 -4.66
CA CYS A 39 2.74 -7.31 -3.31
C CYS A 39 3.50 -6.46 -2.28
N ALA A 40 4.83 -6.59 -2.26
CA ALA A 40 5.64 -5.86 -1.30
C ALA A 40 5.70 -4.38 -1.57
N LEU A 41 5.94 -4.02 -2.81
CA LEU A 41 6.04 -2.62 -3.15
C LEU A 41 4.67 -1.98 -3.10
N CYS A 42 3.66 -2.68 -3.62
CA CYS A 42 2.32 -2.15 -3.60
C CYS A 42 1.86 -2.03 -2.15
N ALA A 43 2.26 -3.00 -1.32
CA ALA A 43 1.93 -2.98 0.09
C ALA A 43 2.54 -1.73 0.73
N GLU A 44 3.70 -1.34 0.22
CA GLU A 44 4.40 -0.17 0.70
C GLU A 44 3.59 1.07 0.38
N ILE A 45 2.95 1.04 -0.79
CA ILE A 45 2.14 2.15 -1.25
C ILE A 45 0.93 2.33 -0.33
N PHE A 46 0.28 1.22 -0.01
CA PHE A 46 -0.88 1.24 0.86
C PHE A 46 -0.49 1.69 2.26
N LYS A 47 0.61 1.16 2.77
CA LYS A 47 1.07 1.54 4.10
C LYS A 47 1.28 3.05 4.19
N ARG A 48 2.02 3.59 3.23
CA ARG A 48 2.30 5.02 3.19
C ARG A 48 1.06 5.83 2.81
N ARG A 49 0.39 5.41 1.73
CA ARG A 49 -0.80 6.13 1.25
C ARG A 49 -1.98 6.02 2.19
N PHE A 50 -2.26 4.80 2.63
CA PHE A 50 -3.38 4.56 3.53
C PHE A 50 -3.12 5.16 4.90
N SER A 51 -1.92 5.02 5.41
CA SER A 51 -1.59 5.57 6.71
C SER A 51 -1.59 7.10 6.66
N GLU A 52 -0.98 7.64 5.61
CA GLU A 52 -0.93 9.09 5.42
C GLU A 52 -2.31 9.64 5.09
N GLU A 53 -2.98 9.00 4.13
CA GLU A 53 -4.31 9.43 3.71
C GLU A 53 -5.34 9.16 4.79
N ASN A 54 -5.28 7.97 5.39
CA ASN A 54 -6.24 7.61 6.44
C ASN A 54 -5.89 8.35 7.74
N SER A 55 -4.62 8.72 7.89
CA SER A 55 -4.17 9.42 9.08
C SER A 55 -3.10 10.47 8.74
N LYS A 56 -3.26 11.66 9.31
CA LYS A 56 -2.32 12.77 9.08
C LYS A 56 -2.61 13.51 7.78
N THR A 57 -3.57 13.03 6.99
CA THR A 57 -3.91 13.67 5.72
C THR A 57 -5.40 13.51 5.43
N ASP A 58 -6.20 13.36 6.47
CA ASP A 58 -7.64 13.21 6.33
C ASP A 58 -8.29 13.06 7.70
N GLN A 59 -7.63 12.34 8.59
CA GLN A 59 -8.14 12.12 9.94
C GLN A 59 -7.05 12.34 10.98
N ASN A 60 -6.35 13.46 10.86
CA ASN A 60 -5.29 13.80 11.79
C ASN A 60 -5.86 14.18 13.16
N LEU A 61 -7.05 14.78 13.16
CA LEU A 61 -7.71 15.18 14.39
C LEU A 61 -6.89 16.24 15.11
N GLY A 62 -7.50 17.41 15.32
CA GLY A 62 -6.81 18.49 16.00
C GLY A 62 -6.48 19.65 15.07
N LYS A 63 -6.01 19.33 13.87
CA LYS A 63 -5.66 20.35 12.90
C LYS A 63 -6.51 20.22 11.65
N ALA A 64 -6.80 18.99 11.24
CA ALA A 64 -7.63 18.77 10.07
C ALA A 64 -9.02 19.37 10.25
N GLU A 65 -9.18 20.12 11.32
CA GLU A 65 -10.42 20.80 11.63
C GLU A 65 -10.27 22.26 11.24
N GLU A 66 -9.05 22.80 11.44
CA GLU A 66 -8.76 24.17 11.08
C GLU A 66 -7.27 24.44 11.03
N LYS A 67 -6.56 23.52 10.40
CA LYS A 67 -5.12 23.61 10.25
C LYS A 67 -4.73 22.75 9.06
N THR A 68 -5.24 21.52 9.06
CA THR A 68 -5.00 20.60 7.97
C THR A 68 -6.22 20.54 7.05
N LYS A 69 -7.25 21.33 7.37
CA LYS A 69 -8.47 21.35 6.55
C LYS A 69 -9.22 22.67 6.75
N ALA A 1 4.78 -0.74 -15.49
CA ALA A 1 4.26 0.00 -14.30
C ALA A 1 3.77 -0.98 -13.23
N GLU A 2 4.39 -0.93 -12.06
CA GLU A 2 4.01 -1.80 -10.96
C GLU A 2 2.63 -1.44 -10.43
N LYS A 3 2.29 -0.16 -10.48
CA LYS A 3 1.00 0.31 -10.00
C LYS A 3 -0.13 -0.43 -10.71
N ASP A 4 0.04 -0.64 -12.01
CA ASP A 4 -0.95 -1.35 -12.80
C ASP A 4 -0.88 -2.85 -12.52
N PHE A 5 0.31 -3.34 -12.18
CA PHE A 5 0.50 -4.74 -11.86
C PHE A 5 -0.15 -5.02 -10.52
N CYS A 6 -0.03 -4.03 -9.64
CA CYS A 6 -0.62 -4.12 -8.34
C CYS A 6 -2.08 -3.70 -8.42
N LYS A 7 -2.43 -3.04 -9.53
CA LYS A 7 -3.81 -2.66 -9.77
C LYS A 7 -4.64 -3.92 -10.00
N GLU A 8 -4.09 -4.80 -10.83
CA GLU A 8 -4.75 -6.07 -11.12
C GLU A 8 -4.61 -6.99 -9.93
N TYR A 9 -3.56 -6.77 -9.16
CA TYR A 9 -3.33 -7.55 -7.96
C TYR A 9 -4.35 -7.13 -6.91
N GLU A 10 -4.86 -5.91 -7.05
CA GLU A 10 -5.86 -5.38 -6.13
C GLU A 10 -7.12 -6.20 -6.25
N LYS A 11 -7.41 -6.65 -7.46
CA LYS A 11 -8.61 -7.44 -7.72
C LYS A 11 -8.55 -8.76 -6.95
N GLN A 12 -7.34 -9.22 -6.64
CA GLN A 12 -7.15 -10.45 -5.89
C GLN A 12 -6.90 -10.15 -4.41
N VAL A 13 -6.81 -8.85 -4.10
CA VAL A 13 -6.58 -8.36 -2.74
C VAL A 13 -7.11 -9.31 -1.67
N ARG A 14 -6.21 -9.83 -0.85
CA ARG A 14 -6.60 -10.73 0.22
C ARG A 14 -6.50 -10.04 1.57
N ASN A 15 -7.59 -10.07 2.34
CA ASN A 15 -7.62 -9.43 3.65
C ASN A 15 -7.41 -7.92 3.55
N GLY A 16 -7.95 -7.32 2.48
CA GLY A 16 -7.81 -5.89 2.29
C GLY A 16 -6.46 -5.49 1.70
N ARG A 17 -5.59 -6.47 1.53
CA ARG A 17 -4.26 -6.23 0.97
C ARG A 17 -4.08 -7.09 -0.27
N LEU A 18 -3.08 -6.77 -1.09
CA LEU A 18 -2.85 -7.54 -2.30
C LEU A 18 -1.67 -8.47 -2.10
N PHE A 19 -1.94 -9.77 -2.28
CA PHE A 19 -0.91 -10.77 -2.08
C PHE A 19 -0.23 -11.20 -3.37
N CYS A 20 1.10 -11.16 -3.35
CA CYS A 20 1.92 -11.53 -4.50
C CYS A 20 1.69 -12.97 -4.92
N THR A 21 1.92 -13.24 -6.20
CA THR A 21 1.76 -14.57 -6.76
C THR A 21 3.10 -15.29 -6.75
N ARG A 22 3.05 -16.61 -6.88
CA ARG A 22 4.26 -17.45 -6.89
C ARG A 22 5.46 -16.67 -7.42
N GLU A 23 5.20 -15.88 -8.45
CA GLU A 23 6.22 -15.04 -9.04
C GLU A 23 6.59 -13.93 -8.07
N SER A 24 7.41 -14.27 -7.08
CA SER A 24 7.84 -13.31 -6.07
C SER A 24 9.30 -12.96 -6.27
N ASP A 25 9.55 -12.03 -7.17
CA ASP A 25 10.91 -11.61 -7.49
C ASP A 25 11.30 -10.33 -6.74
N PRO A 26 12.33 -10.39 -5.87
CA PRO A 26 12.77 -9.23 -5.11
C PRO A 26 13.50 -8.19 -5.94
N VAL A 27 13.26 -6.95 -5.57
CA VAL A 27 13.83 -5.77 -6.18
C VAL A 27 13.84 -4.69 -5.11
N ARG A 28 14.65 -3.66 -5.24
CA ARG A 28 14.67 -2.67 -4.18
C ARG A 28 13.61 -1.62 -4.47
N GLY A 29 12.88 -1.28 -3.42
CA GLY A 29 11.79 -0.34 -3.52
C GLY A 29 11.42 0.15 -2.14
N PRO A 30 10.65 1.23 -2.03
CA PRO A 30 10.26 1.79 -0.74
C PRO A 30 10.17 0.75 0.39
N ASP A 31 9.42 -0.34 0.18
CA ASP A 31 9.29 -1.35 1.23
C ASP A 31 10.53 -2.24 1.31
N GLY A 32 11.42 -2.10 0.32
CA GLY A 32 12.67 -2.86 0.30
C GLY A 32 12.50 -4.29 0.72
N ARG A 33 11.46 -4.91 0.21
CA ARG A 33 11.16 -6.30 0.53
C ARG A 33 10.49 -6.98 -0.65
N MET A 34 11.20 -7.05 -1.76
CA MET A 34 10.70 -7.65 -2.98
C MET A 34 9.91 -6.66 -3.80
N HIS A 35 10.54 -5.52 -4.08
CA HIS A 35 9.90 -4.49 -4.89
C HIS A 35 9.58 -5.03 -6.27
N GLY A 36 10.20 -6.15 -6.63
CA GLY A 36 9.92 -6.78 -7.90
C GLY A 36 8.62 -7.56 -7.81
N ASN A 37 8.11 -7.67 -6.59
CA ASN A 37 6.86 -8.31 -6.32
C ASN A 37 5.87 -7.20 -6.10
N LYS A 38 4.82 -7.20 -6.88
CA LYS A 38 3.82 -6.14 -6.80
C LYS A 38 3.21 -6.04 -5.41
N CYS A 39 3.21 -7.15 -4.68
CA CYS A 39 2.63 -7.16 -3.35
C CYS A 39 3.39 -6.32 -2.32
N ALA A 40 4.71 -6.48 -2.25
CA ALA A 40 5.53 -5.76 -1.29
C ALA A 40 5.64 -4.28 -1.59
N LEU A 41 5.90 -3.97 -2.85
CA LEU A 41 6.07 -2.59 -3.23
C LEU A 41 4.72 -1.87 -3.20
N CYS A 42 3.69 -2.54 -3.69
CA CYS A 42 2.37 -1.95 -3.68
C CYS A 42 1.90 -1.82 -2.24
N ALA A 43 2.28 -2.79 -1.41
CA ALA A 43 1.94 -2.78 -0.01
C ALA A 43 2.54 -1.54 0.66
N GLU A 44 3.71 -1.14 0.17
CA GLU A 44 4.39 0.04 0.70
C GLU A 44 3.56 1.26 0.38
N ILE A 45 2.94 1.25 -0.80
CA ILE A 45 2.12 2.35 -1.26
C ILE A 45 0.90 2.50 -0.35
N PHE A 46 0.25 1.38 -0.07
CA PHE A 46 -0.92 1.39 0.79
C PHE A 46 -0.54 1.77 2.21
N LYS A 47 0.53 1.18 2.73
CA LYS A 47 0.97 1.49 4.08
C LYS A 47 1.22 2.99 4.22
N ARG A 48 2.00 3.55 3.30
CA ARG A 48 2.32 4.97 3.33
C ARG A 48 1.11 5.84 2.96
N ARG A 49 0.44 5.49 1.85
CA ARG A 49 -0.71 6.26 1.39
C ARG A 49 -1.91 6.15 2.32
N PHE A 50 -2.23 4.93 2.70
CA PHE A 50 -3.36 4.69 3.57
C PHE A 50 -3.12 5.22 4.98
N SER A 51 -1.92 5.00 5.50
CA SER A 51 -1.61 5.48 6.83
C SER A 51 -1.53 7.00 6.85
N GLU A 52 -0.88 7.56 5.83
CA GLU A 52 -0.75 9.01 5.72
C GLU A 52 -2.10 9.64 5.37
N GLU A 53 -2.77 9.08 4.38
CA GLU A 53 -4.07 9.59 3.95
C GLU A 53 -5.12 9.33 5.02
N ASN A 54 -5.12 8.13 5.57
CA ASN A 54 -6.09 7.81 6.62
C ASN A 54 -5.74 8.56 7.91
N SER A 55 -4.47 8.93 8.05
CA SER A 55 -4.01 9.65 9.24
C SER A 55 -2.76 10.47 8.94
N LYS A 56 -2.83 11.78 9.21
CA LYS A 56 -1.71 12.71 9.00
C LYS A 56 -1.67 13.21 7.56
N THR A 57 -2.81 13.18 6.90
CA THR A 57 -2.95 13.64 5.52
C THR A 57 -4.40 13.49 5.08
N ASP A 58 -5.09 14.61 4.95
CA ASP A 58 -6.50 14.58 4.57
C ASP A 58 -7.30 13.84 5.64
N GLN A 59 -6.70 13.69 6.81
CA GLN A 59 -7.34 13.00 7.94
C GLN A 59 -6.64 13.35 9.24
N ASN A 60 -6.08 14.56 9.30
CA ASN A 60 -5.38 15.03 10.48
C ASN A 60 -4.92 16.47 10.30
N LEU A 61 -5.86 17.38 10.12
CA LEU A 61 -5.54 18.79 9.94
C LEU A 61 -6.80 19.63 9.85
N GLY A 62 -7.83 19.09 9.18
CA GLY A 62 -9.08 19.81 9.03
C GLY A 62 -9.91 19.80 10.31
N LYS A 63 -9.71 18.78 11.13
CA LYS A 63 -10.44 18.65 12.38
C LYS A 63 -9.55 18.94 13.56
N ALA A 64 -8.29 18.54 13.49
CA ALA A 64 -7.35 18.79 14.58
C ALA A 64 -7.17 20.29 14.81
N GLU A 65 -7.99 21.07 14.13
CA GLU A 65 -7.97 22.52 14.26
C GLU A 65 -9.14 22.92 15.16
N GLU A 66 -10.25 22.17 15.05
CA GLU A 66 -11.42 22.43 15.87
C GLU A 66 -12.38 21.25 15.85
N LYS A 67 -11.81 20.07 16.02
CA LYS A 67 -12.58 18.84 16.05
C LYS A 67 -11.72 17.79 16.73
N THR A 68 -10.47 17.71 16.30
CA THR A 68 -9.52 16.79 16.87
C THR A 68 -8.57 17.54 17.80
N LYS A 69 -8.76 18.87 17.94
CA LYS A 69 -7.92 19.67 18.80
C LYS A 69 -6.47 19.62 18.35
N ALA A 1 2.39 0.51 -16.19
CA ALA A 1 3.46 0.54 -15.17
C ALA A 1 3.15 -0.40 -14.02
N GLU A 2 4.07 -0.49 -13.07
CA GLU A 2 3.89 -1.36 -11.90
C GLU A 2 2.62 -0.98 -11.14
N LYS A 3 2.28 0.30 -11.14
CA LYS A 3 1.10 0.79 -10.45
C LYS A 3 -0.14 0.03 -10.92
N ASP A 4 -0.17 -0.26 -12.22
CA ASP A 4 -1.29 -0.98 -12.81
C ASP A 4 -1.21 -2.46 -12.45
N PHE A 5 0.01 -2.97 -12.32
CA PHE A 5 0.22 -4.36 -11.95
C PHE A 5 -0.16 -4.55 -10.51
N CYS A 6 0.16 -3.53 -9.72
CA CYS A 6 -0.16 -3.55 -8.32
C CYS A 6 -1.59 -3.08 -8.11
N LYS A 7 -2.15 -2.44 -9.15
CA LYS A 7 -3.54 -2.02 -9.12
C LYS A 7 -4.43 -3.26 -9.14
N GLU A 8 -4.08 -4.18 -10.04
CA GLU A 8 -4.81 -5.43 -10.19
C GLU A 8 -4.49 -6.36 -9.05
N TYR A 9 -3.31 -6.18 -8.47
CA TYR A 9 -2.90 -6.99 -7.35
C TYR A 9 -3.71 -6.58 -6.13
N GLU A 10 -4.20 -5.33 -6.16
CA GLU A 10 -5.02 -4.82 -5.08
C GLU A 10 -6.33 -5.58 -5.05
N LYS A 11 -6.81 -5.92 -6.24
CA LYS A 11 -8.05 -6.66 -6.38
C LYS A 11 -7.93 -8.06 -5.76
N GLN A 12 -6.70 -8.55 -5.66
CA GLN A 12 -6.43 -9.87 -5.09
C GLN A 12 -6.19 -9.77 -3.59
N VAL A 13 -6.15 -8.54 -3.07
CA VAL A 13 -5.92 -8.29 -1.65
C VAL A 13 -6.58 -9.35 -0.76
N ARG A 14 -5.76 -10.08 -0.01
CA ARG A 14 -6.28 -11.10 0.88
C ARG A 14 -6.09 -10.68 2.35
N ASN A 15 -7.17 -10.71 3.11
CA ASN A 15 -7.12 -10.35 4.52
C ASN A 15 -6.79 -8.87 4.70
N GLY A 16 -7.25 -8.03 3.76
CA GLY A 16 -6.98 -6.61 3.85
C GLY A 16 -5.66 -6.22 3.23
N ARG A 17 -4.84 -7.21 2.89
CA ARG A 17 -3.54 -6.98 2.27
C ARG A 17 -3.48 -7.72 0.96
N LEU A 18 -2.55 -7.36 0.08
CA LEU A 18 -2.45 -8.04 -1.20
C LEU A 18 -1.28 -9.00 -1.19
N PHE A 19 -1.59 -10.27 -1.44
CA PHE A 19 -0.57 -11.30 -1.43
C PHE A 19 -0.06 -11.66 -2.82
N CYS A 20 1.26 -11.65 -2.96
CA CYS A 20 1.92 -11.97 -4.23
C CYS A 20 2.01 -13.47 -4.48
N THR A 21 2.04 -13.83 -5.76
CA THR A 21 2.16 -15.22 -6.18
C THR A 21 3.57 -15.47 -6.70
N ARG A 22 3.97 -16.74 -6.75
CA ARG A 22 5.30 -17.12 -7.22
C ARG A 22 6.31 -17.12 -6.07
N GLU A 23 5.79 -17.21 -4.85
CA GLU A 23 6.61 -17.24 -3.66
C GLU A 23 7.20 -15.87 -3.31
N SER A 24 6.71 -14.86 -3.99
CA SER A 24 7.17 -13.49 -3.77
C SER A 24 8.61 -13.35 -4.19
N ASP A 25 8.82 -12.71 -5.32
CA ASP A 25 10.16 -12.51 -5.86
C ASP A 25 10.77 -11.20 -5.32
N PRO A 26 11.88 -11.30 -4.58
CA PRO A 26 12.54 -10.13 -3.98
C PRO A 26 13.25 -9.21 -4.97
N VAL A 27 13.15 -7.92 -4.68
CA VAL A 27 13.75 -6.84 -5.43
C VAL A 27 13.72 -5.64 -4.51
N ARG A 28 14.54 -4.62 -4.72
CA ARG A 28 14.53 -3.51 -3.78
C ARG A 28 13.46 -2.50 -4.17
N GLY A 29 12.73 -2.07 -3.15
CA GLY A 29 11.64 -1.15 -3.32
C GLY A 29 11.26 -0.56 -1.99
N PRO A 30 10.48 0.51 -1.95
CA PRO A 30 10.09 1.14 -0.70
C PRO A 30 9.98 0.18 0.49
N ASP A 31 9.20 -0.90 0.34
CA ASP A 31 9.05 -1.87 1.43
C ASP A 31 10.27 -2.78 1.52
N GLY A 32 11.12 -2.72 0.50
CA GLY A 32 12.35 -3.52 0.47
C GLY A 32 12.15 -4.90 1.05
N ARG A 33 11.00 -5.47 0.81
CA ARG A 33 10.70 -6.81 1.31
C ARG A 33 9.95 -7.64 0.27
N MET A 34 10.46 -7.63 -0.96
CA MET A 34 9.88 -8.37 -2.08
C MET A 34 9.32 -7.40 -3.12
N HIS A 35 10.11 -6.38 -3.45
CA HIS A 35 9.68 -5.40 -4.43
C HIS A 35 9.68 -6.01 -5.84
N GLY A 36 10.11 -7.26 -5.94
CA GLY A 36 10.10 -7.92 -7.24
C GLY A 36 8.71 -8.38 -7.57
N ASN A 37 7.90 -8.47 -6.53
CA ASN A 37 6.50 -8.83 -6.68
C ASN A 37 5.66 -7.66 -6.20
N LYS A 38 4.50 -7.50 -6.80
CA LYS A 38 3.62 -6.40 -6.48
C LYS A 38 3.17 -6.37 -5.02
N CYS A 39 3.11 -7.52 -4.36
CA CYS A 39 2.63 -7.55 -2.98
C CYS A 39 3.46 -6.72 -2.01
N ALA A 40 4.77 -6.87 -2.02
CA ALA A 40 5.64 -6.13 -1.11
C ALA A 40 5.73 -4.66 -1.44
N LEU A 41 5.96 -4.40 -2.72
CA LEU A 41 6.10 -3.04 -3.17
C LEU A 41 4.76 -2.33 -3.15
N CYS A 42 3.71 -3.04 -3.58
CA CYS A 42 2.39 -2.45 -3.56
C CYS A 42 1.93 -2.31 -2.12
N ALA A 43 2.34 -3.26 -1.27
CA ALA A 43 2.00 -3.21 0.14
C ALA A 43 2.55 -1.94 0.76
N GLU A 44 3.70 -1.49 0.28
CA GLU A 44 4.30 -0.27 0.79
C GLU A 44 3.48 0.93 0.35
N ILE A 45 2.93 0.84 -0.87
CA ILE A 45 2.13 1.92 -1.41
C ILE A 45 0.85 2.13 -0.62
N PHE A 46 0.12 1.05 -0.36
CA PHE A 46 -1.12 1.15 0.41
C PHE A 46 -0.81 1.45 1.87
N LYS A 47 0.27 0.87 2.38
CA LYS A 47 0.65 1.12 3.76
C LYS A 47 0.94 2.60 3.95
N ARG A 48 1.77 3.14 3.07
CA ARG A 48 2.14 4.55 3.11
C ARG A 48 0.97 5.45 2.68
N ARG A 49 0.34 5.11 1.55
CA ARG A 49 -0.77 5.89 1.01
C ARG A 49 -2.01 5.83 1.91
N PHE A 50 -2.39 4.63 2.29
CA PHE A 50 -3.56 4.44 3.12
C PHE A 50 -3.34 4.99 4.52
N SER A 51 -2.16 4.78 5.07
CA SER A 51 -1.87 5.29 6.41
C SER A 51 -1.79 6.81 6.39
N GLU A 52 -1.11 7.34 5.38
CA GLU A 52 -0.98 8.79 5.24
C GLU A 52 -2.32 9.42 4.85
N GLU A 53 -2.97 8.84 3.84
CA GLU A 53 -4.25 9.34 3.37
C GLU A 53 -5.35 9.09 4.38
N ASN A 54 -5.39 7.90 4.95
CA ASN A 54 -6.42 7.57 5.94
C ASN A 54 -6.12 8.27 7.27
N SER A 55 -4.87 8.60 7.50
CA SER A 55 -4.45 9.26 8.72
C SER A 55 -3.30 10.24 8.46
N LYS A 56 -3.43 11.44 9.02
CA LYS A 56 -2.41 12.49 8.86
C LYS A 56 -2.54 13.22 7.54
N THR A 57 -3.57 12.90 6.76
CA THR A 57 -3.80 13.55 5.47
C THR A 57 -5.25 13.45 5.05
N ASP A 58 -6.14 13.34 6.02
CA ASP A 58 -7.57 13.24 5.77
C ASP A 58 -8.35 13.08 7.08
N GLN A 59 -7.78 12.32 8.00
CA GLN A 59 -8.42 12.08 9.29
C GLN A 59 -7.43 11.45 10.27
N ASN A 60 -6.50 12.26 10.75
CA ASN A 60 -5.49 11.78 11.71
C ASN A 60 -6.13 11.47 13.05
N LEU A 61 -6.98 12.37 13.53
CA LEU A 61 -7.65 12.18 14.81
C LEU A 61 -8.84 13.13 14.95
N GLY A 62 -9.47 13.44 13.82
CA GLY A 62 -10.61 14.34 13.83
C GLY A 62 -10.21 15.79 13.71
N LYS A 63 -9.05 16.04 13.12
CA LYS A 63 -8.55 17.40 12.94
C LYS A 63 -8.13 17.65 11.51
N ALA A 64 -7.52 16.67 10.87
CA ALA A 64 -7.10 16.82 9.48
C ALA A 64 -8.29 17.09 8.57
N GLU A 65 -9.43 17.29 9.18
CA GLU A 65 -10.66 17.61 8.47
C GLU A 65 -10.90 19.11 8.58
N GLU A 66 -10.52 19.68 9.72
CA GLU A 66 -10.68 21.12 9.94
C GLU A 66 -9.85 21.58 11.14
N LYS A 67 -8.60 21.13 11.15
CA LYS A 67 -7.66 21.48 12.20
C LYS A 67 -6.26 21.20 11.68
N THR A 68 -6.11 20.02 11.09
CA THR A 68 -4.84 19.62 10.50
C THR A 68 -4.93 19.72 8.97
N LYS A 69 -6.09 20.16 8.46
CA LYS A 69 -6.28 20.30 7.02
C LYS A 69 -5.73 21.63 6.53
N ALA A 1 4.70 -0.43 -15.59
CA ALA A 1 3.91 0.25 -14.53
C ALA A 1 3.46 -0.73 -13.46
N GLU A 2 4.26 -0.89 -12.41
CA GLU A 2 3.94 -1.81 -11.33
C GLU A 2 2.61 -1.45 -10.69
N LYS A 3 2.30 -0.16 -10.66
CA LYS A 3 1.05 0.32 -10.06
C LYS A 3 -0.14 -0.37 -10.72
N ASP A 4 -0.03 -0.59 -12.03
CA ASP A 4 -1.09 -1.26 -12.78
C ASP A 4 -1.08 -2.76 -12.51
N PHE A 5 0.11 -3.30 -12.27
CA PHE A 5 0.26 -4.71 -11.97
C PHE A 5 -0.28 -4.96 -10.58
N CYS A 6 -0.04 -3.99 -9.72
CA CYS A 6 -0.51 -4.06 -8.37
C CYS A 6 -1.94 -3.57 -8.31
N LYS A 7 -2.37 -2.88 -9.38
CA LYS A 7 -3.74 -2.43 -9.49
C LYS A 7 -4.65 -3.63 -9.66
N GLU A 8 -4.24 -4.54 -10.55
CA GLU A 8 -4.99 -5.75 -10.78
C GLU A 8 -4.78 -6.72 -9.62
N TYR A 9 -3.65 -6.57 -8.97
CA TYR A 9 -3.33 -7.38 -7.82
C TYR A 9 -4.19 -6.94 -6.64
N GLU A 10 -4.65 -5.69 -6.69
CA GLU A 10 -5.51 -5.15 -5.65
C GLU A 10 -6.83 -5.90 -5.64
N LYS A 11 -7.27 -6.29 -6.82
CA LYS A 11 -8.52 -7.01 -6.95
C LYS A 11 -8.46 -8.35 -6.23
N GLN A 12 -7.26 -8.92 -6.14
CA GLN A 12 -7.06 -10.18 -5.46
C GLN A 12 -6.70 -9.96 -3.98
N VAL A 13 -6.55 -8.68 -3.61
CA VAL A 13 -6.19 -8.27 -2.25
C VAL A 13 -6.71 -9.26 -1.21
N ARG A 14 -5.79 -9.88 -0.48
CA ARG A 14 -6.15 -10.82 0.56
C ARG A 14 -5.92 -10.22 1.94
N ASN A 15 -6.97 -10.24 2.77
CA ASN A 15 -6.89 -9.69 4.12
C ASN A 15 -6.59 -8.19 4.09
N GLY A 16 -7.19 -7.50 3.12
CA GLY A 16 -6.98 -6.06 3.00
C GLY A 16 -5.64 -5.70 2.38
N ARG A 17 -4.85 -6.72 2.06
CA ARG A 17 -3.54 -6.52 1.45
C ARG A 17 -3.48 -7.25 0.12
N LEU A 18 -2.51 -6.92 -0.72
CA LEU A 18 -2.40 -7.59 -2.01
C LEU A 18 -1.25 -8.58 -1.96
N PHE A 19 -1.57 -9.83 -2.25
CA PHE A 19 -0.60 -10.90 -2.17
C PHE A 19 0.04 -11.21 -3.53
N CYS A 20 1.37 -11.23 -3.52
CA CYS A 20 2.16 -11.51 -4.72
C CYS A 20 1.94 -12.93 -5.22
N THR A 21 2.15 -13.10 -6.53
CA THR A 21 2.00 -14.38 -7.19
C THR A 21 3.35 -15.07 -7.26
N ARG A 22 3.33 -16.37 -7.50
CA ARG A 22 4.56 -17.17 -7.59
C ARG A 22 5.73 -16.33 -8.11
N GLU A 23 5.42 -15.47 -9.07
CA GLU A 23 6.39 -14.57 -9.64
C GLU A 23 6.79 -13.53 -8.59
N SER A 24 7.61 -13.95 -7.63
CA SER A 24 8.06 -13.06 -6.56
C SER A 24 9.51 -12.68 -6.76
N ASP A 25 9.74 -11.71 -7.64
CA ASP A 25 11.09 -11.26 -7.95
C ASP A 25 11.48 -10.00 -7.17
N PRO A 26 12.52 -10.09 -6.31
CA PRO A 26 12.98 -8.96 -5.50
C PRO A 26 13.62 -7.84 -6.31
N VAL A 27 13.41 -6.64 -5.81
CA VAL A 27 13.92 -5.41 -6.38
C VAL A 27 13.90 -4.39 -5.26
N ARG A 28 14.67 -3.31 -5.35
CA ARG A 28 14.67 -2.37 -4.24
C ARG A 28 13.57 -1.35 -4.44
N GLY A 29 12.87 -1.09 -3.33
CA GLY A 29 11.74 -0.18 -3.34
C GLY A 29 11.41 0.21 -1.93
N PRO A 30 10.61 1.24 -1.72
CA PRO A 30 10.25 1.70 -0.39
C PRO A 30 10.22 0.59 0.67
N ASP A 31 9.48 -0.50 0.42
CA ASP A 31 9.41 -1.59 1.39
C ASP A 31 10.67 -2.46 1.33
N GLY A 32 11.50 -2.22 0.31
CA GLY A 32 12.76 -2.94 0.15
C GLY A 32 12.66 -4.40 0.51
N ARG A 33 11.50 -4.98 0.26
CA ARG A 33 11.27 -6.38 0.54
C ARG A 33 10.65 -7.07 -0.66
N MET A 34 11.35 -7.00 -1.79
CA MET A 34 10.89 -7.58 -3.04
C MET A 34 10.05 -6.56 -3.81
N HIS A 35 10.60 -5.36 -3.97
CA HIS A 35 9.91 -4.31 -4.70
C HIS A 35 9.61 -4.76 -6.14
N GLY A 36 10.27 -5.83 -6.57
CA GLY A 36 10.01 -6.35 -7.89
C GLY A 36 8.73 -7.15 -7.87
N ASN A 37 8.29 -7.47 -6.65
CA ASN A 37 7.05 -8.15 -6.43
C ASN A 37 6.01 -7.09 -6.18
N LYS A 38 4.94 -7.12 -6.95
CA LYS A 38 3.91 -6.11 -6.82
C LYS A 38 3.34 -6.06 -5.41
N CYS A 39 3.39 -7.18 -4.70
CA CYS A 39 2.84 -7.23 -3.35
C CYS A 39 3.61 -6.39 -2.32
N ALA A 40 4.92 -6.52 -2.29
CA ALA A 40 5.74 -5.79 -1.33
C ALA A 40 5.81 -4.31 -1.61
N LEU A 41 6.05 -3.97 -2.86
CA LEU A 41 6.16 -2.59 -3.22
C LEU A 41 4.80 -1.91 -3.17
N CYS A 42 3.77 -2.60 -3.66
CA CYS A 42 2.44 -2.05 -3.63
C CYS A 42 1.97 -1.95 -2.19
N ALA A 43 2.39 -2.92 -1.37
CA ALA A 43 2.03 -2.93 0.04
C ALA A 43 2.62 -1.71 0.73
N GLU A 44 3.81 -1.29 0.30
CA GLU A 44 4.45 -0.14 0.89
C GLU A 44 3.73 1.14 0.52
N ILE A 45 3.23 1.20 -0.71
CA ILE A 45 2.53 2.38 -1.17
C ILE A 45 1.19 2.56 -0.45
N PHE A 46 0.42 1.48 -0.32
CA PHE A 46 -0.85 1.57 0.37
C PHE A 46 -0.65 1.75 1.86
N LYS A 47 0.38 1.11 2.41
CA LYS A 47 0.66 1.24 3.83
C LYS A 47 0.95 2.70 4.16
N ARG A 48 1.86 3.29 3.39
CA ARG A 48 2.22 4.70 3.57
C ARG A 48 1.10 5.63 3.13
N ARG A 49 0.55 5.38 1.93
CA ARG A 49 -0.50 6.23 1.38
C ARG A 49 -1.80 6.13 2.16
N PHE A 50 -2.23 4.91 2.42
CA PHE A 50 -3.46 4.67 3.16
C PHE A 50 -3.34 5.10 4.60
N SER A 51 -2.22 4.81 5.24
CA SER A 51 -2.02 5.20 6.63
C SER A 51 -1.89 6.71 6.73
N GLU A 52 -1.12 7.30 5.82
CA GLU A 52 -0.93 8.74 5.80
C GLU A 52 -2.21 9.46 5.36
N GLU A 53 -2.81 8.98 4.28
CA GLU A 53 -4.04 9.55 3.75
C GLU A 53 -5.22 9.29 4.67
N ASN A 54 -5.33 8.05 5.14
CA ASN A 54 -6.43 7.69 6.02
C ASN A 54 -6.26 8.36 7.39
N SER A 55 -5.03 8.70 7.72
CA SER A 55 -4.73 9.35 9.00
C SER A 55 -3.54 10.29 8.86
N LYS A 56 -3.72 11.55 9.28
CA LYS A 56 -2.66 12.55 9.21
C LYS A 56 -2.54 13.11 7.80
N THR A 57 -3.68 13.24 7.13
CA THR A 57 -3.72 13.77 5.77
C THR A 57 -5.16 14.13 5.42
N ASP A 58 -5.33 15.15 4.59
CA ASP A 58 -6.66 15.61 4.19
C ASP A 58 -7.58 15.69 5.42
N GLN A 59 -6.96 15.92 6.58
CA GLN A 59 -7.71 16.01 7.83
C GLN A 59 -8.45 14.71 8.10
N ASN A 60 -7.72 13.71 8.61
CA ASN A 60 -8.31 12.41 8.90
C ASN A 60 -7.92 11.96 10.31
N LEU A 61 -8.60 12.49 11.32
CA LEU A 61 -8.32 12.14 12.70
C LEU A 61 -9.41 12.68 13.63
N GLY A 62 -9.84 13.90 13.37
CA GLY A 62 -10.87 14.51 14.19
C GLY A 62 -11.89 15.27 13.37
N LYS A 63 -12.01 14.91 12.10
CA LYS A 63 -12.96 15.57 11.20
C LYS A 63 -12.77 15.09 9.77
N ALA A 64 -12.67 13.77 9.60
CA ALA A 64 -12.50 13.19 8.29
C ALA A 64 -13.74 13.44 7.44
N GLU A 65 -13.87 14.68 6.97
CA GLU A 65 -15.02 15.06 6.20
C GLU A 65 -16.19 15.03 7.17
N GLU A 66 -15.85 15.24 8.44
CA GLU A 66 -16.81 15.21 9.52
C GLU A 66 -17.05 13.76 9.92
N LYS A 67 -16.00 12.93 9.81
CA LYS A 67 -16.12 11.52 10.17
C LYS A 67 -15.65 11.31 11.60
N THR A 68 -14.36 11.53 11.82
CA THR A 68 -13.78 11.40 13.15
C THR A 68 -14.23 12.55 14.05
N LYS A 69 -14.83 13.57 13.43
CA LYS A 69 -15.31 14.74 14.18
C LYS A 69 -16.19 14.31 15.35
N ALA A 1 2.85 0.01 -16.33
CA ALA A 1 3.77 0.18 -15.17
C ALA A 1 3.42 -0.76 -14.03
N GLU A 2 4.22 -0.74 -12.98
CA GLU A 2 3.98 -1.60 -11.82
C GLU A 2 2.72 -1.19 -11.08
N LYS A 3 2.44 0.12 -11.09
CA LYS A 3 1.26 0.64 -10.41
C LYS A 3 0.00 -0.04 -10.93
N ASP A 4 -0.02 -0.31 -12.23
CA ASP A 4 -1.16 -0.99 -12.85
C ASP A 4 -1.14 -2.47 -12.52
N PHE A 5 0.06 -3.02 -12.36
CA PHE A 5 0.22 -4.42 -12.02
C PHE A 5 -0.22 -4.63 -10.59
N CYS A 6 0.10 -3.65 -9.77
CA CYS A 6 -0.27 -3.67 -8.38
C CYS A 6 -1.69 -3.16 -8.23
N LYS A 7 -2.18 -2.49 -9.28
CA LYS A 7 -3.57 -2.01 -9.31
C LYS A 7 -4.50 -3.21 -9.38
N GLU A 8 -4.17 -4.13 -10.28
CA GLU A 8 -4.96 -5.35 -10.45
C GLU A 8 -4.69 -6.30 -9.30
N TYR A 9 -3.52 -6.16 -8.71
CA TYR A 9 -3.15 -6.98 -7.56
C TYR A 9 -3.95 -6.50 -6.36
N GLU A 10 -4.39 -5.24 -6.41
CA GLU A 10 -5.19 -4.67 -5.33
C GLU A 10 -6.51 -5.41 -5.26
N LYS A 11 -7.01 -5.78 -6.43
CA LYS A 11 -8.27 -6.50 -6.52
C LYS A 11 -8.16 -7.85 -5.83
N GLN A 12 -6.94 -8.37 -5.72
CA GLN A 12 -6.70 -9.65 -5.06
C GLN A 12 -6.41 -9.46 -3.57
N VAL A 13 -6.32 -8.20 -3.15
CA VAL A 13 -6.05 -7.84 -1.76
C VAL A 13 -6.76 -8.79 -0.80
N ARG A 14 -5.96 -9.55 -0.05
CA ARG A 14 -6.50 -10.49 0.91
C ARG A 14 -6.30 -9.98 2.33
N ASN A 15 -7.38 -9.93 3.10
CA ASN A 15 -7.33 -9.46 4.48
C ASN A 15 -6.94 -7.97 4.53
N GLY A 16 -7.35 -7.23 3.49
CA GLY A 16 -7.05 -5.81 3.44
C GLY A 16 -5.68 -5.53 2.84
N ARG A 17 -4.92 -6.58 2.59
CA ARG A 17 -3.59 -6.46 2.01
C ARG A 17 -3.53 -7.27 0.73
N LEU A 18 -2.55 -7.02 -0.12
CA LEU A 18 -2.45 -7.76 -1.36
C LEU A 18 -1.35 -8.79 -1.25
N PHE A 19 -1.72 -10.05 -1.46
CA PHE A 19 -0.79 -11.15 -1.32
C PHE A 19 -0.17 -11.59 -2.65
N CYS A 20 1.16 -11.67 -2.65
CA CYS A 20 1.92 -12.09 -3.82
C CYS A 20 1.70 -13.56 -4.15
N THR A 21 1.87 -13.88 -5.44
CA THR A 21 1.71 -15.24 -5.92
C THR A 21 3.06 -15.93 -5.96
N ARG A 22 3.05 -17.26 -6.02
CA ARG A 22 4.27 -18.06 -6.05
C ARG A 22 5.41 -17.29 -6.70
N GLU A 23 5.07 -16.56 -7.75
CA GLU A 23 6.02 -15.73 -8.46
C GLU A 23 6.41 -14.55 -7.58
N SER A 24 7.30 -14.79 -6.63
CA SER A 24 7.75 -13.76 -5.71
C SER A 24 9.22 -13.43 -5.96
N ASP A 25 9.46 -12.55 -6.91
CA ASP A 25 10.82 -12.17 -7.28
C ASP A 25 11.25 -10.87 -6.59
N PRO A 26 12.30 -10.92 -5.74
CA PRO A 26 12.80 -9.74 -5.03
C PRO A 26 13.45 -8.70 -5.92
N VAL A 27 13.24 -7.47 -5.55
CA VAL A 27 13.77 -6.29 -6.22
C VAL A 27 13.79 -5.19 -5.18
N ARG A 28 14.59 -4.15 -5.37
CA ARG A 28 14.64 -3.13 -4.34
C ARG A 28 13.56 -2.10 -4.62
N GLY A 29 12.86 -1.73 -3.55
CA GLY A 29 11.77 -0.80 -3.62
C GLY A 29 11.41 -0.31 -2.25
N PRO A 30 10.64 0.77 -2.14
CA PRO A 30 10.26 1.32 -0.85
C PRO A 30 10.20 0.30 0.30
N ASP A 31 9.45 -0.79 0.11
CA ASP A 31 9.35 -1.81 1.16
C ASP A 31 10.61 -2.68 1.21
N GLY A 32 11.47 -2.54 0.20
CA GLY A 32 12.72 -3.29 0.13
C GLY A 32 12.58 -4.71 0.62
N ARG A 33 11.43 -5.29 0.35
CA ARG A 33 11.16 -6.67 0.74
C ARG A 33 10.51 -7.42 -0.41
N MET A 34 11.22 -7.46 -1.54
CA MET A 34 10.75 -8.11 -2.75
C MET A 34 9.92 -7.15 -3.58
N HIS A 35 10.49 -5.97 -3.84
CA HIS A 35 9.81 -4.97 -4.65
C HIS A 35 9.50 -5.52 -6.04
N GLY A 36 10.12 -6.66 -6.38
CA GLY A 36 9.86 -7.27 -7.66
C GLY A 36 8.55 -8.01 -7.59
N ASN A 37 8.10 -8.26 -6.36
CA ASN A 37 6.83 -8.89 -6.11
C ASN A 37 5.84 -7.78 -5.90
N LYS A 38 4.75 -7.82 -6.63
CA LYS A 38 3.76 -6.77 -6.54
C LYS A 38 3.22 -6.61 -5.11
N CYS A 39 3.25 -7.70 -4.34
CA CYS A 39 2.71 -7.65 -2.98
C CYS A 39 3.51 -6.76 -2.02
N ALA A 40 4.84 -6.91 -2.00
CA ALA A 40 5.69 -6.14 -1.11
C ALA A 40 5.77 -4.67 -1.48
N LEU A 41 5.98 -4.41 -2.76
CA LEU A 41 6.11 -3.05 -3.21
C LEU A 41 4.77 -2.35 -3.17
N CYS A 42 3.73 -3.06 -3.60
CA CYS A 42 2.39 -2.49 -3.58
C CYS A 42 1.95 -2.31 -2.13
N ALA A 43 2.34 -3.27 -1.27
CA ALA A 43 2.02 -3.20 0.14
C ALA A 43 2.62 -1.94 0.76
N GLU A 44 3.79 -1.54 0.27
CA GLU A 44 4.45 -0.35 0.76
C GLU A 44 3.60 0.87 0.43
N ILE A 45 2.97 0.80 -0.74
CA ILE A 45 2.11 1.88 -1.19
C ILE A 45 0.88 2.00 -0.31
N PHE A 46 0.34 0.87 0.11
CA PHE A 46 -0.83 0.85 0.97
C PHE A 46 -0.47 1.44 2.32
N LYS A 47 0.67 1.04 2.85
CA LYS A 47 1.12 1.55 4.14
C LYS A 47 1.25 3.06 4.10
N ARG A 48 1.95 3.56 3.08
CA ARG A 48 2.15 5.00 2.92
C ARG A 48 0.87 5.72 2.51
N ARG A 49 0.20 5.18 1.48
CA ARG A 49 -1.04 5.78 0.97
C ARG A 49 -2.18 5.69 1.96
N PHE A 50 -2.40 4.50 2.50
CA PHE A 50 -3.47 4.27 3.44
C PHE A 50 -3.22 4.98 4.76
N SER A 51 -1.99 4.93 5.24
CA SER A 51 -1.66 5.61 6.50
C SER A 51 -1.74 7.12 6.33
N GLU A 52 -1.19 7.61 5.23
CA GLU A 52 -1.20 9.03 4.93
C GLU A 52 -2.61 9.50 4.59
N GLU A 53 -3.27 8.75 3.70
CA GLU A 53 -4.63 9.09 3.28
C GLU A 53 -5.63 8.85 4.40
N ASN A 54 -5.51 7.71 5.07
CA ASN A 54 -6.43 7.38 6.17
C ASN A 54 -6.10 8.17 7.43
N SER A 55 -4.85 8.60 7.56
CA SER A 55 -4.42 9.36 8.73
C SER A 55 -3.63 10.60 8.32
N LYS A 56 -4.01 11.76 8.86
CA LYS A 56 -3.35 13.04 8.55
C LYS A 56 -3.91 13.61 7.26
N THR A 57 -5.23 13.55 7.13
CA THR A 57 -5.94 14.05 5.97
C THR A 57 -7.41 14.21 6.32
N ASP A 58 -8.29 13.90 5.38
CA ASP A 58 -9.73 13.99 5.60
C ASP A 58 -10.09 13.49 7.01
N GLN A 59 -9.30 12.54 7.51
CA GLN A 59 -9.51 11.98 8.83
C GLN A 59 -8.26 11.28 9.34
N ASN A 60 -8.08 11.29 10.66
CA ASN A 60 -6.91 10.68 11.29
C ASN A 60 -7.14 9.19 11.51
N LEU A 61 -8.16 8.85 12.29
CA LEU A 61 -8.47 7.46 12.57
C LEU A 61 -9.91 7.32 13.08
N GLY A 62 -10.79 8.17 12.57
CA GLY A 62 -12.19 8.12 12.99
C GLY A 62 -12.46 8.98 14.20
N LYS A 63 -11.65 10.02 14.38
CA LYS A 63 -11.80 10.93 15.52
C LYS A 63 -11.93 12.36 15.05
N ALA A 64 -11.16 12.74 14.04
CA ALA A 64 -11.22 14.10 13.51
C ALA A 64 -12.60 14.42 12.96
N GLU A 65 -13.53 13.51 13.22
CA GLU A 65 -14.91 13.67 12.81
C GLU A 65 -15.73 14.10 14.03
N GLU A 66 -15.35 13.57 15.20
CA GLU A 66 -16.02 13.92 16.45
C GLU A 66 -15.19 13.53 17.66
N LYS A 67 -13.91 13.81 17.56
CA LYS A 67 -12.96 13.54 18.62
C LYS A 67 -11.78 14.49 18.46
N THR A 68 -11.28 14.55 17.23
CA THR A 68 -10.18 15.46 16.90
C THR A 68 -10.74 16.72 16.22
N LYS A 69 -12.06 16.78 16.04
CA LYS A 69 -12.68 17.93 15.40
C LYS A 69 -12.19 18.09 13.96
N ALA A 1 5.16 -0.09 -15.04
CA ALA A 1 4.08 0.47 -14.20
C ALA A 1 3.58 -0.55 -13.18
N GLU A 2 4.34 -0.72 -12.11
CA GLU A 2 3.98 -1.68 -11.06
C GLU A 2 2.62 -1.36 -10.48
N LYS A 3 2.27 -0.07 -10.43
CA LYS A 3 0.98 0.35 -9.90
C LYS A 3 -0.16 -0.36 -10.63
N ASP A 4 0.01 -0.53 -11.94
CA ASP A 4 -1.00 -1.20 -12.75
C ASP A 4 -0.96 -2.70 -12.53
N PHE A 5 0.24 -3.22 -12.25
CA PHE A 5 0.42 -4.64 -11.99
C PHE A 5 -0.17 -4.95 -10.64
N CYS A 6 -0.01 -4.00 -9.74
CA CYS A 6 -0.54 -4.12 -8.42
C CYS A 6 -2.00 -3.69 -8.42
N LYS A 7 -2.40 -2.99 -9.50
CA LYS A 7 -3.78 -2.60 -9.67
C LYS A 7 -4.62 -3.85 -9.90
N GLU A 8 -4.12 -4.71 -10.78
CA GLU A 8 -4.80 -5.97 -11.07
C GLU A 8 -4.63 -6.93 -9.91
N TYR A 9 -3.54 -6.74 -9.18
CA TYR A 9 -3.28 -7.55 -8.01
C TYR A 9 -4.24 -7.14 -6.90
N GLU A 10 -4.75 -5.91 -6.99
CA GLU A 10 -5.68 -5.40 -6.02
C GLU A 10 -6.96 -6.20 -6.08
N LYS A 11 -7.31 -6.61 -7.28
CA LYS A 11 -8.52 -7.39 -7.49
C LYS A 11 -8.43 -8.72 -6.74
N GLN A 12 -7.20 -9.13 -6.42
CA GLN A 12 -6.97 -10.37 -5.68
C GLN A 12 -6.73 -10.07 -4.20
N VAL A 13 -6.69 -8.76 -3.87
CA VAL A 13 -6.47 -8.29 -2.51
C VAL A 13 -7.05 -9.22 -1.46
N ARG A 14 -6.18 -9.77 -0.62
CA ARG A 14 -6.62 -10.66 0.44
C ARG A 14 -6.50 -9.98 1.80
N ASN A 15 -7.61 -9.97 2.55
CA ASN A 15 -7.64 -9.35 3.87
C ASN A 15 -7.38 -7.84 3.77
N GLY A 16 -7.89 -7.22 2.73
CA GLY A 16 -7.70 -5.78 2.54
C GLY A 16 -6.32 -5.43 2.00
N ARG A 17 -5.49 -6.44 1.81
CA ARG A 17 -4.14 -6.26 1.29
C ARG A 17 -3.96 -7.08 0.02
N LEU A 18 -2.95 -6.79 -0.77
CA LEU A 18 -2.73 -7.54 -1.99
C LEU A 18 -1.58 -8.52 -1.79
N PHE A 19 -1.89 -9.80 -2.00
CA PHE A 19 -0.90 -10.85 -1.79
C PHE A 19 -0.22 -11.28 -3.08
N CYS A 20 1.11 -11.29 -3.03
CA CYS A 20 1.93 -11.67 -4.17
C CYS A 20 1.71 -13.14 -4.56
N THR A 21 1.94 -13.43 -5.84
CA THR A 21 1.79 -14.77 -6.37
C THR A 21 3.12 -15.47 -6.36
N ARG A 22 3.09 -16.80 -6.47
CA ARG A 22 4.31 -17.62 -6.47
C ARG A 22 5.47 -16.85 -7.08
N GLU A 23 5.16 -16.11 -8.13
CA GLU A 23 6.13 -15.29 -8.81
C GLU A 23 6.50 -14.10 -7.92
N SER A 24 7.46 -14.30 -7.03
CA SER A 24 7.90 -13.26 -6.12
C SER A 24 9.35 -12.88 -6.40
N ASP A 25 9.53 -11.94 -7.31
CA ASP A 25 10.86 -11.51 -7.70
C ASP A 25 11.31 -10.25 -6.96
N PRO A 26 12.39 -10.34 -6.16
CA PRO A 26 12.90 -9.19 -5.40
C PRO A 26 13.47 -8.08 -6.26
N VAL A 27 13.24 -6.87 -5.79
CA VAL A 27 13.70 -5.65 -6.42
C VAL A 27 13.72 -4.60 -5.33
N ARG A 28 14.47 -3.52 -5.48
CA ARG A 28 14.51 -2.55 -4.41
C ARG A 28 13.39 -1.55 -4.60
N GLY A 29 12.72 -1.25 -3.49
CA GLY A 29 11.59 -0.36 -3.49
C GLY A 29 11.26 0.05 -2.09
N PRO A 30 10.46 1.10 -1.89
CA PRO A 30 10.11 1.57 -0.55
C PRO A 30 10.08 0.48 0.51
N ASP A 31 9.34 -0.60 0.27
CA ASP A 31 9.27 -1.69 1.25
C ASP A 31 10.52 -2.56 1.21
N GLY A 32 11.37 -2.34 0.19
CA GLY A 32 12.62 -3.08 0.04
C GLY A 32 12.50 -4.53 0.45
N ARG A 33 11.36 -5.11 0.15
CA ARG A 33 11.12 -6.51 0.48
C ARG A 33 10.49 -7.22 -0.69
N MET A 34 11.17 -7.14 -1.84
CA MET A 34 10.71 -7.75 -3.08
C MET A 34 9.85 -6.75 -3.85
N HIS A 35 10.42 -5.56 -4.07
CA HIS A 35 9.72 -4.53 -4.80
C HIS A 35 9.38 -5.00 -6.22
N GLY A 36 10.00 -6.12 -6.63
CA GLY A 36 9.71 -6.68 -7.92
C GLY A 36 8.41 -7.44 -7.87
N ASN A 37 7.97 -7.71 -6.64
CA ASN A 37 6.71 -8.36 -6.41
C ASN A 37 5.70 -7.27 -6.17
N LYS A 38 4.62 -7.31 -6.90
CA LYS A 38 3.61 -6.27 -6.78
C LYS A 38 3.07 -6.16 -5.36
N CYS A 39 3.11 -7.25 -4.61
CA CYS A 39 2.59 -7.25 -3.24
C CYS A 39 3.39 -6.39 -2.26
N ALA A 40 4.71 -6.55 -2.24
CA ALA A 40 5.56 -5.82 -1.31
C ALA A 40 5.67 -4.34 -1.64
N LEU A 41 5.90 -4.04 -2.90
CA LEU A 41 6.05 -2.67 -3.31
C LEU A 41 4.72 -1.95 -3.25
N CYS A 42 3.67 -2.62 -3.70
CA CYS A 42 2.35 -2.02 -3.66
C CYS A 42 1.89 -1.91 -2.21
N ALA A 43 2.24 -2.90 -1.39
CA ALA A 43 1.88 -2.89 0.01
C ALA A 43 2.50 -1.69 0.71
N GLU A 44 3.70 -1.30 0.28
CA GLU A 44 4.38 -0.15 0.86
C GLU A 44 3.64 1.12 0.52
N ILE A 45 3.13 1.17 -0.71
CA ILE A 45 2.39 2.33 -1.17
C ILE A 45 1.12 2.53 -0.36
N PHE A 46 0.36 1.45 -0.20
CA PHE A 46 -0.88 1.48 0.55
C PHE A 46 -0.61 1.76 2.02
N LYS A 47 0.48 1.20 2.56
CA LYS A 47 0.81 1.43 3.96
C LYS A 47 1.06 2.91 4.21
N ARG A 48 1.91 3.51 3.38
CA ARG A 48 2.22 4.93 3.49
C ARG A 48 1.04 5.79 3.04
N ARG A 49 0.40 5.36 1.95
CA ARG A 49 -0.73 6.10 1.39
C ARG A 49 -1.92 6.05 2.31
N PHE A 50 -2.25 4.85 2.76
CA PHE A 50 -3.36 4.64 3.65
C PHE A 50 -3.08 5.25 5.02
N SER A 51 -1.85 5.11 5.49
CA SER A 51 -1.48 5.66 6.78
C SER A 51 -1.46 7.18 6.71
N GLU A 52 -0.87 7.71 5.64
CA GLU A 52 -0.81 9.15 5.43
C GLU A 52 -2.20 9.73 5.13
N GLU A 53 -2.91 9.08 4.21
CA GLU A 53 -4.24 9.53 3.82
C GLU A 53 -5.24 9.29 4.94
N ASN A 54 -5.20 8.10 5.53
CA ASN A 54 -6.11 7.78 6.62
C ASN A 54 -5.77 8.56 7.88
N SER A 55 -4.50 8.96 7.98
CA SER A 55 -4.04 9.72 9.15
C SER A 55 -2.91 10.67 8.77
N LYS A 56 -3.02 11.92 9.23
CA LYS A 56 -2.02 12.95 8.95
C LYS A 56 -2.19 13.54 7.55
N THR A 57 -3.39 13.37 6.99
CA THR A 57 -3.69 13.89 5.65
C THR A 57 -5.18 13.72 5.31
N ASP A 58 -5.99 13.67 6.35
CA ASP A 58 -7.44 13.51 6.20
C ASP A 58 -8.07 13.34 7.58
N GLN A 59 -7.40 12.55 8.41
CA GLN A 59 -7.85 12.30 9.77
C GLN A 59 -6.83 12.85 10.76
N ASN A 60 -6.07 13.84 10.31
CA ASN A 60 -5.05 14.47 11.15
C ASN A 60 -4.23 15.48 10.35
N LEU A 61 -4.93 16.28 9.54
CA LEU A 61 -4.27 17.29 8.72
C LEU A 61 -5.18 18.48 8.47
N GLY A 62 -5.18 19.43 9.41
CA GLY A 62 -6.03 20.60 9.28
C GLY A 62 -7.48 20.26 9.07
N LYS A 63 -7.90 19.11 9.61
CA LYS A 63 -9.29 18.67 9.49
C LYS A 63 -9.42 17.21 9.92
N ALA A 64 -8.85 16.88 11.07
CA ALA A 64 -8.93 15.52 11.58
C ALA A 64 -10.35 15.19 11.97
N GLU A 65 -11.19 14.99 10.96
CA GLU A 65 -12.60 14.73 11.20
C GLU A 65 -13.16 16.01 11.77
N GLU A 66 -12.47 17.11 11.43
CA GLU A 66 -12.82 18.42 11.91
C GLU A 66 -12.12 18.70 13.23
N LYS A 67 -10.91 18.15 13.38
CA LYS A 67 -10.15 18.37 14.61
C LYS A 67 -9.30 19.63 14.49
N THR A 68 -8.29 19.56 13.64
CA THR A 68 -7.43 20.71 13.41
C THR A 68 -8.18 21.78 12.63
N LYS A 69 -9.30 21.37 12.00
CA LYS A 69 -10.12 22.30 11.23
C LYS A 69 -9.32 22.91 10.08
N ALA A 1 3.05 -0.46 -16.03
CA ALA A 1 3.83 -0.01 -14.85
C ALA A 1 3.44 -0.79 -13.60
N GLU A 2 4.16 -0.54 -12.51
CA GLU A 2 3.89 -1.21 -11.24
C GLU A 2 2.54 -0.78 -10.67
N LYS A 3 2.18 0.47 -10.91
CA LYS A 3 0.91 1.00 -10.41
C LYS A 3 -0.26 0.14 -10.88
N ASP A 4 -0.23 -0.22 -12.16
CA ASP A 4 -1.27 -1.04 -12.74
C ASP A 4 -1.10 -2.50 -12.32
N PHE A 5 0.14 -2.88 -12.04
CA PHE A 5 0.44 -4.23 -11.60
C PHE A 5 -0.08 -4.41 -10.20
N CYS A 6 0.05 -3.34 -9.42
CA CYS A 6 -0.41 -3.34 -8.07
C CYS A 6 -1.90 -3.00 -8.04
N LYS A 7 -2.40 -2.44 -9.16
CA LYS A 7 -3.82 -2.14 -9.29
C LYS A 7 -4.58 -3.46 -9.36
N GLU A 8 -4.07 -4.36 -10.20
CA GLU A 8 -4.68 -5.67 -10.37
C GLU A 8 -4.38 -6.55 -9.17
N TYR A 9 -3.30 -6.23 -8.49
CA TYR A 9 -2.92 -6.96 -7.29
C TYR A 9 -3.91 -6.61 -6.18
N GLU A 10 -4.51 -5.43 -6.29
CA GLU A 10 -5.49 -4.99 -5.33
C GLU A 10 -6.71 -5.87 -5.41
N LYS A 11 -7.05 -6.26 -6.64
CA LYS A 11 -8.19 -7.12 -6.90
C LYS A 11 -7.99 -8.50 -6.26
N GLN A 12 -6.73 -8.87 -6.03
CA GLN A 12 -6.42 -10.16 -5.43
C GLN A 12 -6.33 -10.05 -3.90
N VAL A 13 -6.47 -8.82 -3.40
CA VAL A 13 -6.41 -8.56 -1.96
C VAL A 13 -7.06 -9.66 -1.14
N ARG A 14 -6.26 -10.34 -0.32
CA ARG A 14 -6.77 -11.42 0.51
C ARG A 14 -6.72 -11.03 1.99
N ASN A 15 -7.85 -11.14 2.68
CA ASN A 15 -7.93 -10.81 4.10
C ASN A 15 -7.65 -9.33 4.34
N GLY A 16 -8.14 -8.48 3.44
CA GLY A 16 -7.94 -7.04 3.59
C GLY A 16 -6.56 -6.59 3.12
N ARG A 17 -5.71 -7.54 2.76
CA ARG A 17 -4.37 -7.24 2.29
C ARG A 17 -4.19 -7.84 0.90
N LEU A 18 -3.19 -7.38 0.16
CA LEU A 18 -2.98 -7.92 -1.18
C LEU A 18 -1.79 -8.87 -1.20
N PHE A 19 -2.05 -10.10 -1.62
CA PHE A 19 -0.99 -11.11 -1.65
C PHE A 19 -0.38 -11.26 -3.03
N CYS A 20 0.95 -11.17 -3.07
CA CYS A 20 1.72 -11.29 -4.30
C CYS A 20 1.22 -12.41 -5.20
N THR A 21 1.44 -12.24 -6.51
CA THR A 21 1.03 -13.22 -7.50
C THR A 21 2.25 -13.97 -8.00
N ARG A 22 2.02 -15.13 -8.60
CA ARG A 22 3.10 -15.95 -9.13
C ARG A 22 4.16 -15.08 -9.82
N GLU A 23 3.70 -14.00 -10.41
CA GLU A 23 4.58 -13.07 -11.10
C GLU A 23 5.15 -12.05 -10.11
N SER A 24 6.38 -12.30 -9.66
CA SER A 24 7.02 -11.42 -8.69
C SER A 24 8.48 -11.13 -9.08
N ASP A 25 8.67 -10.07 -9.85
CA ASP A 25 10.01 -9.68 -10.29
C ASP A 25 10.59 -8.60 -9.37
N PRO A 26 11.73 -8.89 -8.70
CA PRO A 26 12.36 -7.96 -7.75
C PRO A 26 12.78 -6.62 -8.35
N VAL A 27 12.68 -5.60 -7.51
CA VAL A 27 13.02 -4.23 -7.84
C VAL A 27 13.22 -3.49 -6.53
N ARG A 28 13.96 -2.39 -6.53
CA ARG A 28 14.19 -1.68 -5.28
C ARG A 28 13.09 -0.67 -5.03
N GLY A 29 12.64 -0.63 -3.79
CA GLY A 29 11.57 0.25 -3.39
C GLY A 29 11.58 0.42 -1.89
N PRO A 30 10.92 1.45 -1.35
CA PRO A 30 10.89 1.70 0.07
C PRO A 30 10.89 0.43 0.93
N ASP A 31 9.89 -0.43 0.74
CA ASP A 31 9.80 -1.68 1.49
C ASP A 31 10.52 -2.79 0.75
N GLY A 32 10.92 -2.51 -0.48
CA GLY A 32 11.57 -3.48 -1.30
C GLY A 32 10.72 -3.84 -2.48
N ARG A 33 10.45 -2.85 -3.33
CA ARG A 33 9.60 -3.00 -4.51
C ARG A 33 9.08 -4.42 -4.64
N MET A 34 9.85 -5.23 -5.28
CA MET A 34 9.52 -6.62 -5.46
C MET A 34 10.56 -7.50 -4.77
N HIS A 35 11.27 -6.90 -3.81
CA HIS A 35 12.29 -7.57 -3.03
C HIS A 35 11.85 -9.00 -2.70
N GLY A 36 10.86 -9.11 -1.81
CA GLY A 36 10.33 -10.41 -1.46
C GLY A 36 9.23 -10.82 -2.41
N ASN A 37 8.72 -9.83 -3.15
CA ASN A 37 7.64 -10.02 -4.13
C ASN A 37 6.98 -8.68 -4.43
N LYS A 38 6.24 -8.61 -5.54
CA LYS A 38 5.57 -7.36 -5.91
C LYS A 38 4.61 -6.90 -4.82
N CYS A 39 4.11 -7.84 -4.04
CA CYS A 39 3.18 -7.54 -2.95
C CYS A 39 3.76 -6.51 -1.98
N ALA A 40 5.07 -6.60 -1.74
CA ALA A 40 5.72 -5.68 -0.82
C ALA A 40 5.66 -4.26 -1.34
N LEU A 41 5.74 -4.12 -2.65
CA LEU A 41 5.68 -2.81 -3.26
C LEU A 41 4.27 -2.27 -3.18
N CYS A 42 3.32 -3.10 -3.57
CA CYS A 42 1.93 -2.71 -3.53
C CYS A 42 1.51 -2.50 -2.07
N ALA A 43 2.00 -3.37 -1.21
CA ALA A 43 1.72 -3.27 0.22
C ALA A 43 2.40 -2.04 0.79
N GLU A 44 3.58 -1.72 0.25
CA GLU A 44 4.34 -0.58 0.69
C GLU A 44 3.65 0.72 0.28
N ILE A 45 3.08 0.71 -0.93
CA ILE A 45 2.41 1.89 -1.42
C ILE A 45 1.12 2.15 -0.65
N PHE A 46 0.31 1.11 -0.42
CA PHE A 46 -0.92 1.28 0.32
C PHE A 46 -0.62 1.53 1.79
N LYS A 47 0.41 0.87 2.31
CA LYS A 47 0.76 1.08 3.71
C LYS A 47 1.08 2.55 3.95
N ARG A 48 1.95 3.10 3.11
CA ARG A 48 2.34 4.50 3.19
C ARG A 48 1.20 5.43 2.75
N ARG A 49 0.60 5.12 1.60
CA ARG A 49 -0.48 5.93 1.04
C ARG A 49 -1.74 5.89 1.88
N PHE A 50 -2.17 4.69 2.23
CA PHE A 50 -3.37 4.51 3.02
C PHE A 50 -3.17 5.01 4.44
N SER A 51 -2.00 4.81 5.00
CA SER A 51 -1.74 5.27 6.36
C SER A 51 -1.69 6.80 6.38
N GLU A 52 -1.00 7.37 5.39
CA GLU A 52 -0.89 8.82 5.29
C GLU A 52 -2.23 9.44 4.88
N GLU A 53 -2.85 8.88 3.83
CA GLU A 53 -4.12 9.38 3.34
C GLU A 53 -5.28 9.08 4.29
N ASN A 54 -5.33 7.85 4.78
CA ASN A 54 -6.39 7.44 5.69
C ASN A 54 -6.16 7.99 7.09
N SER A 55 -4.89 8.05 7.49
CA SER A 55 -4.53 8.56 8.81
C SER A 55 -3.59 9.75 8.69
N LYS A 56 -3.75 10.73 9.59
CA LYS A 56 -2.91 11.92 9.57
C LYS A 56 -3.28 12.81 8.39
N THR A 57 -4.57 12.83 8.05
CA THR A 57 -5.07 13.64 6.95
C THR A 57 -6.39 14.24 7.32
N ASP A 58 -7.44 13.65 6.82
CA ASP A 58 -8.79 14.11 7.11
C ASP A 58 -9.15 13.80 8.57
N GLN A 59 -8.32 14.27 9.48
CA GLN A 59 -8.51 14.04 10.91
C GLN A 59 -8.64 12.57 11.21
N ASN A 60 -7.51 11.86 11.15
CA ASN A 60 -7.48 10.44 11.42
C ASN A 60 -6.16 10.02 12.05
N LEU A 61 -6.08 10.13 13.36
CA LEU A 61 -4.87 9.77 14.09
C LEU A 61 -5.18 8.80 15.23
N GLY A 62 -6.24 9.09 15.97
CA GLY A 62 -6.63 8.24 17.08
C GLY A 62 -8.11 8.35 17.41
N LYS A 63 -8.91 8.67 16.40
CA LYS A 63 -10.35 8.81 16.59
C LYS A 63 -11.11 8.09 15.50
N ALA A 64 -10.74 8.32 14.24
CA ALA A 64 -11.40 7.66 13.13
C ALA A 64 -11.24 6.14 13.22
N GLU A 65 -10.65 5.71 14.32
CA GLU A 65 -10.46 4.30 14.60
C GLU A 65 -11.55 3.84 15.56
N GLU A 66 -11.95 4.74 16.46
CA GLU A 66 -13.01 4.43 17.41
C GLU A 66 -13.59 5.70 18.03
N LYS A 67 -13.89 6.64 17.15
CA LYS A 67 -14.46 7.92 17.54
C LYS A 67 -15.05 8.56 16.29
N THR A 68 -14.24 8.56 15.23
CA THR A 68 -14.67 9.09 13.95
C THR A 68 -14.94 7.94 12.97
N LYS A 69 -14.79 6.70 13.45
CA LYS A 69 -15.02 5.53 12.60
C LYS A 69 -16.51 5.33 12.33
#